data_1VDN
# 
_entry.id   1VDN 
# 
_audit_conform.dict_name       mmcif_pdbx.dic 
_audit_conform.dict_version    5.399 
_audit_conform.dict_location   http://mmcif.pdb.org/dictionaries/ascii/mmcif_pdbx.dic 
# 
loop_
_database_2.database_id 
_database_2.database_code 
_database_2.pdbx_database_accession 
_database_2.pdbx_DOI 
PDB   1VDN         pdb_00001vdn 10.2210/pdb1vdn/pdb 
RCSB  RCSB006498   ?            ?                   
WWPDB D_1000006498 ?            ?                   
# 
loop_
_pdbx_audit_revision_history.ordinal 
_pdbx_audit_revision_history.data_content_type 
_pdbx_audit_revision_history.major_revision 
_pdbx_audit_revision_history.minor_revision 
_pdbx_audit_revision_history.revision_date 
1 'Structure model' 1 0 2005-06-28 
2 'Structure model' 1 1 2008-04-27 
3 'Structure model' 1 2 2011-07-13 
4 'Structure model' 1 3 2012-12-12 
5 'Structure model' 1 4 2023-10-25 
6 'Structure model' 1 5 2024-11-20 
# 
_pdbx_audit_revision_details.ordinal             1 
_pdbx_audit_revision_details.revision_ordinal    1 
_pdbx_audit_revision_details.data_content_type   'Structure model' 
_pdbx_audit_revision_details.provider            repository 
_pdbx_audit_revision_details.type                'Initial release' 
_pdbx_audit_revision_details.description         ? 
_pdbx_audit_revision_details.details             ? 
# 
loop_
_pdbx_audit_revision_group.ordinal 
_pdbx_audit_revision_group.revision_ordinal 
_pdbx_audit_revision_group.data_content_type 
_pdbx_audit_revision_group.group 
1  2 'Structure model' 'Version format compliance' 
2  3 'Structure model' 'Atomic model'              
3  3 'Structure model' 'Database references'       
4  3 'Structure model' 'Derived calculations'      
5  3 'Structure model' 'Non-polymer description'   
6  3 'Structure model' 'Structure summary'         
7  3 'Structure model' 'Version format compliance' 
8  4 'Structure model' Other                       
9  5 'Structure model' 'Data collection'           
10 5 'Structure model' 'Database references'       
11 5 'Structure model' 'Derived calculations'      
12 5 'Structure model' 'Refinement description'    
13 6 'Structure model' 'Derived calculations'      
14 6 'Structure model' 'Structure summary'         
# 
loop_
_pdbx_audit_revision_category.ordinal 
_pdbx_audit_revision_category.revision_ordinal 
_pdbx_audit_revision_category.data_content_type 
_pdbx_audit_revision_category.category 
1 5 'Structure model' chem_comp_atom                
2 5 'Structure model' chem_comp_bond                
3 5 'Structure model' database_2                    
4 5 'Structure model' pdbx_initial_refinement_model 
5 5 'Structure model' struct_conn                   
6 6 'Structure model' pdbx_entry_details            
7 6 'Structure model' pdbx_modification_feature     
8 6 'Structure model' struct_conn                   
# 
loop_
_pdbx_audit_revision_item.ordinal 
_pdbx_audit_revision_item.revision_ordinal 
_pdbx_audit_revision_item.data_content_type 
_pdbx_audit_revision_item.item 
1 5 'Structure model' '_database_2.pdbx_DOI'                
2 5 'Structure model' '_database_2.pdbx_database_accession' 
3 5 'Structure model' '_struct_conn.pdbx_leaving_atom_flag' 
4 6 'Structure model' '_struct_conn.pdbx_leaving_atom_flag' 
# 
_pdbx_database_status.status_code                     REL 
_pdbx_database_status.entry_id                        1VDN 
_pdbx_database_status.recvd_initial_deposition_date   2004-03-24 
_pdbx_database_status.deposit_site                    PDBJ 
_pdbx_database_status.process_site                    PDBJ 
_pdbx_database_status.status_code_sf                  REL 
_pdbx_database_status.status_code_mr                  ? 
_pdbx_database_status.SG_entry                        ? 
_pdbx_database_status.status_code_cs                  ? 
_pdbx_database_status.pdb_format_compatible           Y 
_pdbx_database_status.status_code_nmr_data            ? 
_pdbx_database_status.methods_development_category    ? 
# 
_pdbx_database_related.db_name        PDB 
_pdbx_database_related.db_id          1IST 
_pdbx_database_related.details        'Free yeast cyclophilin A' 
_pdbx_database_related.content_type   unspecified 
# 
loop_
_audit_author.name 
_audit_author.pdbx_ordinal 
'Konno, M.'     1 
'Shibano, T.'   2 
'Okudaira, K.'  3 
'Takahashi, N.' 4 
# 
_citation.id                        primary 
_citation.title                     
'Crystal Structure Of Yeast Cyclophilin A Complexed With ACE-Ala-Ala-Pro-Ala-7-Amino-4-Methylcoumarin' 
_citation.journal_abbrev            'to be published' 
_citation.journal_volume            ? 
_citation.page_first                ? 
_citation.page_last                 ? 
_citation.year                      ? 
_citation.journal_id_ASTM           ? 
_citation.country                   ? 
_citation.journal_id_ISSN           ? 
_citation.journal_id_CSD            0353 
_citation.book_publisher            ? 
_citation.pdbx_database_id_PubMed   ? 
_citation.pdbx_database_id_DOI      ? 
# 
loop_
_citation_author.citation_id 
_citation_author.name 
_citation_author.ordinal 
_citation_author.identifier_ORCID 
primary 'Konno, M.'     1 ? 
primary 'Shibano, T.'   2 ? 
primary 'Okudaira, K.'  3 ? 
primary 'Takahashi, N.' 4 ? 
# 
loop_
_entity.id 
_entity.type 
_entity.src_method 
_entity.pdbx_description 
_entity.formula_weight 
_entity.pdbx_number_of_molecules 
_entity.pdbx_ec 
_entity.pdbx_mutation 
_entity.pdbx_fragment 
_entity.details 
1 polymer man 'Cyclophilin A'  17411.670 1   5.2.1.8 ? ? ? 
2 polymer syn '(ACE)AAPA(MCM)' 511.570   1   ?       ? ? ? 
3 water   nat water            18.015    188 ?       ? ? ? 
# 
_entity_name_com.entity_id   1 
_entity_name_com.name        'Peptidyl-prolyl cis-trans isomerase' 
# 
loop_
_entity_poly.entity_id 
_entity_poly.type 
_entity_poly.nstd_linkage 
_entity_poly.nstd_monomer 
_entity_poly.pdbx_seq_one_letter_code 
_entity_poly.pdbx_seq_one_letter_code_can 
_entity_poly.pdbx_strand_id 
_entity_poly.pdbx_target_identifier 
1 'polypeptide(L)' no no  
;MSQVYFDVEADGQPIGRVVFKLYNDIVPKTAENFRALCTGEKGFGYAGSPFHRVIPDFMLQGGDFTAGNGTGGKSIYGGK
FPDENFKKHHDRPGLLSMANAGPNTNGSQFFITTVPCPWLDGKHVVFGEVVDGYDIVKKVESLGSPSGATKARIVVAKSG
EL
;
;MSQVYFDVEADGQPIGRVVFKLYNDIVPKTAENFRALCTGEKGFGYAGSPFHRVIPDFMLQGGDFTAGNGTGGKSIYGGK
FPDENFKKHHDRPGLLSMANAGPNTNGSQFFITTVPCPWLDGKHVVFGEVVDGYDIVKKVESLGSPSGATKARIVVAKSG
EL
;
A ? 
2 'polypeptide(L)' no yes '(ACE)AAPA(MCM)' XAAPAX B ? 
# 
_pdbx_entity_nonpoly.entity_id   3 
_pdbx_entity_nonpoly.name        water 
_pdbx_entity_nonpoly.comp_id     HOH 
# 
loop_
_entity_poly_seq.entity_id 
_entity_poly_seq.num 
_entity_poly_seq.mon_id 
_entity_poly_seq.hetero 
1 1   MET n 
1 2   SER n 
1 3   GLN n 
1 4   VAL n 
1 5   TYR n 
1 6   PHE n 
1 7   ASP n 
1 8   VAL n 
1 9   GLU n 
1 10  ALA n 
1 11  ASP n 
1 12  GLY n 
1 13  GLN n 
1 14  PRO n 
1 15  ILE n 
1 16  GLY n 
1 17  ARG n 
1 18  VAL n 
1 19  VAL n 
1 20  PHE n 
1 21  LYS n 
1 22  LEU n 
1 23  TYR n 
1 24  ASN n 
1 25  ASP n 
1 26  ILE n 
1 27  VAL n 
1 28  PRO n 
1 29  LYS n 
1 30  THR n 
1 31  ALA n 
1 32  GLU n 
1 33  ASN n 
1 34  PHE n 
1 35  ARG n 
1 36  ALA n 
1 37  LEU n 
1 38  CYS n 
1 39  THR n 
1 40  GLY n 
1 41  GLU n 
1 42  LYS n 
1 43  GLY n 
1 44  PHE n 
1 45  GLY n 
1 46  TYR n 
1 47  ALA n 
1 48  GLY n 
1 49  SER n 
1 50  PRO n 
1 51  PHE n 
1 52  HIS n 
1 53  ARG n 
1 54  VAL n 
1 55  ILE n 
1 56  PRO n 
1 57  ASP n 
1 58  PHE n 
1 59  MET n 
1 60  LEU n 
1 61  GLN n 
1 62  GLY n 
1 63  GLY n 
1 64  ASP n 
1 65  PHE n 
1 66  THR n 
1 67  ALA n 
1 68  GLY n 
1 69  ASN n 
1 70  GLY n 
1 71  THR n 
1 72  GLY n 
1 73  GLY n 
1 74  LYS n 
1 75  SER n 
1 76  ILE n 
1 77  TYR n 
1 78  GLY n 
1 79  GLY n 
1 80  LYS n 
1 81  PHE n 
1 82  PRO n 
1 83  ASP n 
1 84  GLU n 
1 85  ASN n 
1 86  PHE n 
1 87  LYS n 
1 88  LYS n 
1 89  HIS n 
1 90  HIS n 
1 91  ASP n 
1 92  ARG n 
1 93  PRO n 
1 94  GLY n 
1 95  LEU n 
1 96  LEU n 
1 97  SER n 
1 98  MET n 
1 99  ALA n 
1 100 ASN n 
1 101 ALA n 
1 102 GLY n 
1 103 PRO n 
1 104 ASN n 
1 105 THR n 
1 106 ASN n 
1 107 GLY n 
1 108 SER n 
1 109 GLN n 
1 110 PHE n 
1 111 PHE n 
1 112 ILE n 
1 113 THR n 
1 114 THR n 
1 115 VAL n 
1 116 PRO n 
1 117 CYS n 
1 118 PRO n 
1 119 TRP n 
1 120 LEU n 
1 121 ASP n 
1 122 GLY n 
1 123 LYS n 
1 124 HIS n 
1 125 VAL n 
1 126 VAL n 
1 127 PHE n 
1 128 GLY n 
1 129 GLU n 
1 130 VAL n 
1 131 VAL n 
1 132 ASP n 
1 133 GLY n 
1 134 TYR n 
1 135 ASP n 
1 136 ILE n 
1 137 VAL n 
1 138 LYS n 
1 139 LYS n 
1 140 VAL n 
1 141 GLU n 
1 142 SER n 
1 143 LEU n 
1 144 GLY n 
1 145 SER n 
1 146 PRO n 
1 147 SER n 
1 148 GLY n 
1 149 ALA n 
1 150 THR n 
1 151 LYS n 
1 152 ALA n 
1 153 ARG n 
1 154 ILE n 
1 155 VAL n 
1 156 VAL n 
1 157 ALA n 
1 158 LYS n 
1 159 SER n 
1 160 GLY n 
1 161 GLU n 
1 162 LEU n 
2 1   ACE n 
2 2   ALA n 
2 3   ALA n 
2 4   PRO n 
2 5   ALA n 
2 6   MCM n 
# 
_entity_src_gen.entity_id                          1 
_entity_src_gen.pdbx_src_id                        1 
_entity_src_gen.pdbx_alt_source_flag               sample 
_entity_src_gen.pdbx_seq_type                      ? 
_entity_src_gen.pdbx_beg_seq_num                   ? 
_entity_src_gen.pdbx_end_seq_num                   ? 
_entity_src_gen.gene_src_common_name               
;baker's yeast
;
_entity_src_gen.gene_src_genus                     Saccharomyces 
_entity_src_gen.pdbx_gene_src_gene                 ? 
_entity_src_gen.gene_src_species                   ? 
_entity_src_gen.gene_src_strain                    ? 
_entity_src_gen.gene_src_tissue                    ? 
_entity_src_gen.gene_src_tissue_fraction           ? 
_entity_src_gen.gene_src_details                   ? 
_entity_src_gen.pdbx_gene_src_fragment             ? 
_entity_src_gen.pdbx_gene_src_scientific_name      'Saccharomyces cerevisiae' 
_entity_src_gen.pdbx_gene_src_ncbi_taxonomy_id     4932 
_entity_src_gen.pdbx_gene_src_variant              ? 
_entity_src_gen.pdbx_gene_src_cell_line            ? 
_entity_src_gen.pdbx_gene_src_atcc                 ? 
_entity_src_gen.pdbx_gene_src_organ                ? 
_entity_src_gen.pdbx_gene_src_organelle            ? 
_entity_src_gen.pdbx_gene_src_cell                 ? 
_entity_src_gen.pdbx_gene_src_cellular_location    ? 
_entity_src_gen.host_org_common_name               ? 
_entity_src_gen.pdbx_host_org_scientific_name      'Escherichia coli BL21(DE3)' 
_entity_src_gen.pdbx_host_org_ncbi_taxonomy_id     469008 
_entity_src_gen.host_org_genus                     Escherichia 
_entity_src_gen.pdbx_host_org_gene                 ? 
_entity_src_gen.pdbx_host_org_organ                ? 
_entity_src_gen.host_org_species                   'Escherichia coli' 
_entity_src_gen.pdbx_host_org_tissue               ? 
_entity_src_gen.pdbx_host_org_tissue_fraction      ? 
_entity_src_gen.pdbx_host_org_strain               'BL21(DE3)' 
_entity_src_gen.pdbx_host_org_variant              ? 
_entity_src_gen.pdbx_host_org_cell_line            ? 
_entity_src_gen.pdbx_host_org_atcc                 ? 
_entity_src_gen.pdbx_host_org_culture_collection   ? 
_entity_src_gen.pdbx_host_org_cell                 ? 
_entity_src_gen.pdbx_host_org_organelle            ? 
_entity_src_gen.pdbx_host_org_cellular_location    ? 
_entity_src_gen.pdbx_host_org_vector_type          PLASMID 
_entity_src_gen.pdbx_host_org_vector               ? 
_entity_src_gen.host_org_details                   ? 
_entity_src_gen.expression_system_id               ? 
_entity_src_gen.plasmid_name                       PET-3a 
_entity_src_gen.plasmid_details                    ? 
_entity_src_gen.pdbx_description                   ? 
# 
_pdbx_entity_src_syn.entity_id              2 
_pdbx_entity_src_syn.pdbx_src_id            1 
_pdbx_entity_src_syn.pdbx_alt_source_flag   sample 
_pdbx_entity_src_syn.pdbx_beg_seq_num       ? 
_pdbx_entity_src_syn.pdbx_end_seq_num       ? 
_pdbx_entity_src_syn.organism_scientific    ? 
_pdbx_entity_src_syn.organism_common_name   ? 
_pdbx_entity_src_syn.ncbi_taxonomy_id       ? 
_pdbx_entity_src_syn.details                'chemically synthesized' 
# 
loop_
_chem_comp.id 
_chem_comp.type 
_chem_comp.mon_nstd_flag 
_chem_comp.name 
_chem_comp.pdbx_synonyms 
_chem_comp.formula 
_chem_comp.formula_weight 
ACE non-polymer         . 'ACETYL GROUP'                 ?                        'C2 H4 O'        44.053  
ALA 'L-peptide linking' y ALANINE                        ?                        'C3 H7 N O2'     89.093  
ARG 'L-peptide linking' y ARGININE                       ?                        'C6 H15 N4 O2 1' 175.209 
ASN 'L-peptide linking' y ASPARAGINE                     ?                        'C4 H8 N2 O3'    132.118 
ASP 'L-peptide linking' y 'ASPARTIC ACID'                ?                        'C4 H7 N O4'     133.103 
CYS 'L-peptide linking' y CYSTEINE                       ?                        'C3 H7 N O2 S'   121.158 
GLN 'L-peptide linking' y GLUTAMINE                      ?                        'C5 H10 N2 O3'   146.144 
GLU 'L-peptide linking' y 'GLUTAMIC ACID'                ?                        'C5 H9 N O4'     147.129 
GLY 'peptide linking'   y GLYCINE                        ?                        'C2 H5 N O2'     75.067  
HIS 'L-peptide linking' y HISTIDINE                      ?                        'C6 H10 N3 O2 1' 156.162 
HOH non-polymer         . WATER                          ?                        'H2 O'           18.015  
ILE 'L-peptide linking' y ISOLEUCINE                     ?                        'C6 H13 N O2'    131.173 
LEU 'L-peptide linking' y LEUCINE                        ?                        'C6 H13 N O2'    131.173 
LYS 'L-peptide linking' y LYSINE                         ?                        'C6 H15 N2 O2 1' 147.195 
MCM non-polymer         . 7-AMINO-4-METHYL-CHROMEN-2-ONE 7-AMINO-4-METHYLCOUMARIN 'C10 H9 N O2'    175.184 
MET 'L-peptide linking' y METHIONINE                     ?                        'C5 H11 N O2 S'  149.211 
PHE 'L-peptide linking' y PHENYLALANINE                  ?                        'C9 H11 N O2'    165.189 
PRO 'L-peptide linking' y PROLINE                        ?                        'C5 H9 N O2'     115.130 
SER 'L-peptide linking' y SERINE                         ?                        'C3 H7 N O3'     105.093 
THR 'L-peptide linking' y THREONINE                      ?                        'C4 H9 N O3'     119.119 
TRP 'L-peptide linking' y TRYPTOPHAN                     ?                        'C11 H12 N2 O2'  204.225 
TYR 'L-peptide linking' y TYROSINE                       ?                        'C9 H11 N O3'    181.189 
VAL 'L-peptide linking' y VALINE                         ?                        'C5 H11 N O2'    117.146 
# 
loop_
_pdbx_poly_seq_scheme.asym_id 
_pdbx_poly_seq_scheme.entity_id 
_pdbx_poly_seq_scheme.seq_id 
_pdbx_poly_seq_scheme.mon_id 
_pdbx_poly_seq_scheme.ndb_seq_num 
_pdbx_poly_seq_scheme.pdb_seq_num 
_pdbx_poly_seq_scheme.auth_seq_num 
_pdbx_poly_seq_scheme.pdb_mon_id 
_pdbx_poly_seq_scheme.auth_mon_id 
_pdbx_poly_seq_scheme.pdb_strand_id 
_pdbx_poly_seq_scheme.pdb_ins_code 
_pdbx_poly_seq_scheme.hetero 
A 1 1   MET 1   1   ?   ?   ?   A . n 
A 1 2   SER 2   2   2   SER SER A . n 
A 1 3   GLN 3   3   3   GLN GLN A . n 
A 1 4   VAL 4   4   4   VAL VAL A . n 
A 1 5   TYR 5   5   5   TYR TYR A . n 
A 1 6   PHE 6   6   6   PHE PHE A . n 
A 1 7   ASP 7   7   7   ASP ASP A . n 
A 1 8   VAL 8   8   8   VAL VAL A . n 
A 1 9   GLU 9   9   9   GLU GLU A . n 
A 1 10  ALA 10  10  10  ALA ALA A . n 
A 1 11  ASP 11  11  11  ASP ASP A . n 
A 1 12  GLY 12  12  12  GLY GLY A . n 
A 1 13  GLN 13  13  13  GLN GLN A . n 
A 1 14  PRO 14  14  14  PRO PRO A . n 
A 1 15  ILE 15  15  15  ILE ILE A . n 
A 1 16  GLY 16  16  16  GLY GLY A . n 
A 1 17  ARG 17  17  17  ARG ARG A . n 
A 1 18  VAL 18  18  18  VAL VAL A . n 
A 1 19  VAL 19  19  19  VAL VAL A . n 
A 1 20  PHE 20  20  20  PHE PHE A . n 
A 1 21  LYS 21  21  21  LYS LYS A . n 
A 1 22  LEU 22  22  22  LEU LEU A . n 
A 1 23  TYR 23  23  23  TYR TYR A . n 
A 1 24  ASN 24  24  24  ASN ASN A . n 
A 1 25  ASP 25  25  25  ASP ASP A . n 
A 1 26  ILE 26  26  26  ILE ILE A . n 
A 1 27  VAL 27  27  27  VAL VAL A . n 
A 1 28  PRO 28  28  28  PRO PRO A . n 
A 1 29  LYS 29  29  29  LYS LYS A . n 
A 1 30  THR 30  30  30  THR THR A . n 
A 1 31  ALA 31  31  31  ALA ALA A . n 
A 1 32  GLU 32  32  32  GLU GLU A . n 
A 1 33  ASN 33  33  33  ASN ASN A . n 
A 1 34  PHE 34  34  34  PHE PHE A . n 
A 1 35  ARG 35  35  35  ARG ARG A . n 
A 1 36  ALA 36  36  36  ALA ALA A . n 
A 1 37  LEU 37  37  37  LEU LEU A . n 
A 1 38  CYS 38  38  38  CYS CYS A . n 
A 1 39  THR 39  39  39  THR THR A . n 
A 1 40  GLY 40  40  40  GLY GLY A . n 
A 1 41  GLU 41  41  41  GLU GLU A . n 
A 1 42  LYS 42  42  42  LYS LYS A . n 
A 1 43  GLY 43  43  43  GLY GLY A . n 
A 1 44  PHE 44  44  44  PHE PHE A . n 
A 1 45  GLY 45  45  45  GLY GLY A . n 
A 1 46  TYR 46  46  46  TYR TYR A . n 
A 1 47  ALA 47  47  47  ALA ALA A . n 
A 1 48  GLY 48  48  48  GLY GLY A . n 
A 1 49  SER 49  49  49  SER SER A . n 
A 1 50  PRO 50  50  50  PRO PRO A . n 
A 1 51  PHE 51  51  51  PHE PHE A . n 
A 1 52  HIS 52  52  52  HIS HIS A . n 
A 1 53  ARG 53  53  53  ARG ARG A . n 
A 1 54  VAL 54  54  54  VAL VAL A . n 
A 1 55  ILE 55  55  55  ILE ILE A . n 
A 1 56  PRO 56  56  56  PRO PRO A . n 
A 1 57  ASP 57  57  57  ASP ASP A . n 
A 1 58  PHE 58  58  58  PHE PHE A . n 
A 1 59  MET 59  59  59  MET MET A . n 
A 1 60  LEU 60  60  60  LEU LEU A . n 
A 1 61  GLN 61  61  61  GLN GLN A . n 
A 1 62  GLY 62  62  62  GLY GLY A . n 
A 1 63  GLY 63  63  63  GLY GLY A . n 
A 1 64  ASP 64  64  64  ASP ASP A . n 
A 1 65  PHE 65  65  65  PHE PHE A . n 
A 1 66  THR 66  66  66  THR THR A . n 
A 1 67  ALA 67  67  67  ALA ALA A . n 
A 1 68  GLY 68  68  68  GLY GLY A . n 
A 1 69  ASN 69  69  69  ASN ASN A . n 
A 1 70  GLY 70  70  70  GLY GLY A . n 
A 1 71  THR 71  71  71  THR THR A . n 
A 1 72  GLY 72  72  72  GLY GLY A . n 
A 1 73  GLY 73  73  73  GLY GLY A . n 
A 1 74  LYS 74  74  74  LYS LYS A . n 
A 1 75  SER 75  75  75  SER SER A . n 
A 1 76  ILE 76  76  76  ILE ILE A . n 
A 1 77  TYR 77  77  77  TYR TYR A . n 
A 1 78  GLY 78  78  78  GLY GLY A . n 
A 1 79  GLY 79  79  79  GLY GLY A . n 
A 1 80  LYS 80  80  80  LYS LYS A . n 
A 1 81  PHE 81  81  81  PHE PHE A . n 
A 1 82  PRO 82  82  82  PRO PRO A . n 
A 1 83  ASP 83  83  83  ASP ASP A . n 
A 1 84  GLU 84  84  84  GLU GLU A . n 
A 1 85  ASN 85  85  85  ASN ASN A . n 
A 1 86  PHE 86  86  86  PHE PHE A . n 
A 1 87  LYS 87  87  87  LYS LYS A . n 
A 1 88  LYS 88  88  88  LYS LYS A . n 
A 1 89  HIS 89  89  89  HIS HIS A . n 
A 1 90  HIS 90  90  90  HIS HIS A . n 
A 1 91  ASP 91  91  91  ASP ASP A . n 
A 1 92  ARG 92  92  92  ARG ARG A . n 
A 1 93  PRO 93  93  93  PRO PRO A . n 
A 1 94  GLY 94  94  94  GLY GLY A . n 
A 1 95  LEU 95  95  95  LEU LEU A . n 
A 1 96  LEU 96  96  96  LEU LEU A . n 
A 1 97  SER 97  97  97  SER SER A . n 
A 1 98  MET 98  98  98  MET MET A . n 
A 1 99  ALA 99  99  99  ALA ALA A . n 
A 1 100 ASN 100 100 100 ASN ASN A . n 
A 1 101 ALA 101 101 101 ALA ALA A . n 
A 1 102 GLY 102 102 102 GLY GLY A . n 
A 1 103 PRO 103 103 103 PRO PRO A . n 
A 1 104 ASN 104 104 104 ASN ASN A . n 
A 1 105 THR 105 105 105 THR THR A . n 
A 1 106 ASN 106 106 106 ASN ASN A . n 
A 1 107 GLY 107 107 107 GLY GLY A . n 
A 1 108 SER 108 108 108 SER SER A . n 
A 1 109 GLN 109 109 109 GLN GLN A . n 
A 1 110 PHE 110 110 110 PHE PHE A . n 
A 1 111 PHE 111 111 111 PHE PHE A . n 
A 1 112 ILE 112 112 112 ILE ILE A . n 
A 1 113 THR 113 113 113 THR THR A . n 
A 1 114 THR 114 114 114 THR THR A . n 
A 1 115 VAL 115 115 115 VAL VAL A . n 
A 1 116 PRO 116 116 116 PRO PRO A . n 
A 1 117 CYS 117 117 117 CYS CYS A . n 
A 1 118 PRO 118 118 118 PRO PRO A . n 
A 1 119 TRP 119 119 119 TRP TRP A . n 
A 1 120 LEU 120 120 120 LEU LEU A . n 
A 1 121 ASP 121 121 121 ASP ASP A . n 
A 1 122 GLY 122 122 122 GLY GLY A . n 
A 1 123 LYS 123 123 123 LYS LYS A . n 
A 1 124 HIS 124 124 124 HIS HIS A . n 
A 1 125 VAL 125 125 125 VAL VAL A . n 
A 1 126 VAL 126 126 126 VAL VAL A . n 
A 1 127 PHE 127 127 127 PHE PHE A . n 
A 1 128 GLY 128 128 128 GLY GLY A . n 
A 1 129 GLU 129 129 129 GLU GLU A . n 
A 1 130 VAL 130 130 130 VAL VAL A . n 
A 1 131 VAL 131 131 131 VAL VAL A . n 
A 1 132 ASP 132 132 132 ASP ASP A . n 
A 1 133 GLY 133 133 133 GLY GLY A . n 
A 1 134 TYR 134 134 134 TYR TYR A . n 
A 1 135 ASP 135 135 135 ASP ASP A . n 
A 1 136 ILE 136 136 136 ILE ILE A . n 
A 1 137 VAL 137 137 137 VAL VAL A . n 
A 1 138 LYS 138 138 138 LYS LYS A . n 
A 1 139 LYS 139 139 139 LYS LYS A . n 
A 1 140 VAL 140 140 140 VAL VAL A . n 
A 1 141 GLU 141 141 141 GLU GLU A . n 
A 1 142 SER 142 142 142 SER SER A . n 
A 1 143 LEU 143 143 143 LEU LEU A . n 
A 1 144 GLY 144 144 144 GLY GLY A . n 
A 1 145 SER 145 145 145 SER SER A . n 
A 1 146 PRO 146 146 146 PRO PRO A . n 
A 1 147 SER 147 147 147 SER SER A . n 
A 1 148 GLY 148 148 148 GLY GLY A . n 
A 1 149 ALA 149 149 149 ALA ALA A . n 
A 1 150 THR 150 150 150 THR THR A . n 
A 1 151 LYS 151 151 151 LYS LYS A . n 
A 1 152 ALA 152 152 152 ALA ALA A . n 
A 1 153 ARG 153 153 153 ARG ARG A . n 
A 1 154 ILE 154 154 154 ILE ILE A . n 
A 1 155 VAL 155 155 155 VAL VAL A . n 
A 1 156 VAL 156 156 156 VAL VAL A . n 
A 1 157 ALA 157 157 157 ALA ALA A . n 
A 1 158 LYS 158 158 158 LYS LYS A . n 
A 1 159 SER 159 159 159 SER SER A . n 
A 1 160 GLY 160 160 160 GLY GLY A . n 
A 1 161 GLU 161 161 161 GLU GLU A . n 
A 1 162 LEU 162 162 162 LEU LEU A . n 
B 2 1   ACE 1   1   1   ACE ACE B . n 
B 2 2   ALA 2   2   2   ALA ALA B . n 
B 2 3   ALA 3   3   3   ALA ALA B . n 
B 2 4   PRO 4   4   4   PRO PRO B . n 
B 2 5   ALA 5   5   5   ALA ALA B . n 
B 2 6   MCM 6   6   6   MCM AMC B . n 
# 
loop_
_pdbx_nonpoly_scheme.asym_id 
_pdbx_nonpoly_scheme.entity_id 
_pdbx_nonpoly_scheme.mon_id 
_pdbx_nonpoly_scheme.ndb_seq_num 
_pdbx_nonpoly_scheme.pdb_seq_num 
_pdbx_nonpoly_scheme.auth_seq_num 
_pdbx_nonpoly_scheme.pdb_mon_id 
_pdbx_nonpoly_scheme.auth_mon_id 
_pdbx_nonpoly_scheme.pdb_strand_id 
_pdbx_nonpoly_scheme.pdb_ins_code 
C 3 HOH 1   163 1   HOH HOH A . 
C 3 HOH 2   164 2   HOH HOH A . 
C 3 HOH 3   165 3   HOH HOH A . 
C 3 HOH 4   166 4   HOH HOH A . 
C 3 HOH 5   167 5   HOH HOH A . 
C 3 HOH 6   168 6   HOH HOH A . 
C 3 HOH 7   169 7   HOH HOH A . 
C 3 HOH 8   170 8   HOH HOH A . 
C 3 HOH 9   171 9   HOH HOH A . 
C 3 HOH 10  172 10  HOH HOH A . 
C 3 HOH 11  173 11  HOH HOH A . 
C 3 HOH 12  174 12  HOH HOH A . 
C 3 HOH 13  175 13  HOH HOH A . 
C 3 HOH 14  176 14  HOH HOH A . 
C 3 HOH 15  177 15  HOH HOH A . 
C 3 HOH 16  178 16  HOH HOH A . 
C 3 HOH 17  179 17  HOH HOH A . 
C 3 HOH 18  180 18  HOH HOH A . 
C 3 HOH 19  181 19  HOH HOH A . 
C 3 HOH 20  182 20  HOH HOH A . 
C 3 HOH 21  183 21  HOH HOH A . 
C 3 HOH 22  184 22  HOH HOH A . 
C 3 HOH 23  185 23  HOH HOH A . 
C 3 HOH 24  186 24  HOH HOH A . 
C 3 HOH 25  187 25  HOH HOH A . 
C 3 HOH 26  188 26  HOH HOH A . 
C 3 HOH 27  189 27  HOH HOH A . 
C 3 HOH 28  190 28  HOH HOH A . 
C 3 HOH 29  191 29  HOH HOH A . 
C 3 HOH 30  192 30  HOH HOH A . 
C 3 HOH 31  193 31  HOH HOH A . 
C 3 HOH 32  194 32  HOH HOH A . 
C 3 HOH 33  195 33  HOH HOH A . 
C 3 HOH 34  196 34  HOH HOH A . 
C 3 HOH 35  197 35  HOH HOH A . 
C 3 HOH 36  198 36  HOH HOH A . 
C 3 HOH 37  199 37  HOH HOH A . 
C 3 HOH 38  200 38  HOH HOH A . 
C 3 HOH 39  201 39  HOH HOH A . 
C 3 HOH 40  202 40  HOH HOH A . 
C 3 HOH 41  203 41  HOH HOH A . 
C 3 HOH 42  204 42  HOH HOH A . 
C 3 HOH 43  205 43  HOH HOH A . 
C 3 HOH 44  206 44  HOH HOH A . 
C 3 HOH 45  207 45  HOH HOH A . 
C 3 HOH 46  208 46  HOH HOH A . 
C 3 HOH 47  209 47  HOH HOH A . 
C 3 HOH 48  210 48  HOH HOH A . 
C 3 HOH 49  211 49  HOH HOH A . 
C 3 HOH 50  212 50  HOH HOH A . 
C 3 HOH 51  213 51  HOH HOH A . 
C 3 HOH 52  214 52  HOH HOH A . 
C 3 HOH 53  215 53  HOH HOH A . 
C 3 HOH 54  216 55  HOH HOH A . 
C 3 HOH 55  217 56  HOH HOH A . 
C 3 HOH 56  218 57  HOH HOH A . 
C 3 HOH 57  219 58  HOH HOH A . 
C 3 HOH 58  220 59  HOH HOH A . 
C 3 HOH 59  221 60  HOH HOH A . 
C 3 HOH 60  222 61  HOH HOH A . 
C 3 HOH 61  223 62  HOH HOH A . 
C 3 HOH 62  224 63  HOH HOH A . 
C 3 HOH 63  225 64  HOH HOH A . 
C 3 HOH 64  226 65  HOH HOH A . 
C 3 HOH 65  227 66  HOH HOH A . 
C 3 HOH 66  228 67  HOH HOH A . 
C 3 HOH 67  229 68  HOH HOH A . 
C 3 HOH 68  230 69  HOH HOH A . 
C 3 HOH 69  231 71  HOH HOH A . 
C 3 HOH 70  232 72  HOH HOH A . 
C 3 HOH 71  233 73  HOH HOH A . 
C 3 HOH 72  234 74  HOH HOH A . 
C 3 HOH 73  235 75  HOH HOH A . 
C 3 HOH 74  236 76  HOH HOH A . 
C 3 HOH 75  237 77  HOH HOH A . 
C 3 HOH 76  238 78  HOH HOH A . 
C 3 HOH 77  239 80  HOH HOH A . 
C 3 HOH 78  240 81  HOH HOH A . 
C 3 HOH 79  241 82  HOH HOH A . 
C 3 HOH 80  242 83  HOH HOH A . 
C 3 HOH 81  243 84  HOH HOH A . 
C 3 HOH 82  244 85  HOH HOH A . 
C 3 HOH 83  245 86  HOH HOH A . 
C 3 HOH 84  246 87  HOH HOH A . 
C 3 HOH 85  247 88  HOH HOH A . 
C 3 HOH 86  248 89  HOH HOH A . 
C 3 HOH 87  249 90  HOH HOH A . 
C 3 HOH 88  250 91  HOH HOH A . 
C 3 HOH 89  251 92  HOH HOH A . 
C 3 HOH 90  252 93  HOH HOH A . 
C 3 HOH 91  253 94  HOH HOH A . 
C 3 HOH 92  254 95  HOH HOH A . 
C 3 HOH 93  255 96  HOH HOH A . 
C 3 HOH 94  256 97  HOH HOH A . 
C 3 HOH 95  257 98  HOH HOH A . 
C 3 HOH 96  258 99  HOH HOH A . 
C 3 HOH 97  259 100 HOH HOH A . 
C 3 HOH 98  260 101 HOH HOH A . 
C 3 HOH 99  261 102 HOH HOH A . 
C 3 HOH 100 262 103 HOH HOH A . 
C 3 HOH 101 263 104 HOH HOH A . 
C 3 HOH 102 264 105 HOH HOH A . 
C 3 HOH 103 265 106 HOH HOH A . 
C 3 HOH 104 266 107 HOH HOH A . 
C 3 HOH 105 267 108 HOH HOH A . 
C 3 HOH 106 268 109 HOH HOH A . 
C 3 HOH 107 269 110 HOH HOH A . 
C 3 HOH 108 270 111 HOH HOH A . 
C 3 HOH 109 271 112 HOH HOH A . 
C 3 HOH 110 272 113 HOH HOH A . 
C 3 HOH 111 273 114 HOH HOH A . 
C 3 HOH 112 274 115 HOH HOH A . 
C 3 HOH 113 275 116 HOH HOH A . 
C 3 HOH 114 276 117 HOH HOH A . 
C 3 HOH 115 277 119 HOH HOH A . 
C 3 HOH 116 278 120 HOH HOH A . 
C 3 HOH 117 279 121 HOH HOH A . 
C 3 HOH 118 280 122 HOH HOH A . 
C 3 HOH 119 281 123 HOH HOH A . 
C 3 HOH 120 282 124 HOH HOH A . 
C 3 HOH 121 283 125 HOH HOH A . 
C 3 HOH 122 284 126 HOH HOH A . 
C 3 HOH 123 285 127 HOH HOH A . 
C 3 HOH 124 286 128 HOH HOH A . 
C 3 HOH 125 287 129 HOH HOH A . 
C 3 HOH 126 288 130 HOH HOH A . 
C 3 HOH 127 289 131 HOH HOH A . 
C 3 HOH 128 290 132 HOH HOH A . 
C 3 HOH 129 291 133 HOH HOH A . 
C 3 HOH 130 292 134 HOH HOH A . 
C 3 HOH 131 293 135 HOH HOH A . 
C 3 HOH 132 294 136 HOH HOH A . 
C 3 HOH 133 295 137 HOH HOH A . 
C 3 HOH 134 296 138 HOH HOH A . 
C 3 HOH 135 297 139 HOH HOH A . 
C 3 HOH 136 298 140 HOH HOH A . 
C 3 HOH 137 299 141 HOH HOH A . 
C 3 HOH 138 300 142 HOH HOH A . 
C 3 HOH 139 301 143 HOH HOH A . 
C 3 HOH 140 302 144 HOH HOH A . 
C 3 HOH 141 303 145 HOH HOH A . 
C 3 HOH 142 304 146 HOH HOH A . 
C 3 HOH 143 305 147 HOH HOH A . 
C 3 HOH 144 306 148 HOH HOH A . 
C 3 HOH 145 307 149 HOH HOH A . 
C 3 HOH 146 308 150 HOH HOH A . 
C 3 HOH 147 309 151 HOH HOH A . 
C 3 HOH 148 310 152 HOH HOH A . 
C 3 HOH 149 311 153 HOH HOH A . 
C 3 HOH 150 312 154 HOH HOH A . 
C 3 HOH 151 313 155 HOH HOH A . 
C 3 HOH 152 314 156 HOH HOH A . 
C 3 HOH 153 315 157 HOH HOH A . 
C 3 HOH 154 316 158 HOH HOH A . 
C 3 HOH 155 317 159 HOH HOH A . 
C 3 HOH 156 318 160 HOH HOH A . 
C 3 HOH 157 319 161 HOH HOH A . 
C 3 HOH 158 320 162 HOH HOH A . 
C 3 HOH 159 321 163 HOH HOH A . 
C 3 HOH 160 322 164 HOH HOH A . 
C 3 HOH 161 323 165 HOH HOH A . 
C 3 HOH 162 324 166 HOH HOH A . 
C 3 HOH 163 325 167 HOH HOH A . 
C 3 HOH 164 326 168 HOH HOH A . 
C 3 HOH 165 327 169 HOH HOH A . 
C 3 HOH 166 328 170 HOH HOH A . 
C 3 HOH 167 329 171 HOH HOH A . 
C 3 HOH 168 330 172 HOH HOH A . 
C 3 HOH 169 331 173 HOH HOH A . 
C 3 HOH 170 332 174 HOH HOH A . 
C 3 HOH 171 333 175 HOH HOH A . 
C 3 HOH 172 334 176 HOH HOH A . 
C 3 HOH 173 335 177 HOH HOH A . 
C 3 HOH 174 336 178 HOH HOH A . 
C 3 HOH 175 337 179 HOH HOH A . 
C 3 HOH 176 338 180 HOH HOH A . 
C 3 HOH 177 339 181 HOH HOH A . 
C 3 HOH 178 340 182 HOH HOH A . 
C 3 HOH 179 341 183 HOH HOH A . 
C 3 HOH 180 342 184 HOH HOH A . 
C 3 HOH 181 343 185 HOH HOH A . 
C 3 HOH 182 344 186 HOH HOH A . 
C 3 HOH 183 345 187 HOH HOH A . 
C 3 HOH 184 346 188 HOH HOH A . 
D 3 HOH 1   54  54  HOH HOH B . 
D 3 HOH 2   70  70  HOH HOH B . 
D 3 HOH 3   79  79  HOH HOH B . 
D 3 HOH 4   118 118 HOH HOH B . 
# 
_pdbx_unobs_or_zero_occ_atoms.id               1 
_pdbx_unobs_or_zero_occ_atoms.PDB_model_num    1 
_pdbx_unobs_or_zero_occ_atoms.polymer_flag     Y 
_pdbx_unobs_or_zero_occ_atoms.occupancy_flag   1 
_pdbx_unobs_or_zero_occ_atoms.auth_asym_id     A 
_pdbx_unobs_or_zero_occ_atoms.auth_comp_id     SER 
_pdbx_unobs_or_zero_occ_atoms.auth_seq_id      2 
_pdbx_unobs_or_zero_occ_atoms.PDB_ins_code     ? 
_pdbx_unobs_or_zero_occ_atoms.auth_atom_id     CB 
_pdbx_unobs_or_zero_occ_atoms.label_alt_id     ? 
_pdbx_unobs_or_zero_occ_atoms.label_asym_id    A 
_pdbx_unobs_or_zero_occ_atoms.label_comp_id    SER 
_pdbx_unobs_or_zero_occ_atoms.label_seq_id     2 
_pdbx_unobs_or_zero_occ_atoms.label_atom_id    CB 
# 
loop_
_software.name 
_software.classification 
_software.version 
_software.citation_id 
_software.pdbx_ordinal 
MOSFLM    'data reduction' . ? 1 
SCALEPACK 'data scaling'   . ? 2 
CNS       refinement       . ? 3 
CNS       phasing          . ? 4 
# 
_cell.entry_id           1VDN 
_cell.length_a           31.737 
_cell.length_b           40.009 
_cell.length_c           112.736 
_cell.angle_alpha        90.000 
_cell.angle_beta         90.000 
_cell.angle_gamma        90.000 
_cell.pdbx_unique_axis   ? 
_cell.Z_PDB              4 
_cell.length_a_esd       ? 
_cell.length_b_esd       ? 
_cell.length_c_esd       ? 
_cell.angle_alpha_esd    ? 
_cell.angle_beta_esd     ? 
_cell.angle_gamma_esd    ? 
# 
_symmetry.entry_id                         1VDN 
_symmetry.space_group_name_H-M             'P 21 21 21' 
_symmetry.pdbx_full_space_group_name_H-M   ? 
_symmetry.Int_Tables_number                19 
_symmetry.cell_setting                     ? 
_symmetry.space_group_name_Hall            ? 
# 
_exptl.entry_id          1VDN 
_exptl.method            'X-RAY DIFFRACTION' 
_exptl.crystals_number   1 
# 
_exptl_crystal.id                    1 
_exptl_crystal.density_meas          ? 
_exptl_crystal.density_Matthews      2.00 
_exptl_crystal.density_percent_sol   38.36 
_exptl_crystal.description           ? 
_exptl_crystal.F_000                 ? 
_exptl_crystal.preparation           ? 
# 
_exptl_crystal_grow.crystal_id      1 
_exptl_crystal_grow.method          'VAPOR DIFFUSION, HANGING DROP' 
_exptl_crystal_grow.temp            293.0 
_exptl_crystal_grow.temp_details    ? 
_exptl_crystal_grow.pH              8.0 
_exptl_crystal_grow.pdbx_details    
'ammonium sulfate, methanol, Tris-HCl, pH 8.0, VAPOR DIFFUSION, HANGING DROP, temperature 293.0K' 
_exptl_crystal_grow.pdbx_pH_range   . 
# 
_diffrn.id                     1 
_diffrn.ambient_temp           100.0 
_diffrn.ambient_temp_details   ? 
_diffrn.crystal_id             1 
# 
_diffrn_detector.diffrn_id              1 
_diffrn_detector.detector               CCD 
_diffrn_detector.type                   'ADSC QUANTUM 4' 
_diffrn_detector.pdbx_collection_date   2003-06-29 
_diffrn_detector.details                ? 
# 
_diffrn_radiation.diffrn_id                        1 
_diffrn_radiation.wavelength_id                    1 
_diffrn_radiation.pdbx_monochromatic_or_laue_m_l   M 
_diffrn_radiation.monochromator                    ? 
_diffrn_radiation.pdbx_diffrn_protocol             'SINGLE WAVELENGTH' 
_diffrn_radiation.pdbx_scattering_type             x-ray 
# 
_diffrn_radiation_wavelength.id           1 
_diffrn_radiation_wavelength.wavelength   1.000 
_diffrn_radiation_wavelength.wt           1.0 
# 
_diffrn_source.diffrn_id                   1 
_diffrn_source.source                      SYNCHROTRON 
_diffrn_source.type                        'SPRING-8 BEAMLINE BL38B1' 
_diffrn_source.pdbx_synchrotron_site       SPring-8 
_diffrn_source.pdbx_synchrotron_beamline   BL38B1 
_diffrn_source.pdbx_wavelength             ? 
_diffrn_source.pdbx_wavelength_list        1.000 
# 
_reflns.entry_id                     1VDN 
_reflns.observed_criterion_sigma_F   0.0 
_reflns.observed_criterion_sigma_I   0.0 
_reflns.d_resolution_high            1.6 
_reflns.d_resolution_low             20.0 
_reflns.number_all                   ? 
_reflns.number_obs                   18099 
_reflns.percent_possible_obs         91.7 
_reflns.pdbx_Rmerge_I_obs            0.048 
_reflns.pdbx_Rsym_value              0.048 
_reflns.pdbx_netI_over_sigmaI        28.9 
_reflns.B_iso_Wilson_estimate        13.5 
_reflns.pdbx_redundancy              ? 
_reflns.R_free_details               ? 
_reflns.limit_h_max                  ? 
_reflns.limit_h_min                  ? 
_reflns.limit_k_max                  ? 
_reflns.limit_k_min                  ? 
_reflns.limit_l_max                  ? 
_reflns.limit_l_min                  ? 
_reflns.observed_criterion_F_max     ? 
_reflns.observed_criterion_F_min     ? 
_reflns.pdbx_chi_squared             ? 
_reflns.pdbx_scaling_rejects         ? 
_reflns.pdbx_ordinal                 1 
_reflns.pdbx_diffrn_id               1 
# 
_reflns_shell.d_res_high             1.60 
_reflns_shell.d_res_low              1.66 
_reflns_shell.percent_possible_all   95.0 
_reflns_shell.Rmerge_I_obs           0.08 
_reflns_shell.pdbx_Rsym_value        0.08 
_reflns_shell.meanI_over_sigI_obs    ? 
_reflns_shell.pdbx_redundancy        ? 
_reflns_shell.percent_possible_obs   ? 
_reflns_shell.number_unique_all      1813 
_reflns_shell.number_measured_all    ? 
_reflns_shell.number_measured_obs    ? 
_reflns_shell.number_unique_obs      ? 
_reflns_shell.pdbx_chi_squared       ? 
_reflns_shell.pdbx_ordinal           1 
_reflns_shell.pdbx_diffrn_id         1 
# 
_refine.entry_id                                 1VDN 
_refine.ls_d_res_high                            1.6 
_refine.ls_d_res_low                             8.0 
_refine.pdbx_ls_sigma_F                          1.0 
_refine.pdbx_ls_sigma_I                          ? 
_refine.ls_number_reflns_all                     17999 
_refine.ls_number_reflns_obs                     17999 
_refine.ls_number_reflns_R_free                  1768 
_refine.ls_percent_reflns_obs                    92.3 
_refine.ls_R_factor_all                          ? 
_refine.ls_R_factor_obs                          ? 
_refine.ls_R_factor_R_work                       0.199 
_refine.ls_R_factor_R_free                       0.237 
_refine.ls_redundancy_reflns_obs                 ? 
_refine.pdbx_data_cutoff_high_absF               ? 
_refine.pdbx_data_cutoff_low_absF                ? 
_refine.ls_number_parameters                     ? 
_refine.ls_number_restraints                     ? 
_refine.ls_percent_reflns_R_free                 ? 
_refine.ls_R_factor_R_free_error                 ? 
_refine.ls_R_factor_R_free_error_details         ? 
_refine.pdbx_method_to_determine_struct          'MOLECULAR REPLACEMENT' 
_refine.pdbx_starting_model                      'PDB ENTRY 1IST' 
_refine.pdbx_ls_cross_valid_method               ? 
_refine.pdbx_R_Free_selection_details            RANDOM 
_refine.pdbx_stereochem_target_val_spec_case     ? 
_refine.pdbx_stereochemistry_target_values       'Engh & Huber' 
_refine.solvent_model_details                    ? 
_refine.solvent_model_param_bsol                 ? 
_refine.solvent_model_param_ksol                 ? 
_refine.occupancy_max                            ? 
_refine.occupancy_min                            ? 
_refine.pdbx_isotropic_thermal_model             Isotropic 
_refine.B_iso_mean                               14.3 
_refine.aniso_B[1][1]                            ? 
_refine.aniso_B[1][2]                            ? 
_refine.aniso_B[1][3]                            ? 
_refine.aniso_B[2][2]                            ? 
_refine.aniso_B[2][3]                            ? 
_refine.aniso_B[3][3]                            ? 
_refine.details                                  ? 
_refine.B_iso_min                                ? 
_refine.B_iso_max                                ? 
_refine.correlation_coeff_Fo_to_Fc               ? 
_refine.correlation_coeff_Fo_to_Fc_free          ? 
_refine.pdbx_solvent_vdw_probe_radii             ? 
_refine.pdbx_solvent_ion_probe_radii             ? 
_refine.pdbx_solvent_shrinkage_radii             ? 
_refine.overall_SU_R_Cruickshank_DPI             ? 
_refine.overall_SU_R_free                        ? 
_refine.overall_SU_B                             ? 
_refine.overall_SU_ML                            ? 
_refine.pdbx_overall_ESU_R_Free                  ? 
_refine.pdbx_data_cutoff_high_rms_absF           ? 
_refine.ls_wR_factor_R_free                      ? 
_refine.ls_wR_factor_R_work                      ? 
_refine.overall_FOM_free_R_set                   ? 
_refine.overall_FOM_work_R_set                   ? 
_refine.pdbx_refine_id                           'X-RAY DIFFRACTION' 
_refine.pdbx_overall_phase_error                 ? 
_refine.pdbx_overall_ESU_R                       ? 
_refine.pdbx_diffrn_id                           1 
_refine.pdbx_TLS_residual_ADP_flag               ? 
_refine.pdbx_overall_SU_R_free_Cruickshank_DPI   ? 
_refine.pdbx_overall_SU_R_Blow_DPI               ? 
_refine.pdbx_overall_SU_R_free_Blow_DPI          ? 
# 
_refine_analyze.entry_id                        1VDN 
_refine_analyze.Luzzati_coordinate_error_obs    0.190 
_refine_analyze.Luzzati_sigma_a_obs             0.060 
_refine_analyze.Luzzati_d_res_low_obs           8.0 
_refine_analyze.Luzzati_coordinate_error_free   0.230 
_refine_analyze.Luzzati_sigma_a_free            0.070 
_refine_analyze.Luzzati_d_res_low_free          ? 
_refine_analyze.number_disordered_residues      ? 
_refine_analyze.occupancy_sum_non_hydrogen      ? 
_refine_analyze.occupancy_sum_hydrogen          ? 
_refine_analyze.pdbx_Luzzati_d_res_high_obs     ? 
_refine_analyze.pdbx_refine_id                  'X-RAY DIFFRACTION' 
# 
_refine_hist.pdbx_refine_id                   'X-RAY DIFFRACTION' 
_refine_hist.cycle_id                         LAST 
_refine_hist.pdbx_number_atoms_protein        1256 
_refine_hist.pdbx_number_atoms_nucleic_acid   0 
_refine_hist.pdbx_number_atoms_ligand         0 
_refine_hist.number_atoms_solvent             188 
_refine_hist.number_atoms_total               1444 
_refine_hist.d_res_high                       1.6 
_refine_hist.d_res_low                        8.0 
# 
loop_
_refine_ls_restr.type 
_refine_ls_restr.dev_ideal 
_refine_ls_restr.dev_ideal_target 
_refine_ls_restr.weight 
_refine_ls_restr.number 
_refine_ls_restr.pdbx_refine_id 
_refine_ls_restr.pdbx_restraint_function 
c_bond_d           0.006  ? ? ? 'X-RAY DIFFRACTION' ? 
c_angle_deg        1.367  ? ? ? 'X-RAY DIFFRACTION' ? 
c_dihedral_angle_d 24.889 ? ? ? 'X-RAY DIFFRACTION' ? 
c_improper_angle_d 0.903  ? ? ? 'X-RAY DIFFRACTION' ? 
# 
_struct.entry_id                  1VDN 
_struct.title                     
'Crystal Structure Of Yeast Cyclophilin A Complexed With ACE-Ala-Ala-Pro-Ala-7-Amino-4-Methylcoumarin' 
_struct.pdbx_model_details        ? 
_struct.pdbx_CASP_flag            ? 
_struct.pdbx_model_type_details   ? 
# 
_struct_keywords.entry_id        1VDN 
_struct_keywords.pdbx_keywords   'ISOMERASE/ISOMERASE INHIBITOR' 
_struct_keywords.text            'BETA BARREL, ISOMERASE-ISOMERASE INHIBITOR COMPLEX, ROTAMASE' 
# 
loop_
_struct_asym.id 
_struct_asym.pdbx_blank_PDB_chainid_flag 
_struct_asym.pdbx_modified 
_struct_asym.entity_id 
_struct_asym.details 
A N N 1 ? 
B N N 2 ? 
C N N 3 ? 
D N N 3 ? 
# 
loop_
_struct_ref.id 
_struct_ref.db_name 
_struct_ref.db_code 
_struct_ref.pdbx_db_accession 
_struct_ref.entity_id 
_struct_ref.pdbx_seq_one_letter_code 
_struct_ref.pdbx_align_begin 
_struct_ref.pdbx_db_isoform 
1 UNP CYPH_YEAST P14832 1 
;MSQVYFDVEADGQPIGRVVFKLYNDIVPKTAENFRALCTGEKGFGYAGSPFHRVIPDFMLQGGDFTAGNGTGGKSIYGGK
FPDENFKKHHDRPGLLSMANAGPNTNGSQFFITTVPCPWLDGKHVVFGEVVDGYDIVKKVESLGSPSGATKARIVVAKSG
EL
;
0 ? 
2 PDB 1VDN       1VDN   2 ? ? ? 
# 
loop_
_struct_ref_seq.align_id 
_struct_ref_seq.ref_id 
_struct_ref_seq.pdbx_PDB_id_code 
_struct_ref_seq.pdbx_strand_id 
_struct_ref_seq.seq_align_beg 
_struct_ref_seq.pdbx_seq_align_beg_ins_code 
_struct_ref_seq.seq_align_end 
_struct_ref_seq.pdbx_seq_align_end_ins_code 
_struct_ref_seq.pdbx_db_accession 
_struct_ref_seq.db_align_beg 
_struct_ref_seq.pdbx_db_align_beg_ins_code 
_struct_ref_seq.db_align_end 
_struct_ref_seq.pdbx_db_align_end_ins_code 
_struct_ref_seq.pdbx_auth_seq_align_beg 
_struct_ref_seq.pdbx_auth_seq_align_end 
1 1 1VDN A 1 ? 162 ? P14832 0 ? 161 ? 1 162 
2 2 1VDN B 1 ? 6   ? 1VDN   1 ? 6   ? 1 6   
# 
_pdbx_struct_assembly.id                   1 
_pdbx_struct_assembly.details              author_defined_assembly 
_pdbx_struct_assembly.method_details       ? 
_pdbx_struct_assembly.oligomeric_details   dimeric 
_pdbx_struct_assembly.oligomeric_count     2 
# 
_pdbx_struct_assembly_gen.assembly_id       1 
_pdbx_struct_assembly_gen.oper_expression   1 
_pdbx_struct_assembly_gen.asym_id_list      A,B,C,D 
# 
_pdbx_struct_oper_list.id                   1 
_pdbx_struct_oper_list.type                 'identity operation' 
_pdbx_struct_oper_list.name                 1_555 
_pdbx_struct_oper_list.symmetry_operation   x,y,z 
_pdbx_struct_oper_list.matrix[1][1]         1.0000000000 
_pdbx_struct_oper_list.matrix[1][2]         0.0000000000 
_pdbx_struct_oper_list.matrix[1][3]         0.0000000000 
_pdbx_struct_oper_list.vector[1]            0.0000000000 
_pdbx_struct_oper_list.matrix[2][1]         0.0000000000 
_pdbx_struct_oper_list.matrix[2][2]         1.0000000000 
_pdbx_struct_oper_list.matrix[2][3]         0.0000000000 
_pdbx_struct_oper_list.vector[2]            0.0000000000 
_pdbx_struct_oper_list.matrix[3][1]         0.0000000000 
_pdbx_struct_oper_list.matrix[3][2]         0.0000000000 
_pdbx_struct_oper_list.matrix[3][3]         1.0000000000 
_pdbx_struct_oper_list.vector[3]            0.0000000000 
# 
_struct_biol.id                    1 
_struct_biol.pdbx_parent_biol_id   ? 
_struct_biol.details               ? 
# 
loop_
_struct_conf.conf_type_id 
_struct_conf.id 
_struct_conf.pdbx_PDB_helix_id 
_struct_conf.beg_label_comp_id 
_struct_conf.beg_label_asym_id 
_struct_conf.beg_label_seq_id 
_struct_conf.pdbx_beg_PDB_ins_code 
_struct_conf.end_label_comp_id 
_struct_conf.end_label_asym_id 
_struct_conf.end_label_seq_id 
_struct_conf.pdbx_end_PDB_ins_code 
_struct_conf.beg_auth_comp_id 
_struct_conf.beg_auth_asym_id 
_struct_conf.beg_auth_seq_id 
_struct_conf.end_auth_comp_id 
_struct_conf.end_auth_asym_id 
_struct_conf.end_auth_seq_id 
_struct_conf.pdbx_PDB_helix_class 
_struct_conf.details 
_struct_conf.pdbx_PDB_helix_length 
HELX_P HELX_P1 1 VAL A 27  ? GLY A 40  ? VAL A 27  GLY A 40  1 ? 14 
HELX_P HELX_P2 2 CYS A 117 ? ASP A 121 ? CYS A 117 ASP A 121 5 ? 5  
HELX_P HELX_P3 3 GLY A 133 ? SER A 142 ? GLY A 133 SER A 142 1 ? 10 
# 
_struct_conf_type.id          HELX_P 
_struct_conf_type.criteria    ? 
_struct_conf_type.reference   ? 
# 
loop_
_struct_conn.id 
_struct_conn.conn_type_id 
_struct_conn.pdbx_leaving_atom_flag 
_struct_conn.pdbx_PDB_id 
_struct_conn.ptnr1_label_asym_id 
_struct_conn.ptnr1_label_comp_id 
_struct_conn.ptnr1_label_seq_id 
_struct_conn.ptnr1_label_atom_id 
_struct_conn.pdbx_ptnr1_label_alt_id 
_struct_conn.pdbx_ptnr1_PDB_ins_code 
_struct_conn.pdbx_ptnr1_standard_comp_id 
_struct_conn.ptnr1_symmetry 
_struct_conn.ptnr2_label_asym_id 
_struct_conn.ptnr2_label_comp_id 
_struct_conn.ptnr2_label_seq_id 
_struct_conn.ptnr2_label_atom_id 
_struct_conn.pdbx_ptnr2_label_alt_id 
_struct_conn.pdbx_ptnr2_PDB_ins_code 
_struct_conn.ptnr1_auth_asym_id 
_struct_conn.ptnr1_auth_comp_id 
_struct_conn.ptnr1_auth_seq_id 
_struct_conn.ptnr2_auth_asym_id 
_struct_conn.ptnr2_auth_comp_id 
_struct_conn.ptnr2_auth_seq_id 
_struct_conn.ptnr2_symmetry 
_struct_conn.pdbx_ptnr3_label_atom_id 
_struct_conn.pdbx_ptnr3_label_seq_id 
_struct_conn.pdbx_ptnr3_label_comp_id 
_struct_conn.pdbx_ptnr3_label_asym_id 
_struct_conn.pdbx_ptnr3_label_alt_id 
_struct_conn.pdbx_ptnr3_PDB_ins_code 
_struct_conn.details 
_struct_conn.pdbx_dist_value 
_struct_conn.pdbx_value_order 
_struct_conn.pdbx_role 
covale1 covale both ? B ACE 1 C ? ? ? 1_555 B ALA 2 N ? ? B ACE 1 B ALA 2 1_555 ? ? ? ? ? ? ? 1.334 ? ? 
covale2 covale both ? B ALA 5 C ? ? ? 1_555 B MCM 6 N ? ? B ALA 5 B MCM 6 1_555 ? ? ? ? ? ? ? 1.335 ? ? 
# 
_struct_conn_type.id          covale 
_struct_conn_type.criteria    ? 
_struct_conn_type.reference   ? 
# 
loop_
_pdbx_modification_feature.ordinal 
_pdbx_modification_feature.label_comp_id 
_pdbx_modification_feature.label_asym_id 
_pdbx_modification_feature.label_seq_id 
_pdbx_modification_feature.label_alt_id 
_pdbx_modification_feature.modified_residue_label_comp_id 
_pdbx_modification_feature.modified_residue_label_asym_id 
_pdbx_modification_feature.modified_residue_label_seq_id 
_pdbx_modification_feature.modified_residue_label_alt_id 
_pdbx_modification_feature.auth_comp_id 
_pdbx_modification_feature.auth_asym_id 
_pdbx_modification_feature.auth_seq_id 
_pdbx_modification_feature.PDB_ins_code 
_pdbx_modification_feature.symmetry 
_pdbx_modification_feature.modified_residue_auth_comp_id 
_pdbx_modification_feature.modified_residue_auth_asym_id 
_pdbx_modification_feature.modified_residue_auth_seq_id 
_pdbx_modification_feature.modified_residue_PDB_ins_code 
_pdbx_modification_feature.modified_residue_symmetry 
_pdbx_modification_feature.comp_id_linking_atom 
_pdbx_modification_feature.modified_residue_id_linking_atom 
_pdbx_modification_feature.modified_residue_id 
_pdbx_modification_feature.ref_pcm_id 
_pdbx_modification_feature.ref_comp_id 
_pdbx_modification_feature.type 
_pdbx_modification_feature.category 
1 MCM B 6 ? .   . . . MCM B 6 ? 1_555 .   . . . .     . . ?   1 MCM None 'Non-standard residue' 
2 ACE B 1 ? ALA B 2 ? ACE B 1 ? 1_555 ALA B 2 ? 1_555 . . ALA 1 ACE None 'Terminal acetylation' 
# 
_struct_mon_prot_cis.pdbx_id                1 
_struct_mon_prot_cis.label_comp_id          ALA 
_struct_mon_prot_cis.label_seq_id           3 
_struct_mon_prot_cis.label_asym_id          B 
_struct_mon_prot_cis.label_alt_id           . 
_struct_mon_prot_cis.pdbx_PDB_ins_code      ? 
_struct_mon_prot_cis.auth_comp_id           ALA 
_struct_mon_prot_cis.auth_seq_id            3 
_struct_mon_prot_cis.auth_asym_id           B 
_struct_mon_prot_cis.pdbx_label_comp_id_2   PRO 
_struct_mon_prot_cis.pdbx_label_seq_id_2    4 
_struct_mon_prot_cis.pdbx_label_asym_id_2   B 
_struct_mon_prot_cis.pdbx_PDB_ins_code_2    ? 
_struct_mon_prot_cis.pdbx_auth_comp_id_2    PRO 
_struct_mon_prot_cis.pdbx_auth_seq_id_2     4 
_struct_mon_prot_cis.pdbx_auth_asym_id_2    B 
_struct_mon_prot_cis.pdbx_PDB_model_num     1 
_struct_mon_prot_cis.pdbx_omega_angle       0.53 
# 
_struct_sheet.id               A 
_struct_sheet.type             ? 
_struct_sheet.number_strands   8 
_struct_sheet.details          ? 
# 
loop_
_struct_sheet_order.sheet_id 
_struct_sheet_order.range_id_1 
_struct_sheet_order.range_id_2 
_struct_sheet_order.offset 
_struct_sheet_order.sense 
A 1 2 ? anti-parallel 
A 2 3 ? anti-parallel 
A 3 4 ? anti-parallel 
A 4 5 ? anti-parallel 
A 5 6 ? anti-parallel 
A 6 7 ? anti-parallel 
A 7 8 ? anti-parallel 
# 
loop_
_struct_sheet_range.sheet_id 
_struct_sheet_range.id 
_struct_sheet_range.beg_label_comp_id 
_struct_sheet_range.beg_label_asym_id 
_struct_sheet_range.beg_label_seq_id 
_struct_sheet_range.pdbx_beg_PDB_ins_code 
_struct_sheet_range.end_label_comp_id 
_struct_sheet_range.end_label_asym_id 
_struct_sheet_range.end_label_seq_id 
_struct_sheet_range.pdbx_end_PDB_ins_code 
_struct_sheet_range.beg_auth_comp_id 
_struct_sheet_range.beg_auth_asym_id 
_struct_sheet_range.beg_auth_seq_id 
_struct_sheet_range.end_auth_comp_id 
_struct_sheet_range.end_auth_asym_id 
_struct_sheet_range.end_auth_seq_id 
A 1 ARG A 53  ? ILE A 55  ? ARG A 53  ILE A 55  
A 2 MET A 59  ? GLY A 62  ? MET A 59  GLY A 62  
A 3 PHE A 110 ? THR A 113 ? PHE A 110 THR A 113 
A 4 LEU A 95  ? MET A 98  ? LEU A 95  MET A 98  
A 5 VAL A 126 ? ASP A 132 ? VAL A 126 ASP A 132 
A 6 GLN A 13  ? LEU A 22  ? GLN A 13  LEU A 22  
A 7 GLN A 3   ? ALA A 10  ? GLN A 3   ALA A 10  
A 8 ILE A 154 ? GLU A 161 ? ILE A 154 GLU A 161 
# 
loop_
_pdbx_struct_sheet_hbond.sheet_id 
_pdbx_struct_sheet_hbond.range_id_1 
_pdbx_struct_sheet_hbond.range_id_2 
_pdbx_struct_sheet_hbond.range_1_label_atom_id 
_pdbx_struct_sheet_hbond.range_1_label_comp_id 
_pdbx_struct_sheet_hbond.range_1_label_asym_id 
_pdbx_struct_sheet_hbond.range_1_label_seq_id 
_pdbx_struct_sheet_hbond.range_1_PDB_ins_code 
_pdbx_struct_sheet_hbond.range_1_auth_atom_id 
_pdbx_struct_sheet_hbond.range_1_auth_comp_id 
_pdbx_struct_sheet_hbond.range_1_auth_asym_id 
_pdbx_struct_sheet_hbond.range_1_auth_seq_id 
_pdbx_struct_sheet_hbond.range_2_label_atom_id 
_pdbx_struct_sheet_hbond.range_2_label_comp_id 
_pdbx_struct_sheet_hbond.range_2_label_asym_id 
_pdbx_struct_sheet_hbond.range_2_label_seq_id 
_pdbx_struct_sheet_hbond.range_2_PDB_ins_code 
_pdbx_struct_sheet_hbond.range_2_auth_atom_id 
_pdbx_struct_sheet_hbond.range_2_auth_comp_id 
_pdbx_struct_sheet_hbond.range_2_auth_asym_id 
_pdbx_struct_sheet_hbond.range_2_auth_seq_id 
A 1 2 N ARG A 53  ? N ARG A 53  O GLN A 61  ? O GLN A 61  
A 2 3 N LEU A 60  ? N LEU A 60  O ILE A 112 ? O ILE A 112 
A 3 4 O PHE A 111 ? O PHE A 111 N SER A 97  ? N SER A 97  
A 4 5 N LEU A 96  ? N LEU A 96  O PHE A 127 ? O PHE A 127 
A 5 6 O ASP A 132 ? O ASP A 132 N VAL A 19  ? N VAL A 19  
A 6 7 O ILE A 15  ? O ILE A 15  N VAL A 8   ? N VAL A 8   
A 7 8 N ASP A 7   ? N ASP A 7   O LYS A 158 ? O LYS A 158 
# 
_struct_site.id                   AC1 
_struct_site.pdbx_evidence_code   Software 
_struct_site.pdbx_auth_asym_id    ? 
_struct_site.pdbx_auth_comp_id    ? 
_struct_site.pdbx_auth_seq_id     ? 
_struct_site.pdbx_auth_ins_code   ? 
_struct_site.pdbx_num_residues    23 
_struct_site.details              'BINDING SITE FOR CHAIN B OF (ACE)AAPA(MCM)' 
# 
loop_
_struct_site_gen.id 
_struct_site_gen.site_id 
_struct_site_gen.pdbx_num_res 
_struct_site_gen.label_comp_id 
_struct_site_gen.label_asym_id 
_struct_site_gen.label_seq_id 
_struct_site_gen.pdbx_auth_ins_code 
_struct_site_gen.auth_comp_id 
_struct_site_gen.auth_asym_id 
_struct_site_gen.auth_seq_id 
_struct_site_gen.label_atom_id 
_struct_site_gen.label_alt_id 
_struct_site_gen.symmetry 
_struct_site_gen.details 
1  AC1 23 GLN A 3   ? GLN A 3   . ? 1_455 ? 
2  AC1 23 VAL A 19  ? VAL A 19  . ? 1_455 ? 
3  AC1 23 ARG A 53  ? ARG A 53  . ? 1_555 ? 
4  AC1 23 ILE A 55  ? ILE A 55  . ? 1_555 ? 
5  AC1 23 ASP A 57  ? ASP A 57  . ? 1_555 ? 
6  AC1 23 PHE A 58  ? PHE A 58  . ? 1_555 ? 
7  AC1 23 GLN A 61  ? GLN A 61  . ? 1_555 ? 
8  AC1 23 ASP A 91  ? ASP A 91  . ? 4_465 ? 
9  AC1 23 ARG A 92  ? ARG A 92  . ? 4_465 ? 
10 AC1 23 ALA A 99  ? ALA A 99  . ? 1_555 ? 
11 AC1 23 ASN A 100 ? ASN A 100 . ? 1_555 ? 
12 AC1 23 PHE A 111 ? PHE A 111 . ? 1_555 ? 
13 AC1 23 PRO A 116 ? PRO A 116 . ? 4_465 ? 
14 AC1 23 LEU A 120 ? LEU A 120 . ? 1_555 ? 
15 AC1 23 HIS A 124 ? HIS A 124 . ? 1_555 ? 
16 AC1 23 PRO A 146 ? PRO A 146 . ? 1_555 ? 
17 AC1 23 HOH C .   ? HOH A 174 . ? 1_455 ? 
18 AC1 23 HOH C .   ? HOH A 175 . ? 1_555 ? 
19 AC1 23 HOH C .   ? HOH A 186 . ? 1_455 ? 
20 AC1 23 HOH C .   ? HOH A 274 . ? 1_455 ? 
21 AC1 23 HOH D .   ? HOH B 54  . ? 1_555 ? 
22 AC1 23 HOH D .   ? HOH B 70  . ? 1_555 ? 
23 AC1 23 HOH D .   ? HOH B 118 . ? 1_555 ? 
# 
_pdbx_entry_details.entry_id                   1VDN 
_pdbx_entry_details.compound_details           ? 
_pdbx_entry_details.source_details             ? 
_pdbx_entry_details.nonpolymer_details         ? 
_pdbx_entry_details.sequence_details           ? 
_pdbx_entry_details.has_ligand_of_interest     ? 
_pdbx_entry_details.has_protein_modification   Y 
# 
loop_
_pdbx_validate_torsion.id 
_pdbx_validate_torsion.PDB_model_num 
_pdbx_validate_torsion.auth_comp_id 
_pdbx_validate_torsion.auth_asym_id 
_pdbx_validate_torsion.auth_seq_id 
_pdbx_validate_torsion.PDB_ins_code 
_pdbx_validate_torsion.label_alt_id 
_pdbx_validate_torsion.phi 
_pdbx_validate_torsion.psi 
1 1 PHE A 58 ? ? -147.01 -80.31 
2 1 ASN A 69 ? ? -143.66 13.11  
# 
_pdbx_molecule_features.prd_id    PRD_000424 
_pdbx_molecule_features.name      ACE-ALA-ALA-PRO-ALA-7-AMINO-4-METHYLCOUMARINN 
_pdbx_molecule_features.type      Peptide-like 
_pdbx_molecule_features.class     Inhibitor 
_pdbx_molecule_features.details   ? 
# 
_pdbx_molecule.instance_id   1 
_pdbx_molecule.prd_id        PRD_000424 
_pdbx_molecule.asym_id       B 
# 
_pdbx_unobs_or_zero_occ_residues.id               1 
_pdbx_unobs_or_zero_occ_residues.PDB_model_num    1 
_pdbx_unobs_or_zero_occ_residues.polymer_flag     Y 
_pdbx_unobs_or_zero_occ_residues.occupancy_flag   1 
_pdbx_unobs_or_zero_occ_residues.auth_asym_id     A 
_pdbx_unobs_or_zero_occ_residues.auth_comp_id     MET 
_pdbx_unobs_or_zero_occ_residues.auth_seq_id      1 
_pdbx_unobs_or_zero_occ_residues.PDB_ins_code     ? 
_pdbx_unobs_or_zero_occ_residues.label_asym_id    A 
_pdbx_unobs_or_zero_occ_residues.label_comp_id    MET 
_pdbx_unobs_or_zero_occ_residues.label_seq_id     1 
# 
loop_
_chem_comp_atom.comp_id 
_chem_comp_atom.atom_id 
_chem_comp_atom.type_symbol 
_chem_comp_atom.pdbx_aromatic_flag 
_chem_comp_atom.pdbx_stereo_config 
_chem_comp_atom.pdbx_ordinal 
ACE C    C N N 1   
ACE O    O N N 2   
ACE CH3  C N N 3   
ACE H    H N N 4   
ACE H1   H N N 5   
ACE H2   H N N 6   
ACE H3   H N N 7   
ALA N    N N N 8   
ALA CA   C N S 9   
ALA C    C N N 10  
ALA O    O N N 11  
ALA CB   C N N 12  
ALA OXT  O N N 13  
ALA H    H N N 14  
ALA H2   H N N 15  
ALA HA   H N N 16  
ALA HB1  H N N 17  
ALA HB2  H N N 18  
ALA HB3  H N N 19  
ALA HXT  H N N 20  
ARG N    N N N 21  
ARG CA   C N S 22  
ARG C    C N N 23  
ARG O    O N N 24  
ARG CB   C N N 25  
ARG CG   C N N 26  
ARG CD   C N N 27  
ARG NE   N N N 28  
ARG CZ   C N N 29  
ARG NH1  N N N 30  
ARG NH2  N N N 31  
ARG OXT  O N N 32  
ARG H    H N N 33  
ARG H2   H N N 34  
ARG HA   H N N 35  
ARG HB2  H N N 36  
ARG HB3  H N N 37  
ARG HG2  H N N 38  
ARG HG3  H N N 39  
ARG HD2  H N N 40  
ARG HD3  H N N 41  
ARG HE   H N N 42  
ARG HH11 H N N 43  
ARG HH12 H N N 44  
ARG HH21 H N N 45  
ARG HH22 H N N 46  
ARG HXT  H N N 47  
ASN N    N N N 48  
ASN CA   C N S 49  
ASN C    C N N 50  
ASN O    O N N 51  
ASN CB   C N N 52  
ASN CG   C N N 53  
ASN OD1  O N N 54  
ASN ND2  N N N 55  
ASN OXT  O N N 56  
ASN H    H N N 57  
ASN H2   H N N 58  
ASN HA   H N N 59  
ASN HB2  H N N 60  
ASN HB3  H N N 61  
ASN HD21 H N N 62  
ASN HD22 H N N 63  
ASN HXT  H N N 64  
ASP N    N N N 65  
ASP CA   C N S 66  
ASP C    C N N 67  
ASP O    O N N 68  
ASP CB   C N N 69  
ASP CG   C N N 70  
ASP OD1  O N N 71  
ASP OD2  O N N 72  
ASP OXT  O N N 73  
ASP H    H N N 74  
ASP H2   H N N 75  
ASP HA   H N N 76  
ASP HB2  H N N 77  
ASP HB3  H N N 78  
ASP HD2  H N N 79  
ASP HXT  H N N 80  
CYS N    N N N 81  
CYS CA   C N R 82  
CYS C    C N N 83  
CYS O    O N N 84  
CYS CB   C N N 85  
CYS SG   S N N 86  
CYS OXT  O N N 87  
CYS H    H N N 88  
CYS H2   H N N 89  
CYS HA   H N N 90  
CYS HB2  H N N 91  
CYS HB3  H N N 92  
CYS HG   H N N 93  
CYS HXT  H N N 94  
GLN N    N N N 95  
GLN CA   C N S 96  
GLN C    C N N 97  
GLN O    O N N 98  
GLN CB   C N N 99  
GLN CG   C N N 100 
GLN CD   C N N 101 
GLN OE1  O N N 102 
GLN NE2  N N N 103 
GLN OXT  O N N 104 
GLN H    H N N 105 
GLN H2   H N N 106 
GLN HA   H N N 107 
GLN HB2  H N N 108 
GLN HB3  H N N 109 
GLN HG2  H N N 110 
GLN HG3  H N N 111 
GLN HE21 H N N 112 
GLN HE22 H N N 113 
GLN HXT  H N N 114 
GLU N    N N N 115 
GLU CA   C N S 116 
GLU C    C N N 117 
GLU O    O N N 118 
GLU CB   C N N 119 
GLU CG   C N N 120 
GLU CD   C N N 121 
GLU OE1  O N N 122 
GLU OE2  O N N 123 
GLU OXT  O N N 124 
GLU H    H N N 125 
GLU H2   H N N 126 
GLU HA   H N N 127 
GLU HB2  H N N 128 
GLU HB3  H N N 129 
GLU HG2  H N N 130 
GLU HG3  H N N 131 
GLU HE2  H N N 132 
GLU HXT  H N N 133 
GLY N    N N N 134 
GLY CA   C N N 135 
GLY C    C N N 136 
GLY O    O N N 137 
GLY OXT  O N N 138 
GLY H    H N N 139 
GLY H2   H N N 140 
GLY HA2  H N N 141 
GLY HA3  H N N 142 
GLY HXT  H N N 143 
HIS N    N N N 144 
HIS CA   C N S 145 
HIS C    C N N 146 
HIS O    O N N 147 
HIS CB   C N N 148 
HIS CG   C Y N 149 
HIS ND1  N Y N 150 
HIS CD2  C Y N 151 
HIS CE1  C Y N 152 
HIS NE2  N Y N 153 
HIS OXT  O N N 154 
HIS H    H N N 155 
HIS H2   H N N 156 
HIS HA   H N N 157 
HIS HB2  H N N 158 
HIS HB3  H N N 159 
HIS HD1  H N N 160 
HIS HD2  H N N 161 
HIS HE1  H N N 162 
HIS HE2  H N N 163 
HIS HXT  H N N 164 
HOH O    O N N 165 
HOH H1   H N N 166 
HOH H2   H N N 167 
ILE N    N N N 168 
ILE CA   C N S 169 
ILE C    C N N 170 
ILE O    O N N 171 
ILE CB   C N S 172 
ILE CG1  C N N 173 
ILE CG2  C N N 174 
ILE CD1  C N N 175 
ILE OXT  O N N 176 
ILE H    H N N 177 
ILE H2   H N N 178 
ILE HA   H N N 179 
ILE HB   H N N 180 
ILE HG12 H N N 181 
ILE HG13 H N N 182 
ILE HG21 H N N 183 
ILE HG22 H N N 184 
ILE HG23 H N N 185 
ILE HD11 H N N 186 
ILE HD12 H N N 187 
ILE HD13 H N N 188 
ILE HXT  H N N 189 
LEU N    N N N 190 
LEU CA   C N S 191 
LEU C    C N N 192 
LEU O    O N N 193 
LEU CB   C N N 194 
LEU CG   C N N 195 
LEU CD1  C N N 196 
LEU CD2  C N N 197 
LEU OXT  O N N 198 
LEU H    H N N 199 
LEU H2   H N N 200 
LEU HA   H N N 201 
LEU HB2  H N N 202 
LEU HB3  H N N 203 
LEU HG   H N N 204 
LEU HD11 H N N 205 
LEU HD12 H N N 206 
LEU HD13 H N N 207 
LEU HD21 H N N 208 
LEU HD22 H N N 209 
LEU HD23 H N N 210 
LEU HXT  H N N 211 
LYS N    N N N 212 
LYS CA   C N S 213 
LYS C    C N N 214 
LYS O    O N N 215 
LYS CB   C N N 216 
LYS CG   C N N 217 
LYS CD   C N N 218 
LYS CE   C N N 219 
LYS NZ   N N N 220 
LYS OXT  O N N 221 
LYS H    H N N 222 
LYS H2   H N N 223 
LYS HA   H N N 224 
LYS HB2  H N N 225 
LYS HB3  H N N 226 
LYS HG2  H N N 227 
LYS HG3  H N N 228 
LYS HD2  H N N 229 
LYS HD3  H N N 230 
LYS HE2  H N N 231 
LYS HE3  H N N 232 
LYS HZ1  H N N 233 
LYS HZ2  H N N 234 
LYS HZ3  H N N 235 
LYS HXT  H N N 236 
MCM N    N N N 237 
MCM CA   C Y N 238 
MCM C2   C Y N 239 
MCM C3   C Y N 240 
MCM C4   C Y N 241 
MCM C5   C Y N 242 
MCM C6   C Y N 243 
MCM C7   C Y N 244 
MCM C8   C Y N 245 
MCM C9   C Y N 246 
MCM C10  C N N 247 
MCM O1   O Y N 248 
MCM O2   O N N 249 
MCM HN1  H N N 250 
MCM HN2  H N N 251 
MCM H2   H N N 252 
MCM H5   H N N 253 
MCM H8   H N N 254 
MCM H9   H N N 255 
MCM H101 H N N 256 
MCM H102 H N N 257 
MCM H103 H N N 258 
MET N    N N N 259 
MET CA   C N S 260 
MET C    C N N 261 
MET O    O N N 262 
MET CB   C N N 263 
MET CG   C N N 264 
MET SD   S N N 265 
MET CE   C N N 266 
MET OXT  O N N 267 
MET H    H N N 268 
MET H2   H N N 269 
MET HA   H N N 270 
MET HB2  H N N 271 
MET HB3  H N N 272 
MET HG2  H N N 273 
MET HG3  H N N 274 
MET HE1  H N N 275 
MET HE2  H N N 276 
MET HE3  H N N 277 
MET HXT  H N N 278 
PHE N    N N N 279 
PHE CA   C N S 280 
PHE C    C N N 281 
PHE O    O N N 282 
PHE CB   C N N 283 
PHE CG   C Y N 284 
PHE CD1  C Y N 285 
PHE CD2  C Y N 286 
PHE CE1  C Y N 287 
PHE CE2  C Y N 288 
PHE CZ   C Y N 289 
PHE OXT  O N N 290 
PHE H    H N N 291 
PHE H2   H N N 292 
PHE HA   H N N 293 
PHE HB2  H N N 294 
PHE HB3  H N N 295 
PHE HD1  H N N 296 
PHE HD2  H N N 297 
PHE HE1  H N N 298 
PHE HE2  H N N 299 
PHE HZ   H N N 300 
PHE HXT  H N N 301 
PRO N    N N N 302 
PRO CA   C N S 303 
PRO C    C N N 304 
PRO O    O N N 305 
PRO CB   C N N 306 
PRO CG   C N N 307 
PRO CD   C N N 308 
PRO OXT  O N N 309 
PRO H    H N N 310 
PRO HA   H N N 311 
PRO HB2  H N N 312 
PRO HB3  H N N 313 
PRO HG2  H N N 314 
PRO HG3  H N N 315 
PRO HD2  H N N 316 
PRO HD3  H N N 317 
PRO HXT  H N N 318 
SER N    N N N 319 
SER CA   C N S 320 
SER C    C N N 321 
SER O    O N N 322 
SER CB   C N N 323 
SER OG   O N N 324 
SER OXT  O N N 325 
SER H    H N N 326 
SER H2   H N N 327 
SER HA   H N N 328 
SER HB2  H N N 329 
SER HB3  H N N 330 
SER HG   H N N 331 
SER HXT  H N N 332 
THR N    N N N 333 
THR CA   C N S 334 
THR C    C N N 335 
THR O    O N N 336 
THR CB   C N R 337 
THR OG1  O N N 338 
THR CG2  C N N 339 
THR OXT  O N N 340 
THR H    H N N 341 
THR H2   H N N 342 
THR HA   H N N 343 
THR HB   H N N 344 
THR HG1  H N N 345 
THR HG21 H N N 346 
THR HG22 H N N 347 
THR HG23 H N N 348 
THR HXT  H N N 349 
TRP N    N N N 350 
TRP CA   C N S 351 
TRP C    C N N 352 
TRP O    O N N 353 
TRP CB   C N N 354 
TRP CG   C Y N 355 
TRP CD1  C Y N 356 
TRP CD2  C Y N 357 
TRP NE1  N Y N 358 
TRP CE2  C Y N 359 
TRP CE3  C Y N 360 
TRP CZ2  C Y N 361 
TRP CZ3  C Y N 362 
TRP CH2  C Y N 363 
TRP OXT  O N N 364 
TRP H    H N N 365 
TRP H2   H N N 366 
TRP HA   H N N 367 
TRP HB2  H N N 368 
TRP HB3  H N N 369 
TRP HD1  H N N 370 
TRP HE1  H N N 371 
TRP HE3  H N N 372 
TRP HZ2  H N N 373 
TRP HZ3  H N N 374 
TRP HH2  H N N 375 
TRP HXT  H N N 376 
TYR N    N N N 377 
TYR CA   C N S 378 
TYR C    C N N 379 
TYR O    O N N 380 
TYR CB   C N N 381 
TYR CG   C Y N 382 
TYR CD1  C Y N 383 
TYR CD2  C Y N 384 
TYR CE1  C Y N 385 
TYR CE2  C Y N 386 
TYR CZ   C Y N 387 
TYR OH   O N N 388 
TYR OXT  O N N 389 
TYR H    H N N 390 
TYR H2   H N N 391 
TYR HA   H N N 392 
TYR HB2  H N N 393 
TYR HB3  H N N 394 
TYR HD1  H N N 395 
TYR HD2  H N N 396 
TYR HE1  H N N 397 
TYR HE2  H N N 398 
TYR HH   H N N 399 
TYR HXT  H N N 400 
VAL N    N N N 401 
VAL CA   C N S 402 
VAL C    C N N 403 
VAL O    O N N 404 
VAL CB   C N N 405 
VAL CG1  C N N 406 
VAL CG2  C N N 407 
VAL OXT  O N N 408 
VAL H    H N N 409 
VAL H2   H N N 410 
VAL HA   H N N 411 
VAL HB   H N N 412 
VAL HG11 H N N 413 
VAL HG12 H N N 414 
VAL HG13 H N N 415 
VAL HG21 H N N 416 
VAL HG22 H N N 417 
VAL HG23 H N N 418 
VAL HXT  H N N 419 
# 
loop_
_chem_comp_bond.comp_id 
_chem_comp_bond.atom_id_1 
_chem_comp_bond.atom_id_2 
_chem_comp_bond.value_order 
_chem_comp_bond.pdbx_aromatic_flag 
_chem_comp_bond.pdbx_stereo_config 
_chem_comp_bond.pdbx_ordinal 
ACE C   O    doub N N 1   
ACE C   CH3  sing N N 2   
ACE C   H    sing N N 3   
ACE CH3 H1   sing N N 4   
ACE CH3 H2   sing N N 5   
ACE CH3 H3   sing N N 6   
ALA N   CA   sing N N 7   
ALA N   H    sing N N 8   
ALA N   H2   sing N N 9   
ALA CA  C    sing N N 10  
ALA CA  CB   sing N N 11  
ALA CA  HA   sing N N 12  
ALA C   O    doub N N 13  
ALA C   OXT  sing N N 14  
ALA CB  HB1  sing N N 15  
ALA CB  HB2  sing N N 16  
ALA CB  HB3  sing N N 17  
ALA OXT HXT  sing N N 18  
ARG N   CA   sing N N 19  
ARG N   H    sing N N 20  
ARG N   H2   sing N N 21  
ARG CA  C    sing N N 22  
ARG CA  CB   sing N N 23  
ARG CA  HA   sing N N 24  
ARG C   O    doub N N 25  
ARG C   OXT  sing N N 26  
ARG CB  CG   sing N N 27  
ARG CB  HB2  sing N N 28  
ARG CB  HB3  sing N N 29  
ARG CG  CD   sing N N 30  
ARG CG  HG2  sing N N 31  
ARG CG  HG3  sing N N 32  
ARG CD  NE   sing N N 33  
ARG CD  HD2  sing N N 34  
ARG CD  HD3  sing N N 35  
ARG NE  CZ   sing N N 36  
ARG NE  HE   sing N N 37  
ARG CZ  NH1  sing N N 38  
ARG CZ  NH2  doub N N 39  
ARG NH1 HH11 sing N N 40  
ARG NH1 HH12 sing N N 41  
ARG NH2 HH21 sing N N 42  
ARG NH2 HH22 sing N N 43  
ARG OXT HXT  sing N N 44  
ASN N   CA   sing N N 45  
ASN N   H    sing N N 46  
ASN N   H2   sing N N 47  
ASN CA  C    sing N N 48  
ASN CA  CB   sing N N 49  
ASN CA  HA   sing N N 50  
ASN C   O    doub N N 51  
ASN C   OXT  sing N N 52  
ASN CB  CG   sing N N 53  
ASN CB  HB2  sing N N 54  
ASN CB  HB3  sing N N 55  
ASN CG  OD1  doub N N 56  
ASN CG  ND2  sing N N 57  
ASN ND2 HD21 sing N N 58  
ASN ND2 HD22 sing N N 59  
ASN OXT HXT  sing N N 60  
ASP N   CA   sing N N 61  
ASP N   H    sing N N 62  
ASP N   H2   sing N N 63  
ASP CA  C    sing N N 64  
ASP CA  CB   sing N N 65  
ASP CA  HA   sing N N 66  
ASP C   O    doub N N 67  
ASP C   OXT  sing N N 68  
ASP CB  CG   sing N N 69  
ASP CB  HB2  sing N N 70  
ASP CB  HB3  sing N N 71  
ASP CG  OD1  doub N N 72  
ASP CG  OD2  sing N N 73  
ASP OD2 HD2  sing N N 74  
ASP OXT HXT  sing N N 75  
CYS N   CA   sing N N 76  
CYS N   H    sing N N 77  
CYS N   H2   sing N N 78  
CYS CA  C    sing N N 79  
CYS CA  CB   sing N N 80  
CYS CA  HA   sing N N 81  
CYS C   O    doub N N 82  
CYS C   OXT  sing N N 83  
CYS CB  SG   sing N N 84  
CYS CB  HB2  sing N N 85  
CYS CB  HB3  sing N N 86  
CYS SG  HG   sing N N 87  
CYS OXT HXT  sing N N 88  
GLN N   CA   sing N N 89  
GLN N   H    sing N N 90  
GLN N   H2   sing N N 91  
GLN CA  C    sing N N 92  
GLN CA  CB   sing N N 93  
GLN CA  HA   sing N N 94  
GLN C   O    doub N N 95  
GLN C   OXT  sing N N 96  
GLN CB  CG   sing N N 97  
GLN CB  HB2  sing N N 98  
GLN CB  HB3  sing N N 99  
GLN CG  CD   sing N N 100 
GLN CG  HG2  sing N N 101 
GLN CG  HG3  sing N N 102 
GLN CD  OE1  doub N N 103 
GLN CD  NE2  sing N N 104 
GLN NE2 HE21 sing N N 105 
GLN NE2 HE22 sing N N 106 
GLN OXT HXT  sing N N 107 
GLU N   CA   sing N N 108 
GLU N   H    sing N N 109 
GLU N   H2   sing N N 110 
GLU CA  C    sing N N 111 
GLU CA  CB   sing N N 112 
GLU CA  HA   sing N N 113 
GLU C   O    doub N N 114 
GLU C   OXT  sing N N 115 
GLU CB  CG   sing N N 116 
GLU CB  HB2  sing N N 117 
GLU CB  HB3  sing N N 118 
GLU CG  CD   sing N N 119 
GLU CG  HG2  sing N N 120 
GLU CG  HG3  sing N N 121 
GLU CD  OE1  doub N N 122 
GLU CD  OE2  sing N N 123 
GLU OE2 HE2  sing N N 124 
GLU OXT HXT  sing N N 125 
GLY N   CA   sing N N 126 
GLY N   H    sing N N 127 
GLY N   H2   sing N N 128 
GLY CA  C    sing N N 129 
GLY CA  HA2  sing N N 130 
GLY CA  HA3  sing N N 131 
GLY C   O    doub N N 132 
GLY C   OXT  sing N N 133 
GLY OXT HXT  sing N N 134 
HIS N   CA   sing N N 135 
HIS N   H    sing N N 136 
HIS N   H2   sing N N 137 
HIS CA  C    sing N N 138 
HIS CA  CB   sing N N 139 
HIS CA  HA   sing N N 140 
HIS C   O    doub N N 141 
HIS C   OXT  sing N N 142 
HIS CB  CG   sing N N 143 
HIS CB  HB2  sing N N 144 
HIS CB  HB3  sing N N 145 
HIS CG  ND1  sing Y N 146 
HIS CG  CD2  doub Y N 147 
HIS ND1 CE1  doub Y N 148 
HIS ND1 HD1  sing N N 149 
HIS CD2 NE2  sing Y N 150 
HIS CD2 HD2  sing N N 151 
HIS CE1 NE2  sing Y N 152 
HIS CE1 HE1  sing N N 153 
HIS NE2 HE2  sing N N 154 
HIS OXT HXT  sing N N 155 
HOH O   H1   sing N N 156 
HOH O   H2   sing N N 157 
ILE N   CA   sing N N 158 
ILE N   H    sing N N 159 
ILE N   H2   sing N N 160 
ILE CA  C    sing N N 161 
ILE CA  CB   sing N N 162 
ILE CA  HA   sing N N 163 
ILE C   O    doub N N 164 
ILE C   OXT  sing N N 165 
ILE CB  CG1  sing N N 166 
ILE CB  CG2  sing N N 167 
ILE CB  HB   sing N N 168 
ILE CG1 CD1  sing N N 169 
ILE CG1 HG12 sing N N 170 
ILE CG1 HG13 sing N N 171 
ILE CG2 HG21 sing N N 172 
ILE CG2 HG22 sing N N 173 
ILE CG2 HG23 sing N N 174 
ILE CD1 HD11 sing N N 175 
ILE CD1 HD12 sing N N 176 
ILE CD1 HD13 sing N N 177 
ILE OXT HXT  sing N N 178 
LEU N   CA   sing N N 179 
LEU N   H    sing N N 180 
LEU N   H2   sing N N 181 
LEU CA  C    sing N N 182 
LEU CA  CB   sing N N 183 
LEU CA  HA   sing N N 184 
LEU C   O    doub N N 185 
LEU C   OXT  sing N N 186 
LEU CB  CG   sing N N 187 
LEU CB  HB2  sing N N 188 
LEU CB  HB3  sing N N 189 
LEU CG  CD1  sing N N 190 
LEU CG  CD2  sing N N 191 
LEU CG  HG   sing N N 192 
LEU CD1 HD11 sing N N 193 
LEU CD1 HD12 sing N N 194 
LEU CD1 HD13 sing N N 195 
LEU CD2 HD21 sing N N 196 
LEU CD2 HD22 sing N N 197 
LEU CD2 HD23 sing N N 198 
LEU OXT HXT  sing N N 199 
LYS N   CA   sing N N 200 
LYS N   H    sing N N 201 
LYS N   H2   sing N N 202 
LYS CA  C    sing N N 203 
LYS CA  CB   sing N N 204 
LYS CA  HA   sing N N 205 
LYS C   O    doub N N 206 
LYS C   OXT  sing N N 207 
LYS CB  CG   sing N N 208 
LYS CB  HB2  sing N N 209 
LYS CB  HB3  sing N N 210 
LYS CG  CD   sing N N 211 
LYS CG  HG2  sing N N 212 
LYS CG  HG3  sing N N 213 
LYS CD  CE   sing N N 214 
LYS CD  HD2  sing N N 215 
LYS CD  HD3  sing N N 216 
LYS CE  NZ   sing N N 217 
LYS CE  HE2  sing N N 218 
LYS CE  HE3  sing N N 219 
LYS NZ  HZ1  sing N N 220 
LYS NZ  HZ2  sing N N 221 
LYS NZ  HZ3  sing N N 222 
LYS OXT HXT  sing N N 223 
MCM N   CA   sing N N 224 
MCM N   HN1  sing N N 225 
MCM N   HN2  sing N N 226 
MCM CA  C2   doub Y N 227 
MCM CA  C9   sing Y N 228 
MCM C2  C3   sing Y N 229 
MCM C2  H2   sing N N 230 
MCM C3  C7   doub Y N 231 
MCM C3  O1   sing Y N 232 
MCM C4  C5   sing Y N 233 
MCM C4  O1   sing Y N 234 
MCM C4  O2   doub N N 235 
MCM C5  C6   doub Y N 236 
MCM C5  H5   sing N N 237 
MCM C6  C7   sing Y N 238 
MCM C6  C10  sing N N 239 
MCM C7  C8   sing Y N 240 
MCM C8  C9   doub Y N 241 
MCM C8  H8   sing N N 242 
MCM C9  H9   sing N N 243 
MCM C10 H101 sing N N 244 
MCM C10 H102 sing N N 245 
MCM C10 H103 sing N N 246 
MET N   CA   sing N N 247 
MET N   H    sing N N 248 
MET N   H2   sing N N 249 
MET CA  C    sing N N 250 
MET CA  CB   sing N N 251 
MET CA  HA   sing N N 252 
MET C   O    doub N N 253 
MET C   OXT  sing N N 254 
MET CB  CG   sing N N 255 
MET CB  HB2  sing N N 256 
MET CB  HB3  sing N N 257 
MET CG  SD   sing N N 258 
MET CG  HG2  sing N N 259 
MET CG  HG3  sing N N 260 
MET SD  CE   sing N N 261 
MET CE  HE1  sing N N 262 
MET CE  HE2  sing N N 263 
MET CE  HE3  sing N N 264 
MET OXT HXT  sing N N 265 
PHE N   CA   sing N N 266 
PHE N   H    sing N N 267 
PHE N   H2   sing N N 268 
PHE CA  C    sing N N 269 
PHE CA  CB   sing N N 270 
PHE CA  HA   sing N N 271 
PHE C   O    doub N N 272 
PHE C   OXT  sing N N 273 
PHE CB  CG   sing N N 274 
PHE CB  HB2  sing N N 275 
PHE CB  HB3  sing N N 276 
PHE CG  CD1  doub Y N 277 
PHE CG  CD2  sing Y N 278 
PHE CD1 CE1  sing Y N 279 
PHE CD1 HD1  sing N N 280 
PHE CD2 CE2  doub Y N 281 
PHE CD2 HD2  sing N N 282 
PHE CE1 CZ   doub Y N 283 
PHE CE1 HE1  sing N N 284 
PHE CE2 CZ   sing Y N 285 
PHE CE2 HE2  sing N N 286 
PHE CZ  HZ   sing N N 287 
PHE OXT HXT  sing N N 288 
PRO N   CA   sing N N 289 
PRO N   CD   sing N N 290 
PRO N   H    sing N N 291 
PRO CA  C    sing N N 292 
PRO CA  CB   sing N N 293 
PRO CA  HA   sing N N 294 
PRO C   O    doub N N 295 
PRO C   OXT  sing N N 296 
PRO CB  CG   sing N N 297 
PRO CB  HB2  sing N N 298 
PRO CB  HB3  sing N N 299 
PRO CG  CD   sing N N 300 
PRO CG  HG2  sing N N 301 
PRO CG  HG3  sing N N 302 
PRO CD  HD2  sing N N 303 
PRO CD  HD3  sing N N 304 
PRO OXT HXT  sing N N 305 
SER N   CA   sing N N 306 
SER N   H    sing N N 307 
SER N   H2   sing N N 308 
SER CA  C    sing N N 309 
SER CA  CB   sing N N 310 
SER CA  HA   sing N N 311 
SER C   O    doub N N 312 
SER C   OXT  sing N N 313 
SER CB  OG   sing N N 314 
SER CB  HB2  sing N N 315 
SER CB  HB3  sing N N 316 
SER OG  HG   sing N N 317 
SER OXT HXT  sing N N 318 
THR N   CA   sing N N 319 
THR N   H    sing N N 320 
THR N   H2   sing N N 321 
THR CA  C    sing N N 322 
THR CA  CB   sing N N 323 
THR CA  HA   sing N N 324 
THR C   O    doub N N 325 
THR C   OXT  sing N N 326 
THR CB  OG1  sing N N 327 
THR CB  CG2  sing N N 328 
THR CB  HB   sing N N 329 
THR OG1 HG1  sing N N 330 
THR CG2 HG21 sing N N 331 
THR CG2 HG22 sing N N 332 
THR CG2 HG23 sing N N 333 
THR OXT HXT  sing N N 334 
TRP N   CA   sing N N 335 
TRP N   H    sing N N 336 
TRP N   H2   sing N N 337 
TRP CA  C    sing N N 338 
TRP CA  CB   sing N N 339 
TRP CA  HA   sing N N 340 
TRP C   O    doub N N 341 
TRP C   OXT  sing N N 342 
TRP CB  CG   sing N N 343 
TRP CB  HB2  sing N N 344 
TRP CB  HB3  sing N N 345 
TRP CG  CD1  doub Y N 346 
TRP CG  CD2  sing Y N 347 
TRP CD1 NE1  sing Y N 348 
TRP CD1 HD1  sing N N 349 
TRP CD2 CE2  doub Y N 350 
TRP CD2 CE3  sing Y N 351 
TRP NE1 CE2  sing Y N 352 
TRP NE1 HE1  sing N N 353 
TRP CE2 CZ2  sing Y N 354 
TRP CE3 CZ3  doub Y N 355 
TRP CE3 HE3  sing N N 356 
TRP CZ2 CH2  doub Y N 357 
TRP CZ2 HZ2  sing N N 358 
TRP CZ3 CH2  sing Y N 359 
TRP CZ3 HZ3  sing N N 360 
TRP CH2 HH2  sing N N 361 
TRP OXT HXT  sing N N 362 
TYR N   CA   sing N N 363 
TYR N   H    sing N N 364 
TYR N   H2   sing N N 365 
TYR CA  C    sing N N 366 
TYR CA  CB   sing N N 367 
TYR CA  HA   sing N N 368 
TYR C   O    doub N N 369 
TYR C   OXT  sing N N 370 
TYR CB  CG   sing N N 371 
TYR CB  HB2  sing N N 372 
TYR CB  HB3  sing N N 373 
TYR CG  CD1  doub Y N 374 
TYR CG  CD2  sing Y N 375 
TYR CD1 CE1  sing Y N 376 
TYR CD1 HD1  sing N N 377 
TYR CD2 CE2  doub Y N 378 
TYR CD2 HD2  sing N N 379 
TYR CE1 CZ   doub Y N 380 
TYR CE1 HE1  sing N N 381 
TYR CE2 CZ   sing Y N 382 
TYR CE2 HE2  sing N N 383 
TYR CZ  OH   sing N N 384 
TYR OH  HH   sing N N 385 
TYR OXT HXT  sing N N 386 
VAL N   CA   sing N N 387 
VAL N   H    sing N N 388 
VAL N   H2   sing N N 389 
VAL CA  C    sing N N 390 
VAL CA  CB   sing N N 391 
VAL CA  HA   sing N N 392 
VAL C   O    doub N N 393 
VAL C   OXT  sing N N 394 
VAL CB  CG1  sing N N 395 
VAL CB  CG2  sing N N 396 
VAL CB  HB   sing N N 397 
VAL CG1 HG11 sing N N 398 
VAL CG1 HG12 sing N N 399 
VAL CG1 HG13 sing N N 400 
VAL CG2 HG21 sing N N 401 
VAL CG2 HG22 sing N N 402 
VAL CG2 HG23 sing N N 403 
VAL OXT HXT  sing N N 404 
# 
_pdbx_initial_refinement_model.id               1 
_pdbx_initial_refinement_model.entity_id_list   ? 
_pdbx_initial_refinement_model.type             'experimental model' 
_pdbx_initial_refinement_model.source_name      PDB 
_pdbx_initial_refinement_model.accession_code   1IST 
_pdbx_initial_refinement_model.details          'PDB ENTRY 1IST' 
# 
_atom_sites.entry_id                    1VDN 
_atom_sites.fract_transf_matrix[1][1]   -0.01303464 
_atom_sites.fract_transf_matrix[1][2]   -0.01699905 
_atom_sites.fract_transf_matrix[1][3]   -0.02310731 
_atom_sites.fract_transf_matrix[2][1]   -0.01101505 
_atom_sites.fract_transf_matrix[2][2]   0.02058282 
_atom_sites.fract_transf_matrix[2][3]   -0.00892839 
_atom_sites.fract_transf_matrix[3][1]   0.00706625 
_atom_sites.fract_transf_matrix[3][2]   0.00155598 
_atom_sites.fract_transf_matrix[3][3]   -0.00513068 
_atom_sites.fract_transf_vector[1]      -0.532859 
_atom_sites.fract_transf_vector[2]      0.765753 
_atom_sites.fract_transf_vector[3]      -0.130184 
# 
loop_
_atom_type.symbol 
C 
N 
O 
S 
# 
loop_
_atom_site.group_PDB 
_atom_site.id 
_atom_site.type_symbol 
_atom_site.label_atom_id 
_atom_site.label_alt_id 
_atom_site.label_comp_id 
_atom_site.label_asym_id 
_atom_site.label_entity_id 
_atom_site.label_seq_id 
_atom_site.pdbx_PDB_ins_code 
_atom_site.Cartn_x 
_atom_site.Cartn_y 
_atom_site.Cartn_z 
_atom_site.occupancy 
_atom_site.B_iso_or_equiv 
_atom_site.pdbx_formal_charge 
_atom_site.auth_seq_id 
_atom_site.auth_comp_id 
_atom_site.auth_asym_id 
_atom_site.auth_atom_id 
_atom_site.pdbx_PDB_model_num 
ATOM   1    N N   . SER A 1 2   ? -2.665  -15.184 -6.784  1.00 23.33 ? 2   SER A N   1 
ATOM   2    C CA  . SER A 1 2   ? -3.437  -14.360 -5.805  1.00 20.95 ? 2   SER A CA  1 
ATOM   3    C C   . SER A 1 2   ? -3.417  -12.890 -6.201  1.00 17.49 ? 2   SER A C   1 
ATOM   4    O O   . SER A 1 2   ? -2.391  -12.225 -6.086  1.00 17.76 ? 2   SER A O   1 
ATOM   5    O OG  . SER A 1 2   ? -3.559  -13.721 -3.463  1.00 26.17 ? 2   SER A OG  1 
ATOM   6    N N   . GLN A 1 3   ? -4.558  -12.396 -6.674  1.00 15.10 ? 3   GLN A N   1 
ATOM   7    C CA  . GLN A 1 3   ? -4.685  -11.007 -7.093  1.00 12.80 ? 3   GLN A CA  1 
ATOM   8    C C   . GLN A 1 3   ? -5.778  -10.303 -6.302  1.00 11.91 ? 3   GLN A C   1 
ATOM   9    O O   . GLN A 1 3   ? -6.829  -10.878 -6.012  1.00 12.44 ? 3   GLN A O   1 
ATOM   10   C CB  . GLN A 1 3   ? -5.034  -10.917 -8.586  1.00 13.16 ? 3   GLN A CB  1 
ATOM   11   C CG  . GLN A 1 3   ? -4.009  -11.505 -9.532  1.00 13.80 ? 3   GLN A CG  1 
ATOM   12   C CD  . GLN A 1 3   ? -4.443  -11.370 -10.979 1.00 12.43 ? 3   GLN A CD  1 
ATOM   13   O OE1 . GLN A 1 3   ? -5.634  -11.265 -11.265 1.00 14.32 ? 3   GLN A OE1 1 
ATOM   14   N NE2 . GLN A 1 3   ? -3.483  -11.385 -11.895 1.00 14.68 ? 3   GLN A NE2 1 
ATOM   15   N N   . VAL A 1 4   ? -5.521  -9.048  -5.958  1.00 10.24 ? 4   VAL A N   1 
ATOM   16   C CA  . VAL A 1 4   ? -6.477  -8.233  -5.228  1.00 9.81  ? 4   VAL A CA  1 
ATOM   17   C C   . VAL A 1 4   ? -6.558  -6.902  -5.963  1.00 9.18  ? 4   VAL A C   1 
ATOM   18   O O   . VAL A 1 4   ? -5.698  -6.593  -6.794  1.00 8.76  ? 4   VAL A O   1 
ATOM   19   C CB  . VAL A 1 4   ? -6.031  -8.002  -3.769  1.00 9.97  ? 4   VAL A CB  1 
ATOM   20   C CG1 . VAL A 1 4   ? -6.148  -9.297  -2.977  1.00 10.09 ? 4   VAL A CG1 1 
ATOM   21   C CG2 . VAL A 1 4   ? -4.597  -7.495  -3.736  1.00 9.78  ? 4   VAL A CG2 1 
ATOM   22   N N   . TYR A 1 5   ? -7.581  -6.111  -5.671  1.00 7.41  ? 5   TYR A N   1 
ATOM   23   C CA  . TYR A 1 5   ? -7.736  -4.837  -6.356  1.00 8.00  ? 5   TYR A CA  1 
ATOM   24   C C   . TYR A 1 5   ? -8.235  -3.705  -5.480  1.00 9.78  ? 5   TYR A C   1 
ATOM   25   O O   . TYR A 1 5   ? -8.787  -3.924  -4.395  1.00 9.21  ? 5   TYR A O   1 
ATOM   26   C CB  . TYR A 1 5   ? -8.706  -4.997  -7.531  1.00 9.72  ? 5   TYR A CB  1 
ATOM   27   C CG  . TYR A 1 5   ? -10.139 -5.215  -7.097  1.00 10.16 ? 5   TYR A CG  1 
ATOM   28   C CD1 . TYR A 1 5   ? -10.994 -4.134  -6.874  1.00 10.58 ? 5   TYR A CD1 1 
ATOM   29   C CD2 . TYR A 1 5   ? -10.633 -6.502  -6.874  1.00 10.44 ? 5   TYR A CD2 1 
ATOM   30   C CE1 . TYR A 1 5   ? -12.305 -4.327  -6.442  1.00 12.62 ? 5   TYR A CE1 1 
ATOM   31   C CE2 . TYR A 1 5   ? -11.945 -6.704  -6.439  1.00 13.39 ? 5   TYR A CE2 1 
ATOM   32   C CZ  . TYR A 1 5   ? -12.770 -5.612  -6.228  1.00 13.04 ? 5   TYR A CZ  1 
ATOM   33   O OH  . TYR A 1 5   ? -14.065 -5.800  -5.801  1.00 16.98 ? 5   TYR A OH  1 
ATOM   34   N N   . PHE A 1 6   ? -8.033  -2.495  -5.993  1.00 9.10  ? 6   PHE A N   1 
ATOM   35   C CA  . PHE A 1 6   ? -8.471  -1.251  -5.373  1.00 8.76  ? 6   PHE A CA  1 
ATOM   36   C C   . PHE A 1 6   ? -9.237  -0.470  -6.434  1.00 9.05  ? 6   PHE A C   1 
ATOM   37   O O   . PHE A 1 6   ? -8.761  -0.337  -7.563  1.00 9.37  ? 6   PHE A O   1 
ATOM   38   C CB  . PHE A 1 6   ? -7.298  -0.327  -5.005  1.00 8.40  ? 6   PHE A CB  1 
ATOM   39   C CG  . PHE A 1 6   ? -6.520  -0.721  -3.787  1.00 7.91  ? 6   PHE A CG  1 
ATOM   40   C CD1 . PHE A 1 6   ? -5.324  -0.062  -3.506  1.00 8.05  ? 6   PHE A CD1 1 
ATOM   41   C CD2 . PHE A 1 6   ? -6.966  -1.703  -2.910  1.00 8.54  ? 6   PHE A CD2 1 
ATOM   42   C CE1 . PHE A 1 6   ? -4.582  -0.373  -2.373  1.00 7.10  ? 6   PHE A CE1 1 
ATOM   43   C CE2 . PHE A 1 6   ? -6.227  -2.022  -1.767  1.00 10.74 ? 6   PHE A CE2 1 
ATOM   44   C CZ  . PHE A 1 6   ? -5.033  -1.353  -1.503  1.00 8.18  ? 6   PHE A CZ  1 
ATOM   45   N N   . ASP A 1 7   ? -10.413 0.038   -6.087  1.00 9.51  ? 7   ASP A N   1 
ATOM   46   C CA  . ASP A 1 7   ? -11.145 0.914   -6.991  1.00 10.86 ? 7   ASP A CA  1 
ATOM   47   C C   . ASP A 1 7   ? -10.784 2.248   -6.362  1.00 9.60  ? 7   ASP A C   1 
ATOM   48   O O   . ASP A 1 7   ? -11.138 2.502   -5.213  1.00 11.97 ? 7   ASP A O   1 
ATOM   49   C CB  . ASP A 1 7   ? -12.656 0.705   -6.912  1.00 10.23 ? 7   ASP A CB  1 
ATOM   50   C CG  . ASP A 1 7   ? -13.133 -0.390  -7.829  1.00 15.78 ? 7   ASP A CG  1 
ATOM   51   O OD1 . ASP A 1 7   ? -12.437 -0.657  -8.828  1.00 15.80 ? 7   ASP A OD1 1 
ATOM   52   O OD2 . ASP A 1 7   ? -14.204 -0.971  -7.560  1.00 13.23 ? 7   ASP A OD2 1 
ATOM   53   N N   . VAL A 1 8   ? -10.065 3.088   -7.097  1.00 9.99  ? 8   VAL A N   1 
ATOM   54   C CA  . VAL A 1 8   ? -9.627  4.369   -6.560  1.00 9.31  ? 8   VAL A CA  1 
ATOM   55   C C   . VAL A 1 8   ? -10.499 5.555   -6.959  1.00 9.66  ? 8   VAL A C   1 
ATOM   56   O O   . VAL A 1 8   ? -10.922 5.673   -8.108  1.00 10.57 ? 8   VAL A O   1 
ATOM   57   C CB  . VAL A 1 8   ? -8.168  4.655   -6.994  1.00 8.61  ? 8   VAL A CB  1 
ATOM   58   C CG1 . VAL A 1 8   ? -7.659  5.941   -6.340  1.00 10.73 ? 8   VAL A CG1 1 
ATOM   59   C CG2 . VAL A 1 8   ? -7.283  3.477   -6.619  1.00 10.09 ? 8   VAL A CG2 1 
ATOM   60   N N   . GLU A 1 9   ? -10.775 6.429   -5.994  1.00 8.50  ? 9   GLU A N   1 
ATOM   61   C CA  . GLU A 1 9   ? -11.569 7.618   -6.257  1.00 8.87  ? 9   GLU A CA  1 
ATOM   62   C C   . GLU A 1 9   ? -10.836 8.854   -5.755  1.00 8.85  ? 9   GLU A C   1 
ATOM   63   O O   . GLU A 1 9   ? -10.125 8.797   -4.753  1.00 9.62  ? 9   GLU A O   1 
ATOM   64   C CB  . GLU A 1 9   ? -12.938 7.533   -5.565  1.00 10.56 ? 9   GLU A CB  1 
ATOM   65   C CG  . GLU A 1 9   ? -13.877 6.508   -6.176  1.00 11.08 ? 9   GLU A CG  1 
ATOM   66   C CD  . GLU A 1 9   ? -15.257 6.514   -5.544  1.00 13.76 ? 9   GLU A CD  1 
ATOM   67   O OE1 . GLU A 1 9   ? -16.105 5.710   -5.981  1.00 12.60 ? 9   GLU A OE1 1 
ATOM   68   O OE2 . GLU A 1 9   ? -15.499 7.315   -4.614  1.00 12.73 ? 9   GLU A OE2 1 
ATOM   69   N N   . ALA A 1 10  ? -11.003 9.958   -6.474  1.00 7.89  ? 10  ALA A N   1 
ATOM   70   C CA  . ALA A 1 10  ? -10.414 11.234  -6.098  1.00 8.92  ? 10  ALA A CA  1 
ATOM   71   C C   . ALA A 1 10  ? -11.601 12.185  -5.992  1.00 10.53 ? 10  ALA A C   1 
ATOM   72   O O   . ALA A 1 10  ? -12.270 12.473  -6.988  1.00 11.39 ? 10  ALA A O   1 
ATOM   73   C CB  . ALA A 1 10  ? -9.433  11.711  -7.165  1.00 9.61  ? 10  ALA A CB  1 
ATOM   74   N N   . ASP A 1 11  ? -11.864 12.662  -4.780  1.00 10.51 ? 11  ASP A N   1 
ATOM   75   C CA  . ASP A 1 11  ? -12.990 13.552  -4.537  1.00 11.64 ? 11  ASP A CA  1 
ATOM   76   C C   . ASP A 1 11  ? -14.293 12.906  -5.005  1.00 12.76 ? 11  ASP A C   1 
ATOM   77   O O   . ASP A 1 11  ? -15.142 13.558  -5.621  1.00 12.26 ? 11  ASP A O   1 
ATOM   78   C CB  . ASP A 1 11  ? -12.769 14.892  -5.238  1.00 13.01 ? 11  ASP A CB  1 
ATOM   79   C CG  . ASP A 1 11  ? -11.736 15.748  -4.531  1.00 12.90 ? 11  ASP A CG  1 
ATOM   80   O OD1 . ASP A 1 11  ? -11.127 16.618  -5.188  1.00 14.68 ? 11  ASP A OD1 1 
ATOM   81   O OD2 . ASP A 1 11  ? -11.543 15.558  -3.312  1.00 13.71 ? 11  ASP A OD2 1 
ATOM   82   N N   . GLY A 1 12  ? -14.430 11.615  -4.715  1.00 13.11 ? 12  GLY A N   1 
ATOM   83   C CA  . GLY A 1 12  ? -15.632 10.879  -5.077  1.00 14.17 ? 12  GLY A CA  1 
ATOM   84   C C   . GLY A 1 12  ? -15.750 10.472  -6.533  1.00 14.63 ? 12  GLY A C   1 
ATOM   85   O O   . GLY A 1 12  ? -16.707 9.802   -6.924  1.00 14.29 ? 12  GLY A O   1 
ATOM   86   N N   . GLN A 1 13  ? -14.778 10.878  -7.340  1.00 14.92 ? 13  GLN A N   1 
ATOM   87   C CA  . GLN A 1 13  ? -14.780 10.551  -8.759  1.00 15.25 ? 13  GLN A CA  1 
ATOM   88   C C   . GLN A 1 13  ? -13.966 9.299   -9.056  1.00 14.75 ? 13  GLN A C   1 
ATOM   89   O O   . GLN A 1 13  ? -12.792 9.223   -8.710  1.00 12.14 ? 13  GLN A O   1 
ATOM   90   C CB  . GLN A 1 13  ? -14.217 11.728  -9.555  1.00 18.66 ? 13  GLN A CB  1 
ATOM   91   C CG  . GLN A 1 13  ? -15.276 12.589  -10.204 1.00 26.75 ? 13  GLN A CG  1 
ATOM   92   C CD  . GLN A 1 13  ? -15.881 11.927  -11.427 1.00 27.47 ? 13  GLN A CD  1 
ATOM   93   O OE1 . GLN A 1 13  ? -16.793 12.466  -12.050 1.00 32.03 ? 13  GLN A OE1 1 
ATOM   94   N NE2 . GLN A 1 13  ? -15.369 10.752  -11.780 1.00 29.89 ? 13  GLN A NE2 1 
ATOM   95   N N   . PRO A 1 14  ? -14.585 8.290   -9.691  1.00 14.05 ? 14  PRO A N   1 
ATOM   96   C CA  . PRO A 1 14  ? -13.855 7.060   -10.013 1.00 15.25 ? 14  PRO A CA  1 
ATOM   97   C C   . PRO A 1 14  ? -12.679 7.357   -10.942 1.00 16.17 ? 14  PRO A C   1 
ATOM   98   O O   . PRO A 1 14  ? -12.846 8.006   -11.977 1.00 17.87 ? 14  PRO A O   1 
ATOM   99   C CB  . PRO A 1 14  ? -14.918 6.195   -10.684 1.00 15.08 ? 14  PRO A CB  1 
ATOM   100  C CG  . PRO A 1 14  ? -16.172 6.623   -9.995  1.00 16.39 ? 14  PRO A CG  1 
ATOM   101  C CD  . PRO A 1 14  ? -16.025 8.126   -9.958  1.00 14.47 ? 14  PRO A CD  1 
ATOM   102  N N   . ILE A 1 15  ? -11.495 6.878   -10.569 1.00 16.51 ? 15  ILE A N   1 
ATOM   103  C CA  . ILE A 1 15  ? -10.295 7.098   -11.364 1.00 17.96 ? 15  ILE A CA  1 
ATOM   104  C C   . ILE A 1 15  ? -9.847  5.820   -12.060 1.00 16.43 ? 15  ILE A C   1 
ATOM   105  O O   . ILE A 1 15  ? -9.105  5.865   -13.038 1.00 19.14 ? 15  ILE A O   1 
ATOM   106  C CB  . ILE A 1 15  ? -9.132  7.612   -10.484 1.00 19.55 ? 15  ILE A CB  1 
ATOM   107  C CG1 . ILE A 1 15  ? -9.550  8.900   -9.779  1.00 22.42 ? 15  ILE A CG1 1 
ATOM   108  C CG2 . ILE A 1 15  ? -7.892  7.857   -11.337 1.00 21.91 ? 15  ILE A CG2 1 
ATOM   109  C CD1 . ILE A 1 15  ? -9.943  10.015  -10.726 1.00 21.54 ? 15  ILE A CD1 1 
ATOM   110  N N   . GLY A 1 16  ? -10.296 4.679   -11.550 1.00 14.32 ? 16  GLY A N   1 
ATOM   111  C CA  . GLY A 1 16  ? -9.920  3.415   -12.151 1.00 13.26 ? 16  GLY A CA  1 
ATOM   112  C C   . GLY A 1 16  ? -9.603  2.341   -11.133 1.00 12.05 ? 16  GLY A C   1 
ATOM   113  O O   . GLY A 1 16  ? -9.530  2.607   -9.932  1.00 11.17 ? 16  GLY A O   1 
ATOM   114  N N   . ARG A 1 17  ? -9.409  1.120   -11.621 1.00 12.14 ? 17  ARG A N   1 
ATOM   115  C CA  . ARG A 1 17  ? -9.107  -0.019  -10.766 1.00 10.94 ? 17  ARG A CA  1 
ATOM   116  C C   . ARG A 1 17  ? -7.655  -0.471  -10.898 1.00 11.81 ? 17  ARG A C   1 
ATOM   117  O O   . ARG A 1 17  ? -7.150  -0.659  -12.007 1.00 12.43 ? 17  ARG A O   1 
ATOM   118  C CB  . ARG A 1 17  ? -10.051 -1.181  -11.112 1.00 11.23 ? 17  ARG A CB  1 
ATOM   119  C CG  . ARG A 1 17  ? -9.770  -2.485  -10.376 1.00 13.22 ? 17  ARG A CG  1 
ATOM   120  C CD  . ARG A 1 17  ? -10.932 -3.472  -10.529 1.00 15.42 ? 17  ARG A CD  1 
ATOM   121  N NE  . ARG A 1 17  ? -12.149 -2.973  -9.890  1.00 16.92 ? 17  ARG A NE  1 
ATOM   122  C CZ  . ARG A 1 17  ? -13.263 -3.681  -9.727  1.00 18.63 ? 17  ARG A CZ  1 
ATOM   123  N NH1 . ARG A 1 17  ? -13.328 -4.933  -10.161 1.00 20.46 ? 17  ARG A NH1 1 
ATOM   124  N NH2 . ARG A 1 17  ? -14.312 -3.141  -9.118  1.00 20.26 ? 17  ARG A NH2 1 
ATOM   125  N N   . VAL A 1 18  ? -6.988  -0.635  -9.758  1.00 8.28  ? 18  VAL A N   1 
ATOM   126  C CA  . VAL A 1 18  ? -5.603  -1.096  -9.724  1.00 9.25  ? 18  VAL A CA  1 
ATOM   127  C C   . VAL A 1 18  ? -5.612  -2.537  -9.239  1.00 8.77  ? 18  VAL A C   1 
ATOM   128  O O   . VAL A 1 18  ? -6.258  -2.861  -8.238  1.00 9.33  ? 18  VAL A O   1 
ATOM   129  C CB  . VAL A 1 18  ? -4.736  -0.257  -8.754  1.00 9.63  ? 18  VAL A CB  1 
ATOM   130  C CG1 . VAL A 1 18  ? -3.314  -0.805  -8.720  1.00 11.52 ? 18  VAL A CG1 1 
ATOM   131  C CG2 . VAL A 1 18  ? -4.728  1.192   -9.188  1.00 10.40 ? 18  VAL A CG2 1 
ATOM   132  N N   . VAL A 1 19  ? -4.910  -3.405  -9.954  1.00 8.14  ? 19  VAL A N   1 
ATOM   133  C CA  . VAL A 1 19  ? -4.842  -4.811  -9.584  1.00 7.95  ? 19  VAL A CA  1 
ATOM   134  C C   . VAL A 1 19  ? -3.418  -5.179  -9.199  1.00 8.59  ? 19  VAL A C   1 
ATOM   135  O O   . VAL A 1 19  ? -2.459  -4.807  -9.887  1.00 9.26  ? 19  VAL A O   1 
ATOM   136  C CB  . VAL A 1 19  ? -5.310  -5.717  -10.750 1.00 8.36  ? 19  VAL A CB  1 
ATOM   137  C CG1 . VAL A 1 19  ? -5.282  -7.175  -10.322 1.00 8.40  ? 19  VAL A CG1 1 
ATOM   138  C CG2 . VAL A 1 19  ? -6.709  -5.318  -11.181 1.00 8.27  ? 19  VAL A CG2 1 
ATOM   139  N N   . PHE A 1 20  ? -3.281  -5.898  -8.089  1.00 6.71  ? 20  PHE A N   1 
ATOM   140  C CA  . PHE A 1 20  ? -1.971  -6.318  -7.606  1.00 8.59  ? 20  PHE A CA  1 
ATOM   141  C C   . PHE A 1 20  ? -1.837  -7.829  -7.578  1.00 9.55  ? 20  PHE A C   1 
ATOM   142  O O   . PHE A 1 20  ? -2.802  -8.539  -7.301  1.00 9.99  ? 20  PHE A O   1 
ATOM   143  C CB  . PHE A 1 20  ? -1.722  -5.851  -6.169  1.00 8.73  ? 20  PHE A CB  1 
ATOM   144  C CG  . PHE A 1 20  ? -2.017  -4.408  -5.926  1.00 8.08  ? 20  PHE A CG  1 
ATOM   145  C CD1 . PHE A 1 20  ? -3.292  -3.999  -5.543  1.00 8.96  ? 20  PHE A CD1 1 
ATOM   146  C CD2 . PHE A 1 20  ? -1.003  -3.456  -6.029  1.00 7.82  ? 20  PHE A CD2 1 
ATOM   147  C CE1 . PHE A 1 20  ? -3.557  -2.661  -5.256  1.00 9.66  ? 20  PHE A CE1 1 
ATOM   148  C CE2 . PHE A 1 20  ? -1.259  -2.113  -5.747  1.00 10.04 ? 20  PHE A CE2 1 
ATOM   149  C CZ  . PHE A 1 20  ? -2.534  -1.715  -5.358  1.00 9.21  ? 20  PHE A CZ  1 
ATOM   150  N N   . LYS A 1 21  ? -0.628  -8.307  -7.855  1.00 9.13  ? 21  LYS A N   1 
ATOM   151  C CA  . LYS A 1 21  ? -0.324  -9.726  -7.769  1.00 9.79  ? 21  LYS A CA  1 
ATOM   152  C C   . LYS A 1 21  ? 0.496   -9.812  -6.490  1.00 11.46 ? 21  LYS A C   1 
ATOM   153  O O   . LYS A 1 21  ? 1.470   -9.070  -6.330  1.00 11.51 ? 21  LYS A O   1 
ATOM   154  C CB  . LYS A 1 21  ? 0.546   -10.193 -8.938  1.00 11.22 ? 21  LYS A CB  1 
ATOM   155  C CG  . LYS A 1 21  ? 1.232   -11.525 -8.668  1.00 11.93 ? 21  LYS A CG  1 
ATOM   156  C CD  . LYS A 1 21  ? 2.218   -11.897 -9.764  1.00 16.58 ? 21  LYS A CD  1 
ATOM   157  C CE  . LYS A 1 21  ? 2.887   -13.231 -9.468  1.00 18.83 ? 21  LYS A CE  1 
ATOM   158  N NZ  . LYS A 1 21  ? 3.812   -13.640 -10.566 1.00 20.96 ? 21  LYS A NZ  1 
ATOM   159  N N   . LEU A 1 22  ? 0.100   -10.691 -5.577  1.00 11.73 ? 22  LEU A N   1 
ATOM   160  C CA  . LEU A 1 22  ? 0.821   -10.849 -4.323  1.00 11.76 ? 22  LEU A CA  1 
ATOM   161  C C   . LEU A 1 22  ? 1.807   -12.010 -4.407  1.00 12.13 ? 22  LEU A C   1 
ATOM   162  O O   . LEU A 1 22  ? 1.546   -13.017 -5.068  1.00 12.46 ? 22  LEU A O   1 
ATOM   163  C CB  . LEU A 1 22  ? -0.164  -11.068 -3.168  1.00 10.52 ? 22  LEU A CB  1 
ATOM   164  C CG  . LEU A 1 22  ? -1.269  -10.014 -3.037  1.00 11.49 ? 22  LEU A CG  1 
ATOM   165  C CD1 . LEU A 1 22  ? -2.062  -10.269 -1.758  1.00 11.25 ? 22  LEU A CD1 1 
ATOM   166  C CD2 . LEU A 1 22  ? -0.657  -8.614  -3.009  1.00 11.93 ? 22  LEU A CD2 1 
ATOM   167  N N   . TYR A 1 23  ? 2.945   -11.855 -3.741  1.00 12.15 ? 23  TYR A N   1 
ATOM   168  C CA  . TYR A 1 23  ? 3.993   -12.871 -3.739  1.00 12.44 ? 23  TYR A CA  1 
ATOM   169  C C   . TYR A 1 23  ? 3.764   -13.861 -2.598  1.00 13.11 ? 23  TYR A C   1 
ATOM   170  O O   . TYR A 1 23  ? 4.596   -13.995 -1.699  1.00 13.00 ? 23  TYR A O   1 
ATOM   171  C CB  . TYR A 1 23  ? 5.356   -12.190 -3.573  1.00 10.77 ? 23  TYR A CB  1 
ATOM   172  C CG  . TYR A 1 23  ? 5.687   -11.170 -4.648  1.00 12.18 ? 23  TYR A CG  1 
ATOM   173  C CD1 . TYR A 1 23  ? 6.444   -10.036 -4.344  1.00 11.15 ? 23  TYR A CD1 1 
ATOM   174  C CD2 . TYR A 1 23  ? 5.299   -11.363 -5.975  1.00 14.36 ? 23  TYR A CD2 1 
ATOM   175  C CE1 . TYR A 1 23  ? 6.809   -9.124  -5.334  1.00 12.35 ? 23  TYR A CE1 1 
ATOM   176  C CE2 . TYR A 1 23  ? 5.660   -10.459 -6.971  1.00 13.48 ? 23  TYR A CE2 1 
ATOM   177  C CZ  . TYR A 1 23  ? 6.418   -9.344  -6.645  1.00 10.36 ? 23  TYR A CZ  1 
ATOM   178  O OH  . TYR A 1 23  ? 6.798   -8.460  -7.632  1.00 12.96 ? 23  TYR A OH  1 
ATOM   179  N N   . ASN A 1 24  ? 2.636   -14.564 -2.656  1.00 13.91 ? 24  ASN A N   1 
ATOM   180  C CA  . ASN A 1 24  ? 2.256   -15.529 -1.628  1.00 17.20 ? 24  ASN A CA  1 
ATOM   181  C C   . ASN A 1 24  ? 3.319   -16.580 -1.315  1.00 17.44 ? 24  ASN A C   1 
ATOM   182  O O   . ASN A 1 24  ? 3.490   -16.973 -0.160  1.00 16.68 ? 24  ASN A O   1 
ATOM   183  C CB  . ASN A 1 24  ? 0.971   -16.252 -2.037  1.00 19.39 ? 24  ASN A CB  1 
ATOM   184  C CG  . ASN A 1 24  ? 0.148   -15.464 -3.036  1.00 21.54 ? 24  ASN A CG  1 
ATOM   185  O OD1 . ASN A 1 24  ? -0.241  -14.329 -2.779  1.00 21.34 ? 24  ASN A OD1 1 
ATOM   186  N ND2 . ASN A 1 24  ? -0.123  -16.071 -4.189  1.00 24.45 ? 24  ASN A ND2 1 
ATOM   187  N N   . ASP A 1 25  ? 4.021   -17.038 -2.347  1.00 18.93 ? 25  ASP A N   1 
ATOM   188  C CA  . ASP A 1 25  ? 5.048   -18.064 -2.193  1.00 19.87 ? 25  ASP A CA  1 
ATOM   189  C C   . ASP A 1 25  ? 6.291   -17.628 -1.416  1.00 19.56 ? 25  ASP A C   1 
ATOM   190  O O   . ASP A 1 25  ? 6.952   -18.453 -0.786  1.00 20.56 ? 25  ASP A O   1 
ATOM   191  C CB  . ASP A 1 25  ? 5.465   -18.584 -3.572  1.00 23.37 ? 25  ASP A CB  1 
ATOM   192  C CG  . ASP A 1 25  ? 5.827   -17.466 -4.532  1.00 27.63 ? 25  ASP A CG  1 
ATOM   193  O OD1 . ASP A 1 25  ? 4.966   -16.595 -4.787  1.00 30.99 ? 25  ASP A OD1 1 
ATOM   194  O OD2 . ASP A 1 25  ? 6.971   -17.458 -5.035  1.00 31.13 ? 25  ASP A OD2 1 
ATOM   195  N N   . ILE A 1 26  ? 6.602   -16.337 -1.455  1.00 18.03 ? 26  ILE A N   1 
ATOM   196  C CA  . ILE A 1 26  ? 7.779   -15.818 -0.762  1.00 17.45 ? 26  ILE A CA  1 
ATOM   197  C C   . ILE A 1 26  ? 7.445   -15.207 0.599   1.00 15.11 ? 26  ILE A C   1 
ATOM   198  O O   . ILE A 1 26  ? 8.167   -15.406 1.579   1.00 15.05 ? 26  ILE A O   1 
ATOM   199  C CB  . ILE A 1 26  ? 8.498   -14.761 -1.628  1.00 19.75 ? 26  ILE A CB  1 
ATOM   200  C CG1 . ILE A 1 26  ? 8.905   -15.385 -2.967  1.00 21.69 ? 26  ILE A CG1 1 
ATOM   201  C CG2 . ILE A 1 26  ? 9.725   -14.233 -0.895  1.00 20.87 ? 26  ILE A CG2 1 
ATOM   202  C CD1 . ILE A 1 26  ? 9.579   -14.422 -3.922  1.00 24.25 ? 26  ILE A CD1 1 
ATOM   203  N N   . VAL A 1 27  ? 6.355   -14.451 0.654   1.00 12.93 ? 27  VAL A N   1 
ATOM   204  C CA  . VAL A 1 27  ? 5.923   -13.825 1.902   1.00 12.29 ? 27  VAL A CA  1 
ATOM   205  C C   . VAL A 1 27  ? 4.445   -14.114 2.114   1.00 10.70 ? 27  VAL A C   1 
ATOM   206  O O   . VAL A 1 27  ? 3.603   -13.225 2.006   1.00 10.46 ? 27  VAL A O   1 
ATOM   207  C CB  . VAL A 1 27  ? 6.148   -12.294 1.887   1.00 11.72 ? 27  VAL A CB  1 
ATOM   208  C CG1 . VAL A 1 27  ? 7.615   -11.987 2.140   1.00 11.40 ? 27  VAL A CG1 1 
ATOM   209  C CG2 . VAL A 1 27  ? 5.715   -11.712 0.553   1.00 11.90 ? 27  VAL A CG2 1 
ATOM   210  N N   . PRO A 1 28  ? 4.114   -15.375 2.428   1.00 11.75 ? 28  PRO A N   1 
ATOM   211  C CA  . PRO A 1 28  ? 2.731   -15.802 2.655   1.00 11.40 ? 28  PRO A CA  1 
ATOM   212  C C   . PRO A 1 28  ? 1.989   -15.062 3.762   1.00 10.73 ? 28  PRO A C   1 
ATOM   213  O O   . PRO A 1 28  ? 0.814   -14.724 3.609   1.00 11.57 ? 28  PRO A O   1 
ATOM   214  C CB  . PRO A 1 28  ? 2.878   -17.293 2.951   1.00 11.69 ? 28  PRO A CB  1 
ATOM   215  C CG  . PRO A 1 28  ? 4.238   -17.381 3.581   1.00 11.98 ? 28  PRO A CG  1 
ATOM   216  C CD  . PRO A 1 28  ? 5.051   -16.485 2.681   1.00 11.30 ? 28  PRO A CD  1 
ATOM   217  N N   . LYS A 1 29  ? 2.671   -14.804 4.873   1.00 11.62 ? 29  LYS A N   1 
ATOM   218  C CA  . LYS A 1 29  ? 2.045   -14.123 6.000   1.00 10.47 ? 29  LYS A CA  1 
ATOM   219  C C   . LYS A 1 29  ? 1.711   -12.663 5.704   1.00 11.17 ? 29  LYS A C   1 
ATOM   220  O O   . LYS A 1 29  ? 0.654   -12.161 6.091   1.00 10.33 ? 29  LYS A O   1 
ATOM   221  C CB  . LYS A 1 29  ? 2.950   -14.210 7.228   1.00 13.61 ? 29  LYS A CB  1 
ATOM   222  C CG  . LYS A 1 29  ? 2.344   -13.586 8.470   1.00 14.98 ? 29  LYS A CG  1 
ATOM   223  C CD  . LYS A 1 29  ? 3.240   -13.784 9.680   1.00 16.92 ? 29  LYS A CD  1 
ATOM   224  C CE  . LYS A 1 29  ? 2.629   -13.156 10.918  1.00 17.15 ? 29  LYS A CE  1 
ATOM   225  N NZ  . LYS A 1 29  ? 3.488   -13.376 12.114  1.00 20.21 ? 29  LYS A NZ  1 
ATOM   226  N N   . THR A 1 30  ? 2.617   -11.984 5.013   1.00 8.26  ? 30  THR A N   1 
ATOM   227  C CA  . THR A 1 30  ? 2.417   -10.584 4.664   1.00 9.26  ? 30  THR A CA  1 
ATOM   228  C C   . THR A 1 30  ? 1.351   -10.474 3.570   1.00 8.70  ? 30  THR A C   1 
ATOM   229  O O   . THR A 1 30  ? 0.492   -9.592  3.608   1.00 9.69  ? 30  THR A O   1 
ATOM   230  C CB  . THR A 1 30  ? 3.741   -9.957  4.186   1.00 8.29  ? 30  THR A CB  1 
ATOM   231  O OG1 . THR A 1 30  ? 4.743   -10.146 5.196   1.00 10.37 ? 30  THR A OG1 1 
ATOM   232  C CG2 . THR A 1 30  ? 3.568   -8.464  3.935   1.00 9.09  ? 30  THR A CG2 1 
ATOM   233  N N   . ALA A 1 31  ? 1.407   -11.381 2.600   1.00 9.34  ? 31  ALA A N   1 
ATOM   234  C CA  . ALA A 1 31  ? 0.432   -11.394 1.512   1.00 9.63  ? 31  ALA A CA  1 
ATOM   235  C C   . ALA A 1 31  ? -0.983  -11.652 2.039   1.00 9.14  ? 31  ALA A C   1 
ATOM   236  O O   . ALA A 1 31  ? -1.935  -11.007 1.604   1.00 9.08  ? 31  ALA A O   1 
ATOM   237  C CB  . ALA A 1 31  ? 0.808   -12.457 0.483   1.00 11.14 ? 31  ALA A CB  1 
ATOM   238  N N   . GLU A 1 32  ? -1.111  -12.593 2.972   1.00 9.73  ? 32  GLU A N   1 
ATOM   239  C CA  . GLU A 1 32  ? -2.408  -12.929 3.557   1.00 10.04 ? 32  GLU A CA  1 
ATOM   240  C C   . GLU A 1 32  ? -3.004  -11.729 4.283   1.00 9.50  ? 32  GLU A C   1 
ATOM   241  O O   . GLU A 1 32  ? -4.202  -11.474 4.195   1.00 8.21  ? 32  GLU A O   1 
ATOM   242  C CB  . GLU A 1 32  ? -2.267  -14.118 4.515   1.00 9.73  ? 32  GLU A CB  1 
ATOM   243  C CG  . GLU A 1 32  ? -3.525  -14.485 5.314   1.00 10.08 ? 32  GLU A CG  1 
ATOM   244  C CD  . GLU A 1 32  ? -4.754  -14.724 4.452   1.00 13.80 ? 32  GLU A CD  1 
ATOM   245  O OE1 . GLU A 1 32  ? -4.603  -15.090 3.267   1.00 12.58 ? 32  GLU A OE1 1 
ATOM   246  O OE2 . GLU A 1 32  ? -5.878  -14.557 4.973   1.00 14.03 ? 32  GLU A OE2 1 
ATOM   247  N N   . ASN A 1 33  ? -2.163  -10.986 4.996   1.00 8.92  ? 33  ASN A N   1 
ATOM   248  C CA  . ASN A 1 33  ? -2.629  -9.805  5.713   1.00 7.85  ? 33  ASN A CA  1 
ATOM   249  C C   . ASN A 1 33  ? -3.249  -8.811  4.723   1.00 6.36  ? 33  ASN A C   1 
ATOM   250  O O   . ASN A 1 33  ? -4.373  -8.339  4.907   1.00 7.05  ? 33  ASN A O   1 
ATOM   251  C CB  . ASN A 1 33  ? -1.448  -9.159  6.453   1.00 8.24  ? 33  ASN A CB  1 
ATOM   252  C CG  . ASN A 1 33  ? -1.840  -7.902  7.209   1.00 9.72  ? 33  ASN A CG  1 
ATOM   253  O OD1 . ASN A 1 33  ? -2.668  -7.938  8.119   1.00 10.64 ? 33  ASN A OD1 1 
ATOM   254  N ND2 . ASN A 1 33  ? -1.242  -6.779  6.835   1.00 9.56  ? 33  ASN A ND2 1 
ATOM   255  N N   . PHE A 1 34  ? -2.521  -8.512  3.654   1.00 6.47  ? 34  PHE A N   1 
ATOM   256  C CA  . PHE A 1 34  ? -3.003  -7.567  2.656   1.00 5.56  ? 34  PHE A CA  1 
ATOM   257  C C   . PHE A 1 34  ? -4.272  -8.074  1.963   1.00 6.06  ? 34  PHE A C   1 
ATOM   258  O O   . PHE A 1 34  ? -5.219  -7.316  1.752   1.00 6.45  ? 34  PHE A O   1 
ATOM   259  C CB  . PHE A 1 34  ? -1.897  -7.293  1.630   1.00 6.34  ? 34  PHE A CB  1 
ATOM   260  C CG  . PHE A 1 34  ? -2.172  -6.119  0.734   1.00 6.96  ? 34  PHE A CG  1 
ATOM   261  C CD1 . PHE A 1 34  ? -2.773  -6.293  -0.509  1.00 6.02  ? 34  PHE A CD1 1 
ATOM   262  C CD2 . PHE A 1 34  ? -1.833  -4.829  1.135   1.00 5.77  ? 34  PHE A CD2 1 
ATOM   263  C CE1 . PHE A 1 34  ? -3.030  -5.203  -1.335  1.00 7.16  ? 34  PHE A CE1 1 
ATOM   264  C CE2 . PHE A 1 34  ? -2.086  -3.732  0.318   1.00 5.18  ? 34  PHE A CE2 1 
ATOM   265  C CZ  . PHE A 1 34  ? -2.686  -3.915  -0.922  1.00 7.13  ? 34  PHE A CZ  1 
ATOM   266  N N   . ARG A 1 35  ? -4.285  -9.357  1.618   1.00 6.94  ? 35  ARG A N   1 
ATOM   267  C CA  . ARG A 1 35  ? -5.445  -9.951  0.959   1.00 7.64  ? 35  ARG A CA  1 
ATOM   268  C C   . ARG A 1 35  ? -6.693  -9.815  1.832   1.00 7.19  ? 35  ARG A C   1 
ATOM   269  O O   . ARG A 1 35  ? -7.737  -9.345  1.375   1.00 7.31  ? 35  ARG A O   1 
ATOM   270  C CB  . ARG A 1 35  ? -5.188  -11.430 0.680   1.00 7.21  ? 35  ARG A CB  1 
ATOM   271  C CG  . ARG A 1 35  ? -6.324  -12.124 -0.064  1.00 8.23  ? 35  ARG A CG  1 
ATOM   272  C CD  . ARG A 1 35  ? -6.287  -13.626 0.171   1.00 9.27  ? 35  ARG A CD  1 
ATOM   273  N NE  . ARG A 1 35  ? -6.654  -13.958 1.547   1.00 9.37  ? 35  ARG A NE  1 
ATOM   274  C CZ  . ARG A 1 35  ? -7.886  -13.866 2.038   1.00 9.44  ? 35  ARG A CZ  1 
ATOM   275  N NH1 . ARG A 1 35  ? -8.888  -13.459 1.268   1.00 10.87 ? 35  ARG A NH1 1 
ATOM   276  N NH2 . ARG A 1 35  ? -8.114  -14.168 3.308   1.00 10.88 ? 35  ARG A NH2 1 
ATOM   277  N N   . ALA A 1 36  ? -6.580  -10.226 3.091   1.00 8.82  ? 36  ALA A N   1 
ATOM   278  C CA  . ALA A 1 36  ? -7.709  -10.146 4.016   1.00 7.85  ? 36  ALA A CA  1 
ATOM   279  C C   . ALA A 1 36  ? -8.180  -8.707  4.213   1.00 6.45  ? 36  ALA A C   1 
ATOM   280  O O   . ALA A 1 36  ? -9.376  -8.445  4.322   1.00 7.69  ? 36  ALA A O   1 
ATOM   281  C CB  . ALA A 1 36  ? -7.332  -10.762 5.360   1.00 8.54  ? 36  ALA A CB  1 
ATOM   282  N N   . LEU A 1 37  ? -7.244  -7.762  4.263   1.00 7.13  ? 37  LEU A N   1 
ATOM   283  C CA  . LEU A 1 37  ? -7.635  -6.375  4.442   1.00 6.56  ? 37  LEU A CA  1 
ATOM   284  C C   . LEU A 1 37  ? -8.354  -5.855  3.194   1.00 6.58  ? 37  LEU A C   1 
ATOM   285  O O   . LEU A 1 37  ? -9.195  -4.962  3.280   1.00 7.07  ? 37  LEU A O   1 
ATOM   286  C CB  . LEU A 1 37  ? -6.406  -5.522  4.782   1.00 6.01  ? 37  LEU A CB  1 
ATOM   287  C CG  . LEU A 1 37  ? -5.802  -5.857  6.152   1.00 8.02  ? 37  LEU A CG  1 
ATOM   288  C CD1 . LEU A 1 37  ? -4.533  -5.052  6.371   1.00 8.53  ? 37  LEU A CD1 1 
ATOM   289  C CD2 . LEU A 1 37  ? -6.816  -5.558  7.250   1.00 7.39  ? 37  LEU A CD2 1 
ATOM   290  N N   . CYS A 1 38  ? -8.041  -6.432  2.036   1.00 6.92  ? 38  CYS A N   1 
ATOM   291  C CA  . CYS A 1 38  ? -8.690  -6.024  0.796   1.00 6.61  ? 38  CYS A CA  1 
ATOM   292  C C   . CYS A 1 38  ? -10.135 -6.510  0.761   1.00 6.47  ? 38  CYS A C   1 
ATOM   293  O O   . CYS A 1 38  ? -11.027 -5.777  0.352   1.00 8.10  ? 38  CYS A O   1 
ATOM   294  C CB  . CYS A 1 38  ? -7.946  -6.584  -0.417  1.00 4.87  ? 38  CYS A CB  1 
ATOM   295  S SG  . CYS A 1 38  ? -6.451  -5.663  -0.856  1.00 7.77  ? 38  CYS A SG  1 
ATOM   296  N N   . THR A 1 39  ? -10.363 -7.746  1.192   1.00 8.12  ? 39  THR A N   1 
ATOM   297  C CA  . THR A 1 39  ? -11.720 -8.287  1.182   1.00 9.37  ? 39  THR A CA  1 
ATOM   298  C C   . THR A 1 39  ? -12.547 -7.748  2.339   1.00 10.87 ? 39  THR A C   1 
ATOM   299  O O   . THR A 1 39  ? -13.771 -7.650  2.243   1.00 9.48  ? 39  THR A O   1 
ATOM   300  C CB  . THR A 1 39  ? -11.729 -9.823  1.275   1.00 8.84  ? 39  THR A CB  1 
ATOM   301  O OG1 . THR A 1 39  ? -11.271 -10.230 2.570   1.00 8.29  ? 39  THR A OG1 1 
ATOM   302  C CG2 . THR A 1 39  ? -10.835 -10.428 0.215   1.00 10.42 ? 39  THR A CG2 1 
ATOM   303  N N   . GLY A 1 40  ? -11.870 -7.404  3.433   1.00 9.64  ? 40  GLY A N   1 
ATOM   304  C CA  . GLY A 1 40  ? -12.561 -6.892  4.601   1.00 11.12 ? 40  GLY A CA  1 
ATOM   305  C C   . GLY A 1 40  ? -13.274 -8.003  5.350   1.00 10.92 ? 40  GLY A C   1 
ATOM   306  O O   . GLY A 1 40  ? -14.105 -7.737  6.216   1.00 10.60 ? 40  GLY A O   1 
ATOM   307  N N   . GLU A 1 41  ? -12.933 -9.246  5.030   1.00 10.69 ? 41  GLU A N   1 
ATOM   308  C CA  . GLU A 1 41  ? -13.571 -10.406 5.648   1.00 11.82 ? 41  GLU A CA  1 
ATOM   309  C C   . GLU A 1 41  ? -13.430 -10.506 7.164   1.00 12.93 ? 41  GLU A C   1 
ATOM   310  O O   . GLU A 1 41  ? -14.226 -11.186 7.814   1.00 13.10 ? 41  GLU A O   1 
ATOM   311  C CB  . GLU A 1 41  ? -13.057 -11.696 4.994   1.00 10.67 ? 41  GLU A CB  1 
ATOM   312  C CG  . GLU A 1 41  ? -11.559 -11.948 5.138   1.00 11.53 ? 41  GLU A CG  1 
ATOM   313  C CD  . GLU A 1 41  ? -11.076 -13.052 4.211   1.00 12.12 ? 41  GLU A CD  1 
ATOM   314  O OE1 . GLU A 1 41  ? -10.710 -14.141 4.705   1.00 13.59 ? 41  GLU A OE1 1 
ATOM   315  O OE2 . GLU A 1 41  ? -11.069 -12.829 2.980   1.00 13.33 ? 41  GLU A OE2 1 
ATOM   316  N N   . LYS A 1 42  ? -12.432 -9.832  7.729   1.00 11.16 ? 42  LYS A N   1 
ATOM   317  C CA  . LYS A 1 42  ? -12.216 -9.871  9.176   1.00 12.87 ? 42  LYS A CA  1 
ATOM   318  C C   . LYS A 1 42  ? -13.074 -8.842  9.911   1.00 13.06 ? 42  LYS A C   1 
ATOM   319  O O   . LYS A 1 42  ? -13.123 -8.835  11.140  1.00 12.72 ? 42  LYS A O   1 
ATOM   320  C CB  . LYS A 1 42  ? -10.742 -9.608  9.507   1.00 13.12 ? 42  LYS A CB  1 
ATOM   321  C CG  . LYS A 1 42  ? -9.746  -10.520 8.806   1.00 15.58 ? 42  LYS A CG  1 
ATOM   322  C CD  . LYS A 1 42  ? -9.882  -11.965 9.237   1.00 16.60 ? 42  LYS A CD  1 
ATOM   323  C CE  . LYS A 1 42  ? -8.718  -12.793 8.709   1.00 15.71 ? 42  LYS A CE  1 
ATOM   324  N NZ  . LYS A 1 42  ? -8.851  -14.234 9.060   1.00 16.58 ? 42  LYS A NZ  1 
ATOM   325  N N   . GLY A 1 43  ? -13.736 -7.966  9.162   1.00 12.14 ? 43  GLY A N   1 
ATOM   326  C CA  . GLY A 1 43  ? -14.575 -6.955  9.780   1.00 11.70 ? 43  GLY A CA  1 
ATOM   327  C C   . GLY A 1 43  ? -13.975 -5.566  9.689   1.00 12.49 ? 43  GLY A C   1 
ATOM   328  O O   . GLY A 1 43  ? -14.557 -4.588  10.158  1.00 14.14 ? 43  GLY A O   1 
ATOM   329  N N   . PHE A 1 44  ? -12.797 -5.485  9.084   1.00 12.09 ? 44  PHE A N   1 
ATOM   330  C CA  . PHE A 1 44  ? -12.103 -4.216  8.912   1.00 12.20 ? 44  PHE A CA  1 
ATOM   331  C C   . PHE A 1 44  ? -11.185 -4.344  7.708   1.00 11.81 ? 44  PHE A C   1 
ATOM   332  O O   . PHE A 1 44  ? -10.806 -5.449  7.323   1.00 11.68 ? 44  PHE A O   1 
ATOM   333  C CB  . PHE A 1 44  ? -11.293 -3.866  10.169  1.00 12.86 ? 44  PHE A CB  1 
ATOM   334  C CG  . PHE A 1 44  ? -10.442 -4.994  10.681  1.00 12.01 ? 44  PHE A CG  1 
ATOM   335  C CD1 . PHE A 1 44  ? -10.969 -5.947  11.549  1.00 11.59 ? 44  PHE A CD1 1 
ATOM   336  C CD2 . PHE A 1 44  ? -9.113  -5.115  10.287  1.00 10.72 ? 44  PHE A CD2 1 
ATOM   337  C CE1 . PHE A 1 44  ? -10.184 -7.000  12.015  1.00 11.97 ? 44  PHE A CE1 1 
ATOM   338  C CE2 . PHE A 1 44  ? -8.322  -6.165  10.746  1.00 11.99 ? 44  PHE A CE2 1 
ATOM   339  C CZ  . PHE A 1 44  ? -8.858  -7.110  11.611  1.00 11.61 ? 44  PHE A CZ  1 
ATOM   340  N N   . GLY A 1 45  ? -10.836 -3.219  7.100   1.00 11.29 ? 45  GLY A N   1 
ATOM   341  C CA  . GLY A 1 45  ? -9.973  -3.294  5.940   1.00 10.42 ? 45  GLY A CA  1 
ATOM   342  C C   . GLY A 1 45  ? -9.769  -1.984  5.219   1.00 7.98  ? 45  GLY A C   1 
ATOM   343  O O   . GLY A 1 45  ? -10.103 -0.914  5.722   1.00 9.07  ? 45  GLY A O   1 
ATOM   344  N N   . TYR A 1 46  ? -9.244  -2.089  4.003   1.00 7.78  ? 46  TYR A N   1 
ATOM   345  C CA  . TYR A 1 46  ? -8.925  -0.931  3.184   1.00 7.93  ? 46  TYR A CA  1 
ATOM   346  C C   . TYR A 1 46  ? -10.046 -0.112  2.557   1.00 7.12  ? 46  TYR A C   1 
ATOM   347  O O   . TYR A 1 46  ? -9.836  1.057   2.238   1.00 8.47  ? 46  TYR A O   1 
ATOM   348  C CB  . TYR A 1 46  ? -7.954  -1.355  2.081   1.00 7.56  ? 46  TYR A CB  1 
ATOM   349  C CG  . TYR A 1 46  ? -6.646  -1.913  2.593   1.00 6.67  ? 46  TYR A CG  1 
ATOM   350  C CD1 . TYR A 1 46  ? -5.933  -1.263  3.610   1.00 6.83  ? 46  TYR A CD1 1 
ATOM   351  C CD2 . TYR A 1 46  ? -6.091  -3.059  2.024   1.00 5.65  ? 46  TYR A CD2 1 
ATOM   352  C CE1 . TYR A 1 46  ? -4.697  -1.745  4.039   1.00 5.49  ? 46  TYR A CE1 1 
ATOM   353  C CE2 . TYR A 1 46  ? -4.856  -3.545  2.444   1.00 7.28  ? 46  TYR A CE2 1 
ATOM   354  C CZ  . TYR A 1 46  ? -4.163  -2.884  3.448   1.00 8.10  ? 46  TYR A CZ  1 
ATOM   355  O OH  . TYR A 1 46  ? -2.933  -3.354  3.837   1.00 7.35  ? 46  TYR A OH  1 
ATOM   356  N N   . ALA A 1 47  ? -11.228 -0.696  2.369   1.00 7.85  ? 47  ALA A N   1 
ATOM   357  C CA  . ALA A 1 47  ? -12.312 0.061   1.752   1.00 7.50  ? 47  ALA A CA  1 
ATOM   358  C C   . ALA A 1 47  ? -12.593 1.326   2.549   1.00 8.84  ? 47  ALA A C   1 
ATOM   359  O O   . ALA A 1 47  ? -12.870 1.265   3.746   1.00 9.91  ? 47  ALA A O   1 
ATOM   360  C CB  . ALA A 1 47  ? -13.575 -0.793  1.653   1.00 8.96  ? 47  ALA A CB  1 
ATOM   361  N N   . GLY A 1 48  ? -12.504 2.473   1.880   1.00 8.71  ? 48  GLY A N   1 
ATOM   362  C CA  . GLY A 1 48  ? -12.752 3.742   2.539   1.00 10.71 ? 48  GLY A CA  1 
ATOM   363  C C   . GLY A 1 48  ? -11.505 4.415   3.084   1.00 10.47 ? 48  GLY A C   1 
ATOM   364  O O   . GLY A 1 48  ? -11.566 5.563   3.521   1.00 12.45 ? 48  GLY A O   1 
ATOM   365  N N   . SER A 1 49  ? -10.374 3.714   3.060   1.00 10.98 ? 49  SER A N   1 
ATOM   366  C CA  . SER A 1 49  ? -9.131  4.286   3.571   1.00 9.36  ? 49  SER A CA  1 
ATOM   367  C C   . SER A 1 49  ? -8.464  5.165   2.518   1.00 9.83  ? 49  SER A C   1 
ATOM   368  O O   . SER A 1 49  ? -8.520  4.880   1.321   1.00 9.98  ? 49  SER A O   1 
ATOM   369  C CB  . SER A 1 49  ? -8.175  3.181   4.042   1.00 10.02 ? 49  SER A CB  1 
ATOM   370  O OG  . SER A 1 49  ? -7.718  2.374   2.972   1.00 8.07  ? 49  SER A OG  1 
ATOM   371  N N   . PRO A 1 50  ? -7.819  6.253   2.956   1.00 9.13  ? 50  PRO A N   1 
ATOM   372  C CA  . PRO A 1 50  ? -7.149  7.181   2.043   1.00 9.62  ? 50  PRO A CA  1 
ATOM   373  C C   . PRO A 1 50  ? -5.687  6.906   1.722   1.00 9.82  ? 50  PRO A C   1 
ATOM   374  O O   . PRO A 1 50  ? -5.024  6.100   2.368   1.00 9.96  ? 50  PRO A O   1 
ATOM   375  C CB  . PRO A 1 50  ? -7.292  8.507   2.766   1.00 9.61  ? 50  PRO A CB  1 
ATOM   376  C CG  . PRO A 1 50  ? -7.042  8.090   4.188   1.00 9.95  ? 50  PRO A CG  1 
ATOM   377  C CD  . PRO A 1 50  ? -7.868  6.811   4.322   1.00 10.00 ? 50  PRO A CD  1 
ATOM   378  N N   . PHE A 1 51  ? -5.210  7.587   0.686   1.00 10.28 ? 51  PHE A N   1 
ATOM   379  C CA  . PHE A 1 51  ? -3.804  7.542   0.321   1.00 10.33 ? 51  PHE A CA  1 
ATOM   380  C C   . PHE A 1 51  ? -3.405  8.871   0.947   1.00 9.40  ? 51  PHE A C   1 
ATOM   381  O O   . PHE A 1 51  ? -3.502  9.926   0.316   1.00 10.26 ? 51  PHE A O   1 
ATOM   382  C CB  . PHE A 1 51  ? -3.606  7.592   -1.194  1.00 10.59 ? 51  PHE A CB  1 
ATOM   383  C CG  . PHE A 1 51  ? -3.840  6.282   -1.875  1.00 11.26 ? 51  PHE A CG  1 
ATOM   384  C CD1 . PHE A 1 51  ? -5.104  5.947   -2.359  1.00 12.86 ? 51  PHE A CD1 1 
ATOM   385  C CD2 . PHE A 1 51  ? -2.801  5.371   -2.021  1.00 11.19 ? 51  PHE A CD2 1 
ATOM   386  C CE1 . PHE A 1 51  ? -5.323  4.725   -2.978  1.00 13.46 ? 51  PHE A CE1 1 
ATOM   387  C CE2 . PHE A 1 51  ? -3.011  4.141   -2.640  1.00 12.82 ? 51  PHE A CE2 1 
ATOM   388  C CZ  . PHE A 1 51  ? -4.278  3.821   -3.120  1.00 13.02 ? 51  PHE A CZ  1 
ATOM   389  N N   . HIS A 1 52  ? -2.992  8.811   2.208   1.00 9.53  ? 52  HIS A N   1 
ATOM   390  C CA  . HIS A 1 52  ? -2.644  10.001  2.970   1.00 10.29 ? 52  HIS A CA  1 
ATOM   391  C C   . HIS A 1 52  ? -1.278  10.589  2.681   1.00 10.58 ? 52  HIS A C   1 
ATOM   392  O O   . HIS A 1 52  ? -0.947  11.674  3.159   1.00 12.39 ? 52  HIS A O   1 
ATOM   393  C CB  . HIS A 1 52  ? -2.749  9.704   4.472   1.00 8.88  ? 52  HIS A CB  1 
ATOM   394  C CG  . HIS A 1 52  ? -1.717  8.741   4.973   1.00 9.01  ? 52  HIS A CG  1 
ATOM   395  N ND1 . HIS A 1 52  ? -1.795  7.382   4.761   1.00 7.75  ? 52  HIS A ND1 1 
ATOM   396  C CD2 . HIS A 1 52  ? -0.571  8.947   5.668   1.00 9.12  ? 52  HIS A CD2 1 
ATOM   397  C CE1 . HIS A 1 52  ? -0.744  6.791   5.302   1.00 9.69  ? 52  HIS A CE1 1 
ATOM   398  N NE2 . HIS A 1 52  ? 0.015   7.720   5.859   1.00 10.10 ? 52  HIS A NE2 1 
ATOM   399  N N   . ARG A 1 53  ? -0.484  9.885   1.890   1.00 9.67  ? 53  ARG A N   1 
ATOM   400  C CA  . ARG A 1 53  ? 0.847   10.369  1.588   1.00 10.27 ? 53  ARG A CA  1 
ATOM   401  C C   . ARG A 1 53  ? 1.196   9.998   0.155   1.00 9.38  ? 53  ARG A C   1 
ATOM   402  O O   . ARG A 1 53  ? 1.482   8.841   -0.135  1.00 11.14 ? 53  ARG A O   1 
ATOM   403  C CB  . ARG A 1 53  ? 1.822   9.727   2.570   1.00 12.69 ? 53  ARG A CB  1 
ATOM   404  C CG  . ARG A 1 53  ? 3.204   10.312  2.584   1.00 13.34 ? 53  ARG A CG  1 
ATOM   405  C CD  . ARG A 1 53  ? 4.061   9.538   3.566   1.00 15.82 ? 53  ARG A CD  1 
ATOM   406  N NE  . ARG A 1 53  ? 5.442   9.987   3.538   1.00 16.07 ? 53  ARG A NE  1 
ATOM   407  C CZ  . ARG A 1 53  ? 6.486   9.174   3.633   1.00 14.18 ? 53  ARG A CZ  1 
ATOM   408  N NH1 . ARG A 1 53  ? 6.302   7.866   3.762   1.00 13.70 ? 53  ARG A NH1 1 
ATOM   409  N NH2 . ARG A 1 53  ? 7.713   9.668   3.583   1.00 13.41 ? 53  ARG A NH2 1 
ATOM   410  N N   . VAL A 1 54  ? 1.155   10.980  -0.740  1.00 10.40 ? 54  VAL A N   1 
ATOM   411  C CA  . VAL A 1 54  ? 1.472   10.746  -2.144  1.00 10.25 ? 54  VAL A CA  1 
ATOM   412  C C   . VAL A 1 54  ? 2.602   11.680  -2.555  1.00 10.41 ? 54  VAL A C   1 
ATOM   413  O O   . VAL A 1 54  ? 2.415   12.893  -2.658  1.00 11.58 ? 54  VAL A O   1 
ATOM   414  C CB  . VAL A 1 54  ? 0.244   10.995  -3.036  1.00 10.44 ? 54  VAL A CB  1 
ATOM   415  C CG1 . VAL A 1 54  ? 0.597   10.740  -4.495  1.00 11.67 ? 54  VAL A CG1 1 
ATOM   416  C CG2 . VAL A 1 54  ? -0.897  10.083  -2.602  1.00 11.36 ? 54  VAL A CG2 1 
ATOM   417  N N   . ILE A 1 55  ? 3.768   11.096  -2.808  1.00 9.38  ? 55  ILE A N   1 
ATOM   418  C CA  . ILE A 1 55  ? 4.945   11.873  -3.168  1.00 10.30 ? 55  ILE A CA  1 
ATOM   419  C C   . ILE A 1 55  ? 5.455   11.557  -4.569  1.00 10.36 ? 55  ILE A C   1 
ATOM   420  O O   . ILE A 1 55  ? 5.962   10.462  -4.822  1.00 9.53  ? 55  ILE A O   1 
ATOM   421  C CB  . ILE A 1 55  ? 6.074   11.609  -2.157  1.00 10.01 ? 55  ILE A CB  1 
ATOM   422  C CG1 . ILE A 1 55  ? 5.582   11.930  -0.744  1.00 10.39 ? 55  ILE A CG1 1 
ATOM   423  C CG2 . ILE A 1 55  ? 7.291   12.451  -2.497  1.00 9.26  ? 55  ILE A CG2 1 
ATOM   424  C CD1 . ILE A 1 55  ? 6.599   11.638  0.340   1.00 10.58 ? 55  ILE A CD1 1 
ATOM   425  N N   . PRO A 1 56  ? 5.327   12.519  -5.498  1.00 10.56 ? 56  PRO A N   1 
ATOM   426  C CA  . PRO A 1 56  ? 5.785   12.330  -6.878  1.00 10.70 ? 56  PRO A CA  1 
ATOM   427  C C   . PRO A 1 56  ? 7.269   11.967  -6.912  1.00 10.28 ? 56  PRO A C   1 
ATOM   428  O O   . PRO A 1 56  ? 8.064   12.483  -6.125  1.00 11.60 ? 56  PRO A O   1 
ATOM   429  C CB  . PRO A 1 56  ? 5.508   13.688  -7.522  1.00 10.68 ? 56  PRO A CB  1 
ATOM   430  C CG  . PRO A 1 56  ? 4.315   14.184  -6.759  1.00 11.38 ? 56  PRO A CG  1 
ATOM   431  C CD  . PRO A 1 56  ? 4.674   13.831  -5.338  1.00 10.55 ? 56  PRO A CD  1 
ATOM   432  N N   . ASP A 1 57  ? 7.634   11.084  -7.835  1.00 11.49 ? 57  ASP A N   1 
ATOM   433  C CA  . ASP A 1 57  ? 9.010   10.623  -7.976  1.00 11.65 ? 57  ASP A CA  1 
ATOM   434  C C   . ASP A 1 57  ? 9.433   9.758   -6.795  1.00 11.03 ? 57  ASP A C   1 
ATOM   435  O O   . ASP A 1 57  ? 10.627  9.609   -6.528  1.00 10.75 ? 57  ASP A O   1 
ATOM   436  C CB  . ASP A 1 57  ? 9.988   11.803  -8.105  1.00 12.88 ? 57  ASP A CB  1 
ATOM   437  C CG  . ASP A 1 57  ? 9.656   12.720  -9.265  1.00 13.59 ? 57  ASP A CG  1 
ATOM   438  O OD1 . ASP A 1 57  ? 9.256   12.216  -10.335 1.00 16.90 ? 57  ASP A OD1 1 
ATOM   439  O OD2 . ASP A 1 57  ? 9.812   13.952  -9.110  1.00 15.95 ? 57  ASP A OD2 1 
ATOM   440  N N   . PHE A 1 58  ? 8.463   9.188   -6.079  1.00 9.49  ? 58  PHE A N   1 
ATOM   441  C CA  . PHE A 1 58  ? 8.783   8.335   -4.938  1.00 8.70  ? 58  PHE A CA  1 
ATOM   442  C C   . PHE A 1 58  ? 7.780   7.197   -4.745  1.00 9.73  ? 58  PHE A C   1 
ATOM   443  O O   . PHE A 1 58  ? 8.041   6.066   -5.142  1.00 8.95  ? 58  PHE A O   1 
ATOM   444  C CB  . PHE A 1 58  ? 8.876   9.172   -3.653  1.00 9.34  ? 58  PHE A CB  1 
ATOM   445  C CG  . PHE A 1 58  ? 9.294   8.385   -2.438  1.00 9.93  ? 58  PHE A CG  1 
ATOM   446  C CD1 . PHE A 1 58  ? 8.878   8.781   -1.172  1.00 10.05 ? 58  PHE A CD1 1 
ATOM   447  C CD2 . PHE A 1 58  ? 10.102  7.256   -2.553  1.00 11.46 ? 58  PHE A CD2 1 
ATOM   448  C CE1 . PHE A 1 58  ? 9.253   8.067   -0.038  1.00 10.34 ? 58  PHE A CE1 1 
ATOM   449  C CE2 . PHE A 1 58  ? 10.487  6.533   -1.424  1.00 12.54 ? 58  PHE A CE2 1 
ATOM   450  C CZ  . PHE A 1 58  ? 10.061  6.941   -0.162  1.00 11.37 ? 58  PHE A CZ  1 
ATOM   451  N N   . MET A 1 59  ? 6.636   7.489   -4.135  1.00 8.81  ? 59  MET A N   1 
ATOM   452  C CA  . MET A 1 59  ? 5.649   6.439   -3.909  1.00 8.53  ? 59  MET A CA  1 
ATOM   453  C C   . MET A 1 59  ? 4.304   6.945   -3.413  1.00 8.86  ? 59  MET A C   1 
ATOM   454  O O   . MET A 1 59  ? 4.142   8.125   -3.102  1.00 8.02  ? 59  MET A O   1 
ATOM   455  C CB  . MET A 1 59  ? 6.203   5.421   -2.905  1.00 9.47  ? 59  MET A CB  1 
ATOM   456  C CG  . MET A 1 59  ? 6.595   5.999   -1.534  1.00 9.87  ? 59  MET A CG  1 
ATOM   457  S SD  . MET A 1 59  ? 5.207   6.370   -0.407  1.00 11.02 ? 59  MET A SD  1 
ATOM   458  C CE  . MET A 1 59  ? 5.317   8.151   -0.291  1.00 15.56 ? 59  MET A CE  1 
ATOM   459  N N   . LEU A 1 60  ? 3.337   6.033   -3.368  1.00 8.07  ? 60  LEU A N   1 
ATOM   460  C CA  . LEU A 1 60  ? 1.994   6.320   -2.871  1.00 8.00  ? 60  LEU A CA  1 
ATOM   461  C C   . LEU A 1 60  ? 1.865   5.509   -1.592  1.00 6.51  ? 60  LEU A C   1 
ATOM   462  O O   . LEU A 1 60  ? 2.153   4.319   -1.596  1.00 6.76  ? 60  LEU A O   1 
ATOM   463  C CB  . LEU A 1 60  ? 0.920   5.831   -3.845  1.00 8.94  ? 60  LEU A CB  1 
ATOM   464  C CG  . LEU A 1 60  ? 0.562   6.598   -5.113  1.00 9.75  ? 60  LEU A CG  1 
ATOM   465  C CD1 . LEU A 1 60  ? 1.792   6.824   -5.977  1.00 10.87 ? 60  LEU A CD1 1 
ATOM   466  C CD2 . LEU A 1 60  ? -0.489  5.792   -5.876  1.00 11.44 ? 60  LEU A CD2 1 
ATOM   467  N N   . GLN A 1 61  ? 1.444   6.141   -0.501  1.00 6.52  ? 61  GLN A N   1 
ATOM   468  C CA  . GLN A 1 61  ? 1.276   5.409   0.746   1.00 6.25  ? 61  GLN A CA  1 
ATOM   469  C C   . GLN A 1 61  ? -0.156  5.501   1.251   1.00 5.57  ? 61  GLN A C   1 
ATOM   470  O O   . GLN A 1 61  ? -0.779  6.564   1.202   1.00 6.53  ? 61  GLN A O   1 
ATOM   471  C CB  . GLN A 1 61  ? 2.217   5.933   1.835   1.00 6.96  ? 61  GLN A CB  1 
ATOM   472  C CG  . GLN A 1 61  ? 2.188   5.086   3.103   1.00 9.11  ? 61  GLN A CG  1 
ATOM   473  C CD  . GLN A 1 61  ? 3.218   5.510   4.126   1.00 13.28 ? 61  GLN A CD  1 
ATOM   474  O OE1 . GLN A 1 61  ? 4.320   5.926   3.772   1.00 13.17 ? 61  GLN A OE1 1 
ATOM   475  N NE2 . GLN A 1 61  ? 2.874   5.385   5.403   1.00 11.70 ? 61  GLN A NE2 1 
ATOM   476  N N   . GLY A 1 62  ? -0.672  4.374   1.729   1.00 6.20  ? 62  GLY A N   1 
ATOM   477  C CA  . GLY A 1 62  ? -2.022  4.346   2.264   1.00 7.11  ? 62  GLY A CA  1 
ATOM   478  C C   . GLY A 1 62  ? -2.169  3.197   3.239   1.00 5.94  ? 62  GLY A C   1 
ATOM   479  O O   . GLY A 1 62  ? -1.181  2.708   3.787   1.00 6.31  ? 62  GLY A O   1 
ATOM   480  N N   . GLY A 1 63  ? -3.406  2.767   3.466   1.00 5.46  ? 63  GLY A N   1 
ATOM   481  C CA  . GLY A 1 63  ? -3.633  1.639   4.345   1.00 6.32  ? 63  GLY A CA  1 
ATOM   482  C C   . GLY A 1 63  ? -3.959  1.920   5.799   1.00 6.16  ? 63  GLY A C   1 
ATOM   483  O O   . GLY A 1 63  ? -4.162  0.977   6.558   1.00 7.33  ? 63  GLY A O   1 
ATOM   484  N N   . ASP A 1 64  ? -3.990  3.187   6.197   1.00 7.50  ? 64  ASP A N   1 
ATOM   485  C CA  . ASP A 1 64  ? -4.312  3.524   7.584   1.00 7.73  ? 64  ASP A CA  1 
ATOM   486  C C   . ASP A 1 64  ? -5.827  3.659   7.680   1.00 7.99  ? 64  ASP A C   1 
ATOM   487  O O   . ASP A 1 64  ? -6.365  4.756   7.551   1.00 7.26  ? 64  ASP A O   1 
ATOM   488  C CB  . ASP A 1 64  ? -3.653  4.846   7.990   1.00 9.01  ? 64  ASP A CB  1 
ATOM   489  C CG  . ASP A 1 64  ? -3.884  5.184   9.451   1.00 10.19 ? 64  ASP A CG  1 
ATOM   490  O OD1 . ASP A 1 64  ? -4.795  4.582   10.057  1.00 11.22 ? 64  ASP A OD1 1 
ATOM   491  O OD2 . ASP A 1 64  ? -3.164  6.050   9.989   1.00 12.09 ? 64  ASP A OD2 1 
ATOM   492  N N   . PHE A 1 65  ? -6.512  2.537   7.891   1.00 10.33 ? 65  PHE A N   1 
ATOM   493  C CA  . PHE A 1 65  ? -7.967  2.559   7.972   1.00 11.99 ? 65  PHE A CA  1 
ATOM   494  C C   . PHE A 1 65  ? -8.545  2.937   9.332   1.00 13.96 ? 65  PHE A C   1 
ATOM   495  O O   . PHE A 1 65  ? -9.764  2.961   9.496   1.00 14.85 ? 65  PHE A O   1 
ATOM   496  C CB  . PHE A 1 65  ? -8.558  1.212   7.526   1.00 11.91 ? 65  PHE A CB  1 
ATOM   497  C CG  . PHE A 1 65  ? -8.054  0.030   8.301   1.00 12.34 ? 65  PHE A CG  1 
ATOM   498  C CD1 . PHE A 1 65  ? -6.990  -0.730  7.824   1.00 13.50 ? 65  PHE A CD1 1 
ATOM   499  C CD2 . PHE A 1 65  ? -8.650  -0.337  9.505   1.00 11.85 ? 65  PHE A CD2 1 
ATOM   500  C CE1 . PHE A 1 65  ? -6.530  -1.839  8.531   1.00 13.69 ? 65  PHE A CE1 1 
ATOM   501  C CE2 . PHE A 1 65  ? -8.196  -1.444  10.219  1.00 13.06 ? 65  PHE A CE2 1 
ATOM   502  C CZ  . PHE A 1 65  ? -7.133  -2.197  9.729   1.00 14.72 ? 65  PHE A CZ  1 
ATOM   503  N N   . THR A 1 66  ? -7.692  3.238   10.306  1.00 14.64 ? 66  THR A N   1 
ATOM   504  C CA  . THR A 1 66  ? -8.201  3.617   11.621  1.00 15.07 ? 66  THR A CA  1 
ATOM   505  C C   . THR A 1 66  ? -8.027  5.108   11.913  1.00 16.40 ? 66  THR A C   1 
ATOM   506  O O   . THR A 1 66  ? -8.836  5.699   12.628  1.00 17.56 ? 66  THR A O   1 
ATOM   507  C CB  . THR A 1 66  ? -7.535  2.796   12.754  1.00 15.66 ? 66  THR A CB  1 
ATOM   508  O OG1 . THR A 1 66  ? -6.164  3.184   12.897  1.00 15.25 ? 66  THR A OG1 1 
ATOM   509  C CG2 . THR A 1 66  ? -7.607  1.309   12.443  1.00 15.30 ? 66  THR A CG2 1 
ATOM   510  N N   . ALA A 1 67  ? -6.984  5.718   11.352  1.00 14.78 ? 67  ALA A N   1 
ATOM   511  C CA  . ALA A 1 67  ? -6.725  7.141   11.568  1.00 15.16 ? 67  ALA A CA  1 
ATOM   512  C C   . ALA A 1 67  ? -6.503  7.902   10.259  1.00 14.65 ? 67  ALA A C   1 
ATOM   513  O O   . ALA A 1 67  ? -6.577  9.132   10.224  1.00 14.55 ? 67  ALA A O   1 
ATOM   514  C CB  . ALA A 1 67  ? -5.520  7.316   12.485  1.00 15.89 ? 67  ALA A CB  1 
ATOM   515  N N   . GLY A 1 68  ? -6.221  7.166   9.188   1.00 14.13 ? 68  GLY A N   1 
ATOM   516  C CA  . GLY A 1 68  ? -6.007  7.789   7.893   1.00 13.79 ? 68  GLY A CA  1 
ATOM   517  C C   . GLY A 1 68  ? -4.920  8.845   7.838   1.00 13.66 ? 68  GLY A C   1 
ATOM   518  O O   . GLY A 1 68  ? -4.975  9.745   7.000   1.00 14.38 ? 68  GLY A O   1 
ATOM   519  N N   . ASN A 1 69  ? -3.927  8.747   8.715   1.00 14.29 ? 69  ASN A N   1 
ATOM   520  C CA  . ASN A 1 69  ? -2.846  9.729   8.719   1.00 14.64 ? 69  ASN A CA  1 
ATOM   521  C C   . ASN A 1 69  ? -1.476  9.142   9.045   1.00 15.55 ? 69  ASN A C   1 
ATOM   522  O O   . ASN A 1 69  ? -0.532  9.888   9.323   1.00 16.10 ? 69  ASN A O   1 
ATOM   523  C CB  . ASN A 1 69  ? -3.157  10.858  9.705   1.00 16.11 ? 69  ASN A CB  1 
ATOM   524  C CG  . ASN A 1 69  ? -3.363  10.358  11.117  1.00 15.62 ? 69  ASN A CG  1 
ATOM   525  O OD1 . ASN A 1 69  ? -2.908  9.274   11.476  1.00 16.31 ? 69  ASN A OD1 1 
ATOM   526  N ND2 . ASN A 1 69  ? -4.038  11.158  11.935  1.00 18.19 ? 69  ASN A ND2 1 
ATOM   527  N N   . GLY A 1 70  ? -1.366  7.819   9.018   1.00 14.16 ? 70  GLY A N   1 
ATOM   528  C CA  . GLY A 1 70  ? -0.094  7.179   9.304   1.00 16.12 ? 70  GLY A CA  1 
ATOM   529  C C   . GLY A 1 70  ? 0.107   6.732   10.742  1.00 16.07 ? 70  GLY A C   1 
ATOM   530  O O   . GLY A 1 70  ? 1.023   5.964   11.034  1.00 15.83 ? 70  GLY A O   1 
ATOM   531  N N   . THR A 1 71  ? -0.748  7.200   11.644  1.00 17.22 ? 71  THR A N   1 
ATOM   532  C CA  . THR A 1 71  ? -0.634  6.835   13.054  1.00 17.16 ? 71  THR A CA  1 
ATOM   533  C C   . THR A 1 71  ? -1.476  5.618   13.413  1.00 17.87 ? 71  THR A C   1 
ATOM   534  O O   . THR A 1 71  ? -1.384  5.089   14.524  1.00 17.48 ? 71  THR A O   1 
ATOM   535  C CB  . THR A 1 71  ? -1.088  7.991   13.964  1.00 18.00 ? 71  THR A CB  1 
ATOM   536  O OG1 . THR A 1 71  ? -2.505  8.164   13.839  1.00 18.85 ? 71  THR A OG1 1 
ATOM   537  C CG2 . THR A 1 71  ? -0.399  9.280   13.567  1.00 18.60 ? 71  THR A CG2 1 
ATOM   538  N N   . GLY A 1 72  ? -2.299  5.170   12.474  1.00 16.03 ? 72  GLY A N   1 
ATOM   539  C CA  . GLY A 1 72  ? -3.157  4.039   12.759  1.00 16.84 ? 72  GLY A CA  1 
ATOM   540  C C   . GLY A 1 72  ? -2.960  2.833   11.871  1.00 16.89 ? 72  GLY A C   1 
ATOM   541  O O   . GLY A 1 72  ? -1.926  2.672   11.224  1.00 18.77 ? 72  GLY A O   1 
ATOM   542  N N   . GLY A 1 73  ? -3.977  1.982   11.842  1.00 16.78 ? 73  GLY A N   1 
ATOM   543  C CA  . GLY A 1 73  ? -3.894  0.780   11.045  1.00 17.60 ? 73  GLY A CA  1 
ATOM   544  C C   . GLY A 1 73  ? -3.413  -0.354  11.923  1.00 17.45 ? 73  GLY A C   1 
ATOM   545  O O   . GLY A 1 73  ? -2.729  -0.138  12.929  1.00 17.57 ? 73  GLY A O   1 
ATOM   546  N N   . LYS A 1 74  ? -3.784  -1.569  11.545  1.00 17.16 ? 74  LYS A N   1 
ATOM   547  C CA  . LYS A 1 74  ? -3.400  -2.751  12.290  1.00 16.38 ? 74  LYS A CA  1 
ATOM   548  C C   . LYS A 1 74  ? -3.474  -3.953  11.365  1.00 13.73 ? 74  LYS A C   1 
ATOM   549  O O   . LYS A 1 74  ? -4.187  -3.931  10.362  1.00 12.83 ? 74  LYS A O   1 
ATOM   550  C CB  . LYS A 1 74  ? -4.336  -2.943  13.487  1.00 20.40 ? 74  LYS A CB  1 
ATOM   551  C CG  . LYS A 1 74  ? -5.799  -3.141  13.121  1.00 22.88 ? 74  LYS A CG  1 
ATOM   552  C CD  . LYS A 1 74  ? -6.685  -3.051  14.355  1.00 27.49 ? 74  LYS A CD  1 
ATOM   553  C CE  . LYS A 1 74  ? -8.125  -3.412  14.040  1.00 28.24 ? 74  LYS A CE  1 
ATOM   554  N NZ  . LYS A 1 74  ? -8.253  -4.842  13.655  1.00 30.75 ? 74  LYS A NZ  1 
ATOM   555  N N   . SER A 1 75  ? -2.723  -4.995  11.694  1.00 13.00 ? 75  SER A N   1 
ATOM   556  C CA  . SER A 1 75  ? -2.719  -6.199  10.880  1.00 12.69 ? 75  SER A CA  1 
ATOM   557  C C   . SER A 1 75  ? -3.876  -7.087  11.317  1.00 11.88 ? 75  SER A C   1 
ATOM   558  O O   . SER A 1 75  ? -4.603  -6.759  12.256  1.00 13.99 ? 75  SER A O   1 
ATOM   559  C CB  . SER A 1 75  ? -1.407  -6.964  11.055  1.00 12.66 ? 75  SER A CB  1 
ATOM   560  O OG  . SER A 1 75  ? -1.359  -7.598  12.323  1.00 12.59 ? 75  SER A OG  1 
ATOM   561  N N   . ILE A 1 76  ? -4.038  -8.208  10.626  1.00 12.36 ? 76  ILE A N   1 
ATOM   562  C CA  . ILE A 1 76  ? -5.093  -9.162  10.945  1.00 12.27 ? 76  ILE A CA  1 
ATOM   563  C C   . ILE A 1 76  ? -4.609  -10.139 12.015  1.00 13.26 ? 76  ILE A C   1 
ATOM   564  O O   . ILE A 1 76  ? -5.350  -11.024 12.441  1.00 12.23 ? 76  ILE A O   1 
ATOM   565  C CB  . ILE A 1 76  ? -5.489  -9.987  9.701   1.00 11.61 ? 76  ILE A CB  1 
ATOM   566  C CG1 . ILE A 1 76  ? -4.284  -10.803 9.221   1.00 11.98 ? 76  ILE A CG1 1 
ATOM   567  C CG2 . ILE A 1 76  ? -6.000  -9.064  8.604   1.00 11.83 ? 76  ILE A CG2 1 
ATOM   568  C CD1 . ILE A 1 76  ? -4.605  -11.804 8.120   1.00 11.86 ? 76  ILE A CD1 1 
ATOM   569  N N   . TYR A 1 77  ? -3.362  -9.977  12.448  1.00 12.99 ? 77  TYR A N   1 
ATOM   570  C CA  . TYR A 1 77  ? -2.779  -10.873 13.443  1.00 12.84 ? 77  TYR A CA  1 
ATOM   571  C C   . TYR A 1 77  ? -2.868  -10.349 14.868  1.00 13.85 ? 77  TYR A C   1 
ATOM   572  O O   . TYR A 1 77  ? -2.377  -10.986 15.802  1.00 13.34 ? 77  TYR A O   1 
ATOM   573  C CB  . TYR A 1 77  ? -1.324  -11.147 13.077  1.00 13.08 ? 77  TYR A CB  1 
ATOM   574  C CG  . TYR A 1 77  ? -1.182  -11.711 11.683  1.00 12.03 ? 77  TYR A CG  1 
ATOM   575  C CD1 . TYR A 1 77  ? -1.745  -12.942 11.356  1.00 12.58 ? 77  TYR A CD1 1 
ATOM   576  C CD2 . TYR A 1 77  ? -0.523  -10.999 10.682  1.00 11.76 ? 77  TYR A CD2 1 
ATOM   577  C CE1 . TYR A 1 77  ? -1.662  -13.454 10.065  1.00 13.06 ? 77  TYR A CE1 1 
ATOM   578  C CE2 . TYR A 1 77  ? -0.434  -11.501 9.383   1.00 10.53 ? 77  TYR A CE2 1 
ATOM   579  C CZ  . TYR A 1 77  ? -1.007  -12.728 9.084   1.00 12.53 ? 77  TYR A CZ  1 
ATOM   580  O OH  . TYR A 1 77  ? -0.939  -13.233 7.803   1.00 13.63 ? 77  TYR A OH  1 
ATOM   581  N N   . GLY A 1 78  ? -3.509  -9.196  15.017  1.00 16.62 ? 78  GLY A N   1 
ATOM   582  C CA  . GLY A 1 78  ? -3.660  -8.569  16.315  1.00 20.63 ? 78  GLY A CA  1 
ATOM   583  C C   . GLY A 1 78  ? -3.098  -7.163  16.231  1.00 23.59 ? 78  GLY A C   1 
ATOM   584  O O   . GLY A 1 78  ? -3.775  -6.234  15.786  1.00 25.98 ? 78  GLY A O   1 
ATOM   585  N N   . GLY A 1 79  ? -1.850  -7.007  16.649  1.00 25.83 ? 79  GLY A N   1 
ATOM   586  C CA  . GLY A 1 79  ? -1.218  -5.703  16.592  1.00 24.70 ? 79  GLY A CA  1 
ATOM   587  C C   . GLY A 1 79  ? -0.357  -5.632  15.350  1.00 23.70 ? 79  GLY A C   1 
ATOM   588  O O   . GLY A 1 79  ? -0.859  -5.748  14.229  1.00 25.20 ? 79  GLY A O   1 
ATOM   589  N N   . LYS A 1 80  ? 0.942   -5.439  15.543  1.00 21.87 ? 80  LYS A N   1 
ATOM   590  C CA  . LYS A 1 80  ? 1.873   -5.379  14.426  1.00 20.39 ? 80  LYS A CA  1 
ATOM   591  C C   . LYS A 1 80  ? 2.624   -6.700  14.376  1.00 19.83 ? 80  LYS A C   1 
ATOM   592  O O   . LYS A 1 80  ? 2.748   -7.383  15.393  1.00 21.24 ? 80  LYS A O   1 
ATOM   593  C CB  . LYS A 1 80  ? 2.849   -4.215  14.614  1.00 21.75 ? 80  LYS A CB  1 
ATOM   594  C CG  . LYS A 1 80  ? 2.188   -2.855  14.477  1.00 25.39 ? 80  LYS A CG  1 
ATOM   595  C CD  . LYS A 1 80  ? 3.158   -1.718  14.738  1.00 28.39 ? 80  LYS A CD  1 
ATOM   596  C CE  . LYS A 1 80  ? 2.497   -0.375  14.465  1.00 30.28 ? 80  LYS A CE  1 
ATOM   597  N NZ  . LYS A 1 80  ? 1.211   -0.227  15.205  1.00 30.11 ? 80  LYS A NZ  1 
ATOM   598  N N   . PHE A 1 81  ? 3.108   -7.077  13.197  1.00 16.62 ? 81  PHE A N   1 
ATOM   599  C CA  . PHE A 1 81  ? 3.840   -8.326  13.073  1.00 14.88 ? 81  PHE A CA  1 
ATOM   600  C C   . PHE A 1 81  ? 5.256   -8.127  12.549  1.00 15.02 ? 81  PHE A C   1 
ATOM   601  O O   . PHE A 1 81  ? 5.555   -7.137  11.878  1.00 14.92 ? 81  PHE A O   1 
ATOM   602  C CB  . PHE A 1 81  ? 3.056   -9.337  12.209  1.00 14.54 ? 81  PHE A CB  1 
ATOM   603  C CG  . PHE A 1 81  ? 2.779   -8.883  10.796  1.00 12.64 ? 81  PHE A CG  1 
ATOM   604  C CD1 . PHE A 1 81  ? 3.448   -9.467  9.723   1.00 13.49 ? 81  PHE A CD1 1 
ATOM   605  C CD2 . PHE A 1 81  ? 1.803   -7.923  10.531  1.00 13.94 ? 81  PHE A CD2 1 
ATOM   606  C CE1 . PHE A 1 81  ? 3.150   -9.112  8.409   1.00 14.69 ? 81  PHE A CE1 1 
ATOM   607  C CE2 . PHE A 1 81  ? 1.496   -7.557  9.215   1.00 13.17 ? 81  PHE A CE2 1 
ATOM   608  C CZ  . PHE A 1 81  ? 2.170   -8.156  8.155   1.00 14.18 ? 81  PHE A CZ  1 
ATOM   609  N N   . PRO A 1 82  ? 6.158   -9.062  12.871  1.00 15.62 ? 82  PRO A N   1 
ATOM   610  C CA  . PRO A 1 82  ? 7.558   -8.998  12.442  1.00 15.96 ? 82  PRO A CA  1 
ATOM   611  C C   . PRO A 1 82  ? 7.760   -8.976  10.934  1.00 16.25 ? 82  PRO A C   1 
ATOM   612  O O   . PRO A 1 82  ? 6.901   -9.419  10.167  1.00 16.04 ? 82  PRO A O   1 
ATOM   613  C CB  . PRO A 1 82  ? 8.170   -10.246 13.077  1.00 17.20 ? 82  PRO A CB  1 
ATOM   614  C CG  . PRO A 1 82  ? 7.345   -10.436 14.312  1.00 16.09 ? 82  PRO A CG  1 
ATOM   615  C CD  . PRO A 1 82  ? 5.948   -10.188 13.800  1.00 15.24 ? 82  PRO A CD  1 
ATOM   616  N N   . ASP A 1 83  ? 8.901   -8.446  10.510  1.00 15.77 ? 83  ASP A N   1 
ATOM   617  C CA  . ASP A 1 83  ? 9.226   -8.410  9.094   1.00 15.16 ? 83  ASP A CA  1 
ATOM   618  C C   . ASP A 1 83  ? 9.428   -9.873  8.704   1.00 16.22 ? 83  ASP A C   1 
ATOM   619  O O   . ASP A 1 83  ? 10.306  -10.552 9.238   1.00 16.81 ? 83  ASP A O   1 
ATOM   620  C CB  . ASP A 1 83  ? 10.508  -7.607  8.858   1.00 15.01 ? 83  ASP A CB  1 
ATOM   621  C CG  . ASP A 1 83  ? 10.358  -6.145  9.237   1.00 13.39 ? 83  ASP A CG  1 
ATOM   622  O OD1 . ASP A 1 83  ? 9.406   -5.497  8.753   1.00 12.74 ? 83  ASP A OD1 1 
ATOM   623  O OD2 . ASP A 1 83  ? 11.196  -5.640  10.015  1.00 14.50 ? 83  ASP A OD2 1 
ATOM   624  N N   . GLU A 1 84  ? 8.598   -10.359 7.786   1.00 15.91 ? 84  GLU A N   1 
ATOM   625  C CA  . GLU A 1 84  ? 8.660   -11.753 7.354   1.00 15.92 ? 84  GLU A CA  1 
ATOM   626  C C   . GLU A 1 84  ? 10.024  -12.121 6.777   1.00 16.75 ? 84  GLU A C   1 
ATOM   627  O O   . GLU A 1 84  ? 10.650  -13.088 7.212   1.00 17.53 ? 84  GLU A O   1 
ATOM   628  C CB  . GLU A 1 84  ? 7.550   -12.017 6.339   1.00 15.23 ? 84  GLU A CB  1 
ATOM   629  C CG  . GLU A 1 84  ? 7.356   -13.473 5.988   1.00 14.06 ? 84  GLU A CG  1 
ATOM   630  C CD  . GLU A 1 84  ? 5.999   -13.726 5.373   1.00 13.42 ? 84  GLU A CD  1 
ATOM   631  O OE1 . GLU A 1 84  ? 5.338   -12.745 4.973   1.00 10.71 ? 84  GLU A OE1 1 
ATOM   632  O OE2 . GLU A 1 84  ? 5.594   -14.903 5.288   1.00 12.05 ? 84  GLU A OE2 1 
ATOM   633  N N   . ASN A 1 85  ? 10.466  -11.352 5.789   1.00 16.13 ? 85  ASN A N   1 
ATOM   634  C CA  . ASN A 1 85  ? 11.773  -11.539 5.165   1.00 16.02 ? 85  ASN A CA  1 
ATOM   635  C C   . ASN A 1 85  ? 11.986  -10.388 4.192   1.00 15.62 ? 85  ASN A C   1 
ATOM   636  O O   . ASN A 1 85  ? 11.055  -9.635  3.903   1.00 14.67 ? 85  ASN A O   1 
ATOM   637  C CB  . ASN A 1 85  ? 11.870  -12.892 4.436   1.00 15.80 ? 85  ASN A CB  1 
ATOM   638  C CG  . ASN A 1 85  ? 10.946  -12.993 3.236   1.00 16.85 ? 85  ASN A CG  1 
ATOM   639  O OD1 . ASN A 1 85  ? 11.022  -12.192 2.304   1.00 15.78 ? 85  ASN A OD1 1 
ATOM   640  N ND2 . ASN A 1 85  ? 10.073  -13.995 3.247   1.00 16.06 ? 85  ASN A ND2 1 
ATOM   641  N N   . PHE A 1 86  ? 13.213  -10.242 3.700   1.00 15.37 ? 86  PHE A N   1 
ATOM   642  C CA  . PHE A 1 86  ? 13.535  -9.171  2.768   1.00 15.18 ? 86  PHE A CA  1 
ATOM   643  C C   . PHE A 1 86  ? 14.058  -9.739  1.454   1.00 15.67 ? 86  PHE A C   1 
ATOM   644  O O   . PHE A 1 86  ? 14.945  -9.161  0.822   1.00 16.36 ? 86  PHE A O   1 
ATOM   645  C CB  . PHE A 1 86  ? 14.579  -8.240  3.395   1.00 14.22 ? 86  PHE A CB  1 
ATOM   646  C CG  . PHE A 1 86  ? 14.111  -7.575  4.660   1.00 13.67 ? 86  PHE A CG  1 
ATOM   647  C CD1 . PHE A 1 86  ? 13.072  -6.650  4.629   1.00 13.53 ? 86  PHE A CD1 1 
ATOM   648  C CD2 . PHE A 1 86  ? 14.694  -7.886  5.885   1.00 14.29 ? 86  PHE A CD2 1 
ATOM   649  C CE1 . PHE A 1 86  ? 12.623  -6.045  5.801   1.00 11.64 ? 86  PHE A CE1 1 
ATOM   650  C CE2 . PHE A 1 86  ? 14.249  -7.287  7.062   1.00 13.98 ? 86  PHE A CE2 1 
ATOM   651  C CZ  . PHE A 1 86  ? 13.212  -6.366  7.019   1.00 14.38 ? 86  PHE A CZ  1 
ATOM   652  N N   . LYS A 1 87  ? 13.492  -10.873 1.046   1.00 15.53 ? 87  LYS A N   1 
ATOM   653  C CA  . LYS A 1 87  ? 13.896  -11.543 -0.184  1.00 16.27 ? 87  LYS A CA  1 
ATOM   654  C C   . LYS A 1 87  ? 13.633  -10.711 -1.434  1.00 14.85 ? 87  LYS A C   1 
ATOM   655  O O   . LYS A 1 87  ? 14.463  -10.665 -2.344  1.00 16.92 ? 87  LYS A O   1 
ATOM   656  C CB  . LYS A 1 87  ? 13.183  -12.895 -0.303  1.00 17.96 ? 87  LYS A CB  1 
ATOM   657  C CG  . LYS A 1 87  ? 13.477  -13.857 0.838   1.00 22.35 ? 87  LYS A CG  1 
ATOM   658  C CD  . LYS A 1 87  ? 14.967  -14.146 0.958   1.00 25.52 ? 87  LYS A CD  1 
ATOM   659  C CE  . LYS A 1 87  ? 15.253  -15.092 2.115   1.00 27.96 ? 87  LYS A CE  1 
ATOM   660  N NZ  . LYS A 1 87  ? 14.771  -14.539 3.413   1.00 31.16 ? 87  LYS A NZ  1 
ATOM   661  N N   . LYS A 1 88  ? 12.476  -10.059 -1.484  1.00 12.98 ? 88  LYS A N   1 
ATOM   662  C CA  . LYS A 1 88  ? 12.123  -9.219  -2.621  1.00 13.21 ? 88  LYS A CA  1 
ATOM   663  C C   . LYS A 1 88  ? 12.700  -7.814  -2.439  1.00 13.07 ? 88  LYS A C   1 
ATOM   664  O O   . LYS A 1 88  ? 12.628  -7.241  -1.350  1.00 13.74 ? 88  LYS A O   1 
ATOM   665  C CB  . LYS A 1 88  ? 10.602  -9.154  -2.776  1.00 14.14 ? 88  LYS A CB  1 
ATOM   666  C CG  . LYS A 1 88  ? 10.000  -10.378 -3.460  1.00 15.17 ? 88  LYS A CG  1 
ATOM   667  C CD  . LYS A 1 88  ? 10.412  -10.423 -4.928  1.00 18.00 ? 88  LYS A CD  1 
ATOM   668  C CE  . LYS A 1 88  ? 9.732   -11.554 -5.686  1.00 20.42 ? 88  LYS A CE  1 
ATOM   669  N NZ  . LYS A 1 88  ? 10.141  -11.565 -7.122  1.00 22.65 ? 88  LYS A NZ  1 
ATOM   670  N N   . HIS A 1 89  ? 13.263  -7.267  -3.513  1.00 13.25 ? 89  HIS A N   1 
ATOM   671  C CA  . HIS A 1 89  ? 13.886  -5.944  -3.489  1.00 12.68 ? 89  HIS A CA  1 
ATOM   672  C C   . HIS A 1 89  ? 13.081  -4.862  -4.208  1.00 11.67 ? 89  HIS A C   1 
ATOM   673  O O   . HIS A 1 89  ? 12.257  -5.156  -5.071  1.00 11.54 ? 89  HIS A O   1 
ATOM   674  C CB  . HIS A 1 89  ? 15.278  -6.031  -4.119  1.00 14.40 ? 89  HIS A CB  1 
ATOM   675  C CG  . HIS A 1 89  ? 16.200  -6.983  -3.422  1.00 16.04 ? 89  HIS A CG  1 
ATOM   676  N ND1 . HIS A 1 89  ? 17.405  -7.378  -3.964  1.00 16.60 ? 89  HIS A ND1 1 
ATOM   677  C CD2 . HIS A 1 89  ? 16.105  -7.602  -2.222  1.00 17.43 ? 89  HIS A CD2 1 
ATOM   678  C CE1 . HIS A 1 89  ? 18.013  -8.200  -3.127  1.00 18.79 ? 89  HIS A CE1 1 
ATOM   679  N NE2 . HIS A 1 89  ? 17.246  -8.352  -2.061  1.00 19.34 ? 89  HIS A NE2 1 
ATOM   680  N N   . HIS A 1 90  ? 13.337  -3.605  -3.847  1.00 10.76 ? 90  HIS A N   1 
ATOM   681  C CA  . HIS A 1 90  ? 12.647  -2.462  -4.447  1.00 10.03 ? 90  HIS A CA  1 
ATOM   682  C C   . HIS A 1 90  ? 13.417  -2.019  -5.695  1.00 11.49 ? 90  HIS A C   1 
ATOM   683  O O   . HIS A 1 90  ? 13.866  -0.878  -5.782  1.00 9.97  ? 90  HIS A O   1 
ATOM   684  C CB  . HIS A 1 90  ? 12.589  -1.285  -3.457  1.00 11.10 ? 90  HIS A CB  1 
ATOM   685  C CG  . HIS A 1 90  ? 11.965  -1.614  -2.133  1.00 8.55  ? 90  HIS A CG  1 
ATOM   686  N ND1 . HIS A 1 90  ? 12.623  -2.319  -1.148  1.00 8.24  ? 90  HIS A ND1 1 
ATOM   687  C CD2 . HIS A 1 90  ? 10.750  -1.301  -1.620  1.00 10.87 ? 90  HIS A CD2 1 
ATOM   688  C CE1 . HIS A 1 90  ? 11.843  -2.425  -0.086  1.00 8.84  ? 90  HIS A CE1 1 
ATOM   689  N NE2 . HIS A 1 90  ? 10.701  -1.815  -0.346  1.00 8.95  ? 90  HIS A NE2 1 
ATOM   690  N N   . ASP A 1 91  ? 13.554  -2.909  -6.672  1.00 13.04 ? 91  ASP A N   1 
ATOM   691  C CA  . ASP A 1 91  ? 14.322  -2.584  -7.869  1.00 14.56 ? 91  ASP A CA  1 
ATOM   692  C C   . ASP A 1 91  ? 13.669  -1.746  -8.965  1.00 14.20 ? 91  ASP A C   1 
ATOM   693  O O   . ASP A 1 91  ? 14.353  -1.290  -9.883  1.00 13.56 ? 91  ASP A O   1 
ATOM   694  C CB  . ASP A 1 91  ? 14.875  -3.871  -8.495  1.00 19.50 ? 91  ASP A CB  1 
ATOM   695  C CG  . ASP A 1 91  ? 14.090  -5.101  -8.093  1.00 23.61 ? 91  ASP A CG  1 
ATOM   696  O OD1 . ASP A 1 91  ? 12.847  -5.077  -8.191  1.00 27.91 ? 91  ASP A OD1 1 
ATOM   697  O OD2 . ASP A 1 91  ? 14.720  -6.098  -7.683  1.00 25.70 ? 91  ASP A OD2 1 
ATOM   698  N N   . ARG A 1 92  ? 12.366  -1.516  -8.878  1.00 12.26 ? 92  ARG A N   1 
ATOM   699  C CA  . ARG A 1 92  ? 11.689  -0.758  -9.924  1.00 11.77 ? 92  ARG A CA  1 
ATOM   700  C C   . ARG A 1 92  ? 10.354  -0.218  -9.439  1.00 12.32 ? 92  ARG A C   1 
ATOM   701  O O   . ARG A 1 92  ? 9.940   -0.495  -8.313  1.00 12.09 ? 92  ARG A O   1 
ATOM   702  C CB  . ARG A 1 92  ? 11.426  -1.682  -11.112 1.00 14.80 ? 92  ARG A CB  1 
ATOM   703  C CG  . ARG A 1 92  ? 10.545  -2.851  -10.710 1.00 20.22 ? 92  ARG A CG  1 
ATOM   704  C CD  . ARG A 1 92  ? 10.225  -3.808  -11.837 1.00 22.91 ? 92  ARG A CD  1 
ATOM   705  N NE  . ARG A 1 92  ? 9.420   -4.926  -11.347 1.00 26.14 ? 92  ARG A NE  1 
ATOM   706  C CZ  . ARG A 1 92  ? 9.742   -5.677  -10.295 1.00 31.41 ? 92  ARG A CZ  1 
ATOM   707  N NH1 . ARG A 1 92  ? 10.855  -5.433  -9.615  1.00 33.80 ? 92  ARG A NH1 1 
ATOM   708  N NH2 . ARG A 1 92  ? 8.958   -6.677  -9.915  1.00 32.63 ? 92  ARG A NH2 1 
ATOM   709  N N   . PRO A 1 93  ? 9.673   0.575   -10.282 1.00 12.58 ? 93  PRO A N   1 
ATOM   710  C CA  . PRO A 1 93  ? 8.370   1.136   -9.917  1.00 10.68 ? 93  PRO A CA  1 
ATOM   711  C C   . PRO A 1 93  ? 7.327   0.023   -9.982  1.00 11.56 ? 93  PRO A C   1 
ATOM   712  O O   . PRO A 1 93  ? 7.586   -1.047  -10.537 1.00 12.70 ? 93  PRO A O   1 
ATOM   713  C CB  . PRO A 1 93  ? 8.125   2.186   -11.003 1.00 12.30 ? 93  PRO A CB  1 
ATOM   714  C CG  . PRO A 1 93  ? 9.513   2.572   -11.438 1.00 10.93 ? 93  PRO A CG  1 
ATOM   715  C CD  . PRO A 1 93  ? 10.197  1.237   -11.491 1.00 12.06 ? 93  PRO A CD  1 
ATOM   716  N N   . GLY A 1 94  ? 6.154   0.273   -9.413  1.00 10.18 ? 94  GLY A N   1 
ATOM   717  C CA  . GLY A 1 94  ? 5.089   -0.716  -9.457  1.00 9.30  ? 94  GLY A CA  1 
ATOM   718  C C   . GLY A 1 94  ? 5.165   -1.866  -8.471  1.00 10.55 ? 94  GLY A C   1 
ATOM   719  O O   . GLY A 1 94  ? 4.564   -2.917  -8.698  1.00 11.42 ? 94  GLY A O   1 
ATOM   720  N N   . LEU A 1 95  ? 5.896   -1.672  -7.378  1.00 8.27  ? 95  LEU A N   1 
ATOM   721  C CA  . LEU A 1 95  ? 6.029   -2.700  -6.354  1.00 9.29  ? 95  LEU A CA  1 
ATOM   722  C C   . LEU A 1 95  ? 5.230   -2.320  -5.109  1.00 8.94  ? 95  LEU A C   1 
ATOM   723  O O   . LEU A 1 95  ? 5.097   -1.137  -4.783  1.00 10.33 ? 95  LEU A O   1 
ATOM   724  C CB  . LEU A 1 95  ? 7.505   -2.895  -5.989  1.00 9.53  ? 95  LEU A CB  1 
ATOM   725  C CG  . LEU A 1 95  ? 8.394   -3.604  -7.018  1.00 13.03 ? 95  LEU A CG  1 
ATOM   726  C CD1 . LEU A 1 95  ? 8.271   -2.943  -8.370  1.00 16.71 ? 95  LEU A CD1 1 
ATOM   727  C CD2 . LEU A 1 95  ? 9.837   -3.580  -6.540  1.00 11.95 ? 95  LEU A CD2 1 
ATOM   728  N N   . LEU A 1 96  ? 4.688   -3.336  -4.439  1.00 8.59  ? 96  LEU A N   1 
ATOM   729  C CA  . LEU A 1 96  ? 3.895   -3.173  -3.217  1.00 8.55  ? 96  LEU A CA  1 
ATOM   730  C C   . LEU A 1 96  ? 4.787   -3.536  -2.039  1.00 7.47  ? 96  LEU A C   1 
ATOM   731  O O   . LEU A 1 96  ? 5.328   -4.640  -1.986  1.00 7.45  ? 96  LEU A O   1 
ATOM   732  C CB  . LEU A 1 96  ? 2.699   -4.129  -3.229  1.00 11.24 ? 96  LEU A CB  1 
ATOM   733  C CG  . LEU A 1 96  ? 1.263   -3.616  -3.263  1.00 14.34 ? 96  LEU A CG  1 
ATOM   734  C CD1 . LEU A 1 96  ? 0.340   -4.821  -3.073  1.00 12.64 ? 96  LEU A CD1 1 
ATOM   735  C CD2 . LEU A 1 96  ? 1.011   -2.572  -2.172  1.00 11.03 ? 96  LEU A CD2 1 
ATOM   736  N N   . SER A 1 97  ? 4.931   -2.618  -1.089  1.00 5.68  ? 97  SER A N   1 
ATOM   737  C CA  . SER A 1 97  ? 5.787   -2.862  0.064   1.00 7.18  ? 97  SER A CA  1 
ATOM   738  C C   . SER A 1 97  ? 5.128   -2.367  1.350   1.00 5.61  ? 97  SER A C   1 
ATOM   739  O O   . SER A 1 97  ? 4.243   -1.510  1.315   1.00 6.92  ? 97  SER A O   1 
ATOM   740  C CB  . SER A 1 97  ? 7.135   -2.164  -0.155  1.00 7.30  ? 97  SER A CB  1 
ATOM   741  O OG  . SER A 1 97  ? 8.072   -2.503  0.848   1.00 8.52  ? 97  SER A OG  1 
ATOM   742  N N   . MET A 1 98  ? 5.555   -2.912  2.483   1.00 5.37  ? 98  MET A N   1 
ATOM   743  C CA  . MET A 1 98  ? 4.986   -2.518  3.766   1.00 6.15  ? 98  MET A CA  1 
ATOM   744  C C   . MET A 1 98  ? 5.622   -1.272  4.357   1.00 7.31  ? 98  MET A C   1 
ATOM   745  O O   . MET A 1 98  ? 6.836   -1.214  4.527   1.00 8.35  ? 98  MET A O   1 
ATOM   746  C CB  . MET A 1 98  ? 5.121   -3.655  4.786   1.00 7.55  ? 98  MET A CB  1 
ATOM   747  C CG  . MET A 1 98  ? 4.253   -4.879  4.516   1.00 9.04  ? 98  MET A CG  1 
ATOM   748  S SD  . MET A 1 98  ? 2.501   -4.483  4.422   1.00 8.83  ? 98  MET A SD  1 
ATOM   749  C CE  . MET A 1 98  ? 2.117   -4.227  6.162   1.00 9.32  ? 98  MET A CE  1 
ATOM   750  N N   . ALA A 1 99  ? 4.796   -0.274  4.653   1.00 7.58  ? 99  ALA A N   1 
ATOM   751  C CA  . ALA A 1 99  ? 5.286   0.939   5.295   1.00 8.23  ? 99  ALA A CA  1 
ATOM   752  C C   . ALA A 1 99  ? 5.435   0.504   6.752   1.00 9.35  ? 99  ALA A C   1 
ATOM   753  O O   . ALA A 1 99  ? 4.839   -0.494  7.165   1.00 10.69 ? 99  ALA A O   1 
ATOM   754  C CB  . ALA A 1 99  ? 4.258   2.051   5.178   1.00 8.28  ? 99  ALA A CB  1 
ATOM   755  N N   . ASN A 1 100 ? 6.230   1.217   7.540   1.00 8.56  ? 100 ASN A N   1 
ATOM   756  C CA  . ASN A 1 100 ? 6.373   0.822   8.937   1.00 9.42  ? 100 ASN A CA  1 
ATOM   757  C C   . ASN A 1 100 ? 6.948   1.925   9.811   1.00 9.97  ? 100 ASN A C   1 
ATOM   758  O O   . ASN A 1 100 ? 7.193   3.040   9.349   1.00 10.03 ? 100 ASN A O   1 
ATOM   759  C CB  . ASN A 1 100 ? 7.236   -0.445  9.060   1.00 9.72  ? 100 ASN A CB  1 
ATOM   760  C CG  . ASN A 1 100 ? 8.652   -0.252  8.545   1.00 10.45 ? 100 ASN A CG  1 
ATOM   761  O OD1 . ASN A 1 100 ? 9.309   0.740   8.861   1.00 10.40 ? 100 ASN A OD1 1 
ATOM   762  N ND2 . ASN A 1 100 ? 9.133   -1.208  7.754   1.00 10.42 ? 100 ASN A ND2 1 
ATOM   763  N N   . ALA A 1 101 ? 7.150   1.597   11.081  1.00 11.63 ? 101 ALA A N   1 
ATOM   764  C CA  . ALA A 1 101 ? 7.692   2.537   12.054  1.00 11.19 ? 101 ALA A CA  1 
ATOM   765  C C   . ALA A 1 101 ? 8.999   1.981   12.598  1.00 12.12 ? 101 ALA A C   1 
ATOM   766  O O   . ALA A 1 101 ? 9.375   2.245   13.741  1.00 13.36 ? 101 ALA A O   1 
ATOM   767  C CB  . ALA A 1 101 ? 6.699   2.741   13.186  1.00 11.96 ? 101 ALA A CB  1 
ATOM   768  N N   . GLY A 1 102 ? 9.690   1.210   11.770  1.00 11.38 ? 102 GLY A N   1 
ATOM   769  C CA  . GLY A 1 102 ? 10.941  0.616   12.189  1.00 11.37 ? 102 GLY A CA  1 
ATOM   770  C C   . GLY A 1 102 ? 10.865  -0.893  12.119  1.00 13.76 ? 102 GLY A C   1 
ATOM   771  O O   . GLY A 1 102 ? 9.863   -1.440  11.658  1.00 14.37 ? 102 GLY A O   1 
ATOM   772  N N   . PRO A 1 103 ? 11.908  -1.600  12.571  1.00 14.50 ? 103 PRO A N   1 
ATOM   773  C CA  . PRO A 1 103 ? 11.931  -3.065  12.543  1.00 14.02 ? 103 PRO A CA  1 
ATOM   774  C C   . PRO A 1 103 ? 10.728  -3.736  13.201  1.00 14.80 ? 103 PRO A C   1 
ATOM   775  O O   . PRO A 1 103 ? 10.298  -3.341  14.281  1.00 15.01 ? 103 PRO A O   1 
ATOM   776  C CB  . PRO A 1 103 ? 13.234  -3.401  13.265  1.00 15.77 ? 103 PRO A CB  1 
ATOM   777  C CG  . PRO A 1 103 ? 14.112  -2.238  12.914  1.00 14.19 ? 103 PRO A CG  1 
ATOM   778  C CD  . PRO A 1 103 ? 13.182  -1.066  13.088  1.00 13.97 ? 103 PRO A CD  1 
ATOM   779  N N   . ASN A 1 104 ? 10.186  -4.742  12.520  1.00 15.12 ? 104 ASN A N   1 
ATOM   780  C CA  . ASN A 1 104 ? 9.056   -5.524  13.018  1.00 14.61 ? 104 ASN A CA  1 
ATOM   781  C C   . ASN A 1 104 ? 7.848   -4.742  13.522  1.00 14.27 ? 104 ASN A C   1 
ATOM   782  O O   . ASN A 1 104 ? 7.361   -4.979  14.631  1.00 14.53 ? 104 ASN A O   1 
ATOM   783  C CB  . ASN A 1 104 ? 9.553   -6.466  14.114  1.00 15.58 ? 104 ASN A CB  1 
ATOM   784  C CG  . ASN A 1 104 ? 10.771  -7.250  13.683  1.00 17.30 ? 104 ASN A CG  1 
ATOM   785  O OD1 . ASN A 1 104 ? 10.766  -7.889  12.632  1.00 16.21 ? 104 ASN A OD1 1 
ATOM   786  N ND2 . ASN A 1 104 ? 11.826  -7.205  14.492  1.00 18.22 ? 104 ASN A ND2 1 
ATOM   787  N N   . THR A 1 105 ? 7.353   -3.822  12.703  1.00 12.28 ? 105 THR A N   1 
ATOM   788  C CA  . THR A 1 105 ? 6.195   -3.021  13.071  1.00 11.13 ? 105 THR A CA  1 
ATOM   789  C C   . THR A 1 105 ? 5.182   -2.976  11.932  1.00 10.94 ? 105 THR A C   1 
ATOM   790  O O   . THR A 1 105 ? 4.539   -1.956  11.700  1.00 11.95 ? 105 THR A O   1 
ATOM   791  C CB  . THR A 1 105 ? 6.597   -1.577  13.444  1.00 11.00 ? 105 THR A CB  1 
ATOM   792  O OG1 . THR A 1 105 ? 7.295   -0.973  12.350  1.00 10.68 ? 105 THR A OG1 1 
ATOM   793  C CG2 . THR A 1 105 ? 7.497   -1.577  14.678  1.00 11.97 ? 105 THR A CG2 1 
ATOM   794  N N   . ASN A 1 106 ? 5.043   -4.093  11.227  1.00 11.54 ? 106 ASN A N   1 
ATOM   795  C CA  . ASN A 1 106 ? 4.101   -4.179  10.115  1.00 10.86 ? 106 ASN A CA  1 
ATOM   796  C C   . ASN A 1 106 ? 2.662   -4.200  10.609  1.00 11.67 ? 106 ASN A C   1 
ATOM   797  O O   . ASN A 1 106 ? 2.311   -4.968  11.507  1.00 11.27 ? 106 ASN A O   1 
ATOM   798  C CB  . ASN A 1 106 ? 4.364   -5.441  9.297   1.00 10.40 ? 106 ASN A CB  1 
ATOM   799  C CG  . ASN A 1 106 ? 5.705   -5.414  8.606   1.00 10.64 ? 106 ASN A CG  1 
ATOM   800  O OD1 . ASN A 1 106 ? 5.892   -4.698  7.624   1.00 10.66 ? 106 ASN A OD1 1 
ATOM   801  N ND2 . ASN A 1 106 ? 6.651   -6.189  9.119   1.00 10.80 ? 106 ASN A ND2 1 
ATOM   802  N N   . GLY A 1 107 ? 1.831   -3.355  10.010  1.00 10.00 ? 107 GLY A N   1 
ATOM   803  C CA  . GLY A 1 107 ? 0.434   -3.294  10.390  1.00 9.55  ? 107 GLY A CA  1 
ATOM   804  C C   . GLY A 1 107 ? -0.426  -3.441  9.152   1.00 8.01  ? 107 GLY A C   1 
ATOM   805  O O   . GLY A 1 107 ? -0.577  -4.537  8.621   1.00 10.72 ? 107 GLY A O   1 
ATOM   806  N N   . SER A 1 108 ? -0.976  -2.328  8.684   1.00 8.78  ? 108 SER A N   1 
ATOM   807  C CA  . SER A 1 108 ? -1.817  -2.341  7.492   1.00 8.41  ? 108 SER A CA  1 
ATOM   808  C C   . SER A 1 108 ? -1.333  -1.359  6.434   1.00 9.31  ? 108 SER A C   1 
ATOM   809  O O   . SER A 1 108 ? -1.718  -1.454  5.269   1.00 8.13  ? 108 SER A O   1 
ATOM   810  C CB  . SER A 1 108 ? -3.259  -2.002  7.865   1.00 8.55  ? 108 SER A CB  1 
ATOM   811  O OG  . SER A 1 108 ? -3.325  -0.735  8.502   1.00 10.09 ? 108 SER A OG  1 
ATOM   812  N N   . GLN A 1 109 ? -0.484  -0.416  6.828   1.00 8.42  ? 109 GLN A N   1 
ATOM   813  C CA  . GLN A 1 109 ? 0.001   0.567   5.872   1.00 7.31  ? 109 GLN A CA  1 
ATOM   814  C C   . GLN A 1 109 ? 0.964   -0.023  4.862   1.00 5.69  ? 109 GLN A C   1 
ATOM   815  O O   . GLN A 1 109 ? 1.822   -0.839  5.194   1.00 6.59  ? 109 GLN A O   1 
ATOM   816  C CB  . GLN A 1 109 ? 0.643   1.749   6.594   1.00 8.02  ? 109 GLN A CB  1 
ATOM   817  C CG  . GLN A 1 109 ? -0.371  2.541   7.393   1.00 9.63  ? 109 GLN A CG  1 
ATOM   818  C CD  . GLN A 1 109 ? 0.177   3.848   7.914   1.00 11.70 ? 109 GLN A CD  1 
ATOM   819  O OE1 . GLN A 1 109 ? 0.622   4.701   7.143   1.00 10.64 ? 109 GLN A OE1 1 
ATOM   820  N NE2 . GLN A 1 109 ? 0.139   4.019   9.232   1.00 14.37 ? 109 GLN A NE2 1 
ATOM   821  N N   . PHE A 1 110 ? 0.803   0.420   3.621   1.00 7.28  ? 110 PHE A N   1 
ATOM   822  C CA  . PHE A 1 110 ? 1.596   -0.060  2.499   1.00 7.44  ? 110 PHE A CA  1 
ATOM   823  C C   . PHE A 1 110 ? 1.967   1.117   1.604   1.00 6.99  ? 110 PHE A C   1 
ATOM   824  O O   . PHE A 1 110 ? 1.438   2.220   1.757   1.00 7.53  ? 110 PHE A O   1 
ATOM   825  C CB  . PHE A 1 110 ? 0.738   -1.024  1.675   1.00 6.71  ? 110 PHE A CB  1 
ATOM   826  C CG  . PHE A 1 110 ? -0.476  -0.364  1.072   1.00 7.22  ? 110 PHE A CG  1 
ATOM   827  C CD1 . PHE A 1 110 ? -0.369  0.379   -0.103  1.00 7.57  ? 110 PHE A CD1 1 
ATOM   828  C CD2 . PHE A 1 110 ? -1.706  -0.397  1.730   1.00 7.42  ? 110 PHE A CD2 1 
ATOM   829  C CE1 . PHE A 1 110 ? -1.458  1.082   -0.610  1.00 9.36  ? 110 PHE A CE1 1 
ATOM   830  C CE2 . PHE A 1 110 ? -2.803  0.303   1.231   1.00 6.96  ? 110 PHE A CE2 1 
ATOM   831  C CZ  . PHE A 1 110 ? -2.680  1.048   0.060   1.00 7.73  ? 110 PHE A CZ  1 
ATOM   832  N N   . PHE A 1 111 ? 2.884   0.885   0.674   1.00 6.72  ? 111 PHE A N   1 
ATOM   833  C CA  . PHE A 1 111 ? 3.216   1.915   -0.292  1.00 7.26  ? 111 PHE A CA  1 
ATOM   834  C C   . PHE A 1 111 ? 3.474   1.246   -1.636  1.00 5.78  ? 111 PHE A C   1 
ATOM   835  O O   . PHE A 1 111 ? 3.819   0.066   -1.697  1.00 6.82  ? 111 PHE A O   1 
ATOM   836  C CB  . PHE A 1 111 ? 4.398   2.794   0.179   1.00 6.09  ? 111 PHE A CB  1 
ATOM   837  C CG  . PHE A 1 111 ? 5.715   2.078   0.308   1.00 6.01  ? 111 PHE A CG  1 
ATOM   838  C CD1 . PHE A 1 111 ? 6.643   2.126   -0.724  1.00 6.50  ? 111 PHE A CD1 1 
ATOM   839  C CD2 . PHE A 1 111 ? 6.057   1.422   1.483   1.00 5.98  ? 111 PHE A CD2 1 
ATOM   840  C CE1 . PHE A 1 111 ? 7.898   1.538   -0.583  1.00 6.36  ? 111 PHE A CE1 1 
ATOM   841  C CE2 . PHE A 1 111 ? 7.311   0.829   1.635   1.00 5.35  ? 111 PHE A CE2 1 
ATOM   842  C CZ  . PHE A 1 111 ? 8.234   0.891   0.595   1.00 5.33  ? 111 PHE A CZ  1 
ATOM   843  N N   . ILE A 1 112 ? 3.222   1.995   -2.702  1.00 6.59  ? 112 ILE A N   1 
ATOM   844  C CA  . ILE A 1 112 ? 3.415   1.522   -4.067  1.00 6.85  ? 112 ILE A CA  1 
ATOM   845  C C   . ILE A 1 112 ? 4.515   2.401   -4.647  1.00 5.74  ? 112 ILE A C   1 
ATOM   846  O O   . ILE A 1 112 ? 4.364   3.615   -4.721  1.00 6.74  ? 112 ILE A O   1 
ATOM   847  C CB  . ILE A 1 112 ? 2.132   1.715   -4.900  1.00 7.45  ? 112 ILE A CB  1 
ATOM   848  C CG1 . ILE A 1 112 ? 0.964   0.998   -4.217  1.00 8.43  ? 112 ILE A CG1 1 
ATOM   849  C CG2 . ILE A 1 112 ? 2.337   1.174   -6.312  1.00 9.31  ? 112 ILE A CG2 1 
ATOM   850  C CD1 . ILE A 1 112 ? -0.396  1.361   -4.786  1.00 7.48  ? 112 ILE A CD1 1 
ATOM   851  N N   . THR A 1 113 ? 5.618   1.793   -5.063  1.00 8.26  ? 113 THR A N   1 
ATOM   852  C CA  . THR A 1 113 ? 6.726   2.565   -5.611  1.00 8.62  ? 113 THR A CA  1 
ATOM   853  C C   . THR A 1 113 ? 6.454   3.105   -7.013  1.00 9.56  ? 113 THR A C   1 
ATOM   854  O O   . THR A 1 113 ? 5.781   2.457   -7.814  1.00 8.38  ? 113 THR A O   1 
ATOM   855  C CB  . THR A 1 113 ? 8.021   1.718   -5.662  1.00 9.15  ? 113 THR A CB  1 
ATOM   856  O OG1 . THR A 1 113 ? 7.832   0.601   -6.540  1.00 10.79 ? 113 THR A OG1 1 
ATOM   857  C CG2 . THR A 1 113 ? 8.384   1.209   -4.275  1.00 11.48 ? 113 THR A CG2 1 
ATOM   858  N N   . THR A 1 114 ? 6.957   4.302   -7.300  1.00 7.95  ? 114 THR A N   1 
ATOM   859  C CA  . THR A 1 114 ? 6.801   4.884   -8.630  1.00 8.34  ? 114 THR A CA  1 
ATOM   860  C C   . THR A 1 114 ? 8.187   5.110   -9.231  1.00 9.29  ? 114 THR A C   1 
ATOM   861  O O   . THR A 1 114 ? 8.322   5.622   -10.342 1.00 10.63 ? 114 THR A O   1 
ATOM   862  C CB  . THR A 1 114 ? 6.012   6.213   -8.609  1.00 9.13  ? 114 THR A CB  1 
ATOM   863  O OG1 . THR A 1 114 ? 6.667   7.168   -7.762  1.00 10.59 ? 114 THR A OG1 1 
ATOM   864  C CG2 . THR A 1 114 ? 4.592   5.965   -8.105  1.00 11.12 ? 114 THR A CG2 1 
ATOM   865  N N   . VAL A 1 115 ? 9.207   4.724   -8.469  1.00 10.14 ? 115 VAL A N   1 
ATOM   866  C CA  . VAL A 1 115 ? 10.610  4.813   -8.887  1.00 9.70  ? 115 VAL A CA  1 
ATOM   867  C C   . VAL A 1 115 ? 11.371  3.706   -8.157  1.00 10.33 ? 115 VAL A C   1 
ATOM   868  O O   . VAL A 1 115 ? 10.871  3.132   -7.185  1.00 9.79  ? 115 VAL A O   1 
ATOM   869  C CB  . VAL A 1 115 ? 11.280  6.175   -8.505  1.00 8.96  ? 115 VAL A CB  1 
ATOM   870  C CG1 . VAL A 1 115 ? 10.522  7.339   -9.119  1.00 11.53 ? 115 VAL A CG1 1 
ATOM   871  C CG2 . VAL A 1 115 ? 11.356  6.319   -6.992  1.00 10.49 ? 115 VAL A CG2 1 
ATOM   872  N N   . PRO A 1 116 ? 12.577  3.361   -8.635  1.00 11.10 ? 116 PRO A N   1 
ATOM   873  C CA  . PRO A 1 116 ? 13.348  2.315   -7.954  1.00 10.40 ? 116 PRO A CA  1 
ATOM   874  C C   . PRO A 1 116 ? 13.761  2.866   -6.582  1.00 9.37  ? 116 PRO A C   1 
ATOM   875  O O   . PRO A 1 116 ? 14.180  4.019   -6.487  1.00 9.92  ? 116 PRO A O   1 
ATOM   876  C CB  . PRO A 1 116 ? 14.550  2.118   -8.876  1.00 11.82 ? 116 PRO A CB  1 
ATOM   877  C CG  . PRO A 1 116 ? 13.990  2.446   -10.233 1.00 11.29 ? 116 PRO A CG  1 
ATOM   878  C CD  . PRO A 1 116 ? 13.154  3.671   -9.956  1.00 12.19 ? 116 PRO A CD  1 
ATOM   879  N N   . CYS A 1 117 ? 13.643  2.053   -5.535  1.00 10.88 ? 117 CYS A N   1 
ATOM   880  C CA  . CYS A 1 117 ? 13.998  2.481   -4.174  1.00 11.48 ? 117 CYS A CA  1 
ATOM   881  C C   . CYS A 1 117 ? 14.880  1.437   -3.483  1.00 10.82 ? 117 CYS A C   1 
ATOM   882  O O   . CYS A 1 117 ? 14.554  0.970   -2.392  1.00 11.51 ? 117 CYS A O   1 
ATOM   883  C CB  . CYS A 1 117 ? 12.727  2.676   -3.330  1.00 11.99 ? 117 CYS A CB  1 
ATOM   884  S SG  . CYS A 1 117 ? 11.536  3.933   -3.873  1.00 15.69 ? 117 CYS A SG  1 
ATOM   885  N N   . PRO A 1 118 ? 16.024  1.073   -4.091  1.00 9.88  ? 118 PRO A N   1 
ATOM   886  C CA  . PRO A 1 118 ? 16.922  0.071   -3.506  1.00 10.59 ? 118 PRO A CA  1 
ATOM   887  C C   . PRO A 1 118 ? 17.386  0.297   -2.067  1.00 9.66  ? 118 PRO A C   1 
ATOM   888  O O   . PRO A 1 118 ? 17.689  -0.658  -1.355  1.00 11.01 ? 118 PRO A O   1 
ATOM   889  C CB  . PRO A 1 118 ? 18.088  0.031   -4.498  1.00 11.05 ? 118 PRO A CB  1 
ATOM   890  C CG  . PRO A 1 118 ? 18.107  1.414   -5.053  1.00 10.70 ? 118 PRO A CG  1 
ATOM   891  C CD  . PRO A 1 118 ? 16.640  1.704   -5.271  1.00 10.75 ? 118 PRO A CD  1 
ATOM   892  N N   . TRP A 1 119 ? 17.436  1.553   -1.638  1.00 10.88 ? 119 TRP A N   1 
ATOM   893  C CA  . TRP A 1 119 ? 17.869  1.872   -0.280  1.00 11.48 ? 119 TRP A CA  1 
ATOM   894  C C   . TRP A 1 119 ? 16.882  1.394   0.787   1.00 11.57 ? 119 TRP A C   1 
ATOM   895  O O   . TRP A 1 119 ? 17.173  1.444   1.983   1.00 11.52 ? 119 TRP A O   1 
ATOM   896  C CB  . TRP A 1 119 ? 18.092  3.380   -0.156  1.00 11.44 ? 119 TRP A CB  1 
ATOM   897  C CG  . TRP A 1 119 ? 16.904  4.177   -0.547  1.00 11.84 ? 119 TRP A CG  1 
ATOM   898  C CD1 . TRP A 1 119 ? 15.855  4.528   0.249   1.00 11.49 ? 119 TRP A CD1 1 
ATOM   899  C CD2 . TRP A 1 119 ? 16.611  4.684   -1.849  1.00 12.56 ? 119 TRP A CD2 1 
ATOM   900  N NE1 . TRP A 1 119 ? 14.921  5.224   -0.480  1.00 12.49 ? 119 TRP A NE1 1 
ATOM   901  C CE2 . TRP A 1 119 ? 15.360  5.333   -1.774  1.00 12.49 ? 119 TRP A CE2 1 
ATOM   902  C CE3 . TRP A 1 119 ? 17.285  4.651   -3.080  1.00 13.01 ? 119 TRP A CE3 1 
ATOM   903  C CZ2 . TRP A 1 119 ? 14.764  5.946   -2.879  1.00 14.66 ? 119 TRP A CZ2 1 
ATOM   904  C CZ3 . TRP A 1 119 ? 16.691  5.260   -4.182  1.00 12.83 ? 119 TRP A CZ3 1 
ATOM   905  C CH2 . TRP A 1 119 ? 15.442  5.898   -4.072  1.00 13.28 ? 119 TRP A CH2 1 
ATOM   906  N N   . LEU A 1 120 ? 15.713  0.931   0.355   1.00 9.93  ? 120 LEU A N   1 
ATOM   907  C CA  . LEU A 1 120 ? 14.709  0.435   1.290   1.00 10.24 ? 120 LEU A CA  1 
ATOM   908  C C   . LEU A 1 120 ? 14.842  -1.073  1.474   1.00 10.29 ? 120 LEU A C   1 
ATOM   909  O O   . LEU A 1 120 ? 14.185  -1.666  2.332   1.00 11.37 ? 120 LEU A O   1 
ATOM   910  C CB  . LEU A 1 120 ? 13.303  0.793   0.796   1.00 7.50  ? 120 LEU A CB  1 
ATOM   911  C CG  . LEU A 1 120 ? 13.019  2.295   0.660   1.00 7.90  ? 120 LEU A CG  1 
ATOM   912  C CD1 . LEU A 1 120 ? 11.582  2.509   0.208   1.00 7.35  ? 120 LEU A CD1 1 
ATOM   913  C CD2 . LEU A 1 120 ? 13.258  2.987   2.002   1.00 9.56  ? 120 LEU A CD2 1 
ATOM   914  N N   . ASP A 1 121 ? 15.703  -1.696  0.674   1.00 11.67 ? 121 ASP A N   1 
ATOM   915  C CA  . ASP A 1 121 ? 15.919  -3.135  0.784   1.00 12.85 ? 121 ASP A CA  1 
ATOM   916  C C   . ASP A 1 121 ? 16.419  -3.469  2.185   1.00 13.53 ? 121 ASP A C   1 
ATOM   917  O O   . ASP A 1 121 ? 17.340  -2.824  2.699   1.00 14.91 ? 121 ASP A O   1 
ATOM   918  C CB  . ASP A 1 121 ? 16.936  -3.610  -0.259  1.00 12.68 ? 121 ASP A CB  1 
ATOM   919  C CG  . ASP A 1 121 ? 16.422  -3.482  -1.679  1.00 14.04 ? 121 ASP A CG  1 
ATOM   920  O OD1 . ASP A 1 121 ? 15.240  -3.112  -1.861  1.00 12.38 ? 121 ASP A OD1 1 
ATOM   921  O OD2 . ASP A 1 121 ? 17.198  -3.755  -2.620  1.00 15.76 ? 121 ASP A OD2 1 
ATOM   922  N N   . GLY A 1 122 ? 15.803  -4.474  2.802   1.00 13.92 ? 122 GLY A N   1 
ATOM   923  C CA  . GLY A 1 122 ? 16.185  -4.878  4.144   1.00 13.05 ? 122 GLY A CA  1 
ATOM   924  C C   . GLY A 1 122 ? 15.520  -4.040  5.219   1.00 12.25 ? 122 GLY A C   1 
ATOM   925  O O   . GLY A 1 122 ? 15.728  -4.267  6.411   1.00 13.96 ? 122 GLY A O   1 
ATOM   926  N N   . LYS A 1 123 ? 14.718  -3.066  4.802   1.00 12.48 ? 123 LYS A N   1 
ATOM   927  C CA  . LYS A 1 123 ? 14.029  -2.185  5.742   1.00 12.69 ? 123 LYS A CA  1 
ATOM   928  C C   . LYS A 1 123 ? 12.513  -2.311  5.625   1.00 11.06 ? 123 LYS A C   1 
ATOM   929  O O   . LYS A 1 123 ? 11.793  -2.173  6.610   1.00 11.57 ? 123 LYS A O   1 
ATOM   930  C CB  . LYS A 1 123 ? 14.442  -0.735  5.493   1.00 15.27 ? 123 LYS A CB  1 
ATOM   931  C CG  . LYS A 1 123 ? 15.950  -0.508  5.541   1.00 18.71 ? 123 LYS A CG  1 
ATOM   932  C CD  . LYS A 1 123 ? 16.527  -0.928  6.881   1.00 21.87 ? 123 LYS A CD  1 
ATOM   933  C CE  . LYS A 1 123 ? 18.045  -0.841  6.877   1.00 25.18 ? 123 LYS A CE  1 
ATOM   934  N NZ  . LYS A 1 123 ? 18.514  0.528   6.528   1.00 26.68 ? 123 LYS A NZ  1 
ATOM   935  N N   . HIS A 1 124 ? 12.040  -2.569  4.413   1.00 9.85  ? 124 HIS A N   1 
ATOM   936  C CA  . HIS A 1 124 ? 10.612  -2.712  4.150   1.00 10.08 ? 124 HIS A CA  1 
ATOM   937  C C   . HIS A 1 124 ? 10.368  -4.011  3.404   1.00 10.98 ? 124 HIS A C   1 
ATOM   938  O O   . HIS A 1 124 ? 11.128  -4.367  2.505   1.00 11.35 ? 124 HIS A O   1 
ATOM   939  C CB  . HIS A 1 124 ? 10.112  -1.531  3.318   1.00 10.66 ? 124 HIS A CB  1 
ATOM   940  C CG  . HIS A 1 124 ? 10.200  -0.221  4.032   1.00 10.09 ? 124 HIS A CG  1 
ATOM   941  N ND1 . HIS A 1 124 ? 9.196   0.248   4.849   1.00 9.27  ? 124 HIS A ND1 1 
ATOM   942  C CD2 . HIS A 1 124 ? 11.203  0.686   4.106   1.00 10.47 ? 124 HIS A CD2 1 
ATOM   943  C CE1 . HIS A 1 124 ? 9.576   1.389   5.400   1.00 11.16 ? 124 HIS A CE1 1 
ATOM   944  N NE2 . HIS A 1 124 ? 10.791  1.676   4.966   1.00 9.93  ? 124 HIS A NE2 1 
ATOM   945  N N   . VAL A 1 125 ? 9.306   -4.716  3.781   1.00 10.65 ? 125 VAL A N   1 
ATOM   946  C CA  . VAL A 1 125 ? 8.978   -5.990  3.150   1.00 10.00 ? 125 VAL A CA  1 
ATOM   947  C C   . VAL A 1 125 ? 8.159   -5.824  1.873   1.00 10.00 ? 125 VAL A C   1 
ATOM   948  O O   . VAL A 1 125 ? 7.011   -5.372  1.907   1.00 8.74  ? 125 VAL A O   1 
ATOM   949  C CB  . VAL A 1 125 ? 8.204   -6.906  4.130   1.00 10.34 ? 125 VAL A CB  1 
ATOM   950  C CG1 . VAL A 1 125 ? 7.827   -8.223  3.452   1.00 9.90  ? 125 VAL A CG1 1 
ATOM   951  C CG2 . VAL A 1 125 ? 9.060   -7.175  5.362   1.00 10.22 ? 125 VAL A CG2 1 
ATOM   952  N N   . VAL A 1 126 ? 8.768   -6.183  0.748   1.00 10.44 ? 126 VAL A N   1 
ATOM   953  C CA  . VAL A 1 126 ? 8.106   -6.116  -0.551  1.00 9.28  ? 126 VAL A CA  1 
ATOM   954  C C   . VAL A 1 126 ? 7.275   -7.391  -0.635  1.00 9.01  ? 126 VAL A C   1 
ATOM   955  O O   . VAL A 1 126 ? 7.781   -8.477  -0.361  1.00 8.96  ? 126 VAL A O   1 
ATOM   956  C CB  . VAL A 1 126 ? 9.131   -6.096  -1.703  1.00 9.92  ? 126 VAL A CB  1 
ATOM   957  C CG1 . VAL A 1 126 ? 8.415   -6.131  -3.042  1.00 8.34  ? 126 VAL A CG1 1 
ATOM   958  C CG2 . VAL A 1 126 ? 9.998   -4.850  -1.602  1.00 9.79  ? 126 VAL A CG2 1 
ATOM   959  N N   . PHE A 1 127 ? 6.008   -7.266  -1.012  1.00 8.92  ? 127 PHE A N   1 
ATOM   960  C CA  . PHE A 1 127 ? 5.151   -8.443  -1.068  1.00 8.78  ? 127 PHE A CA  1 
ATOM   961  C C   . PHE A 1 127 ? 4.216   -8.531  -2.271  1.00 10.03 ? 127 PHE A C   1 
ATOM   962  O O   . PHE A 1 127 ? 3.363   -9.415  -2.318  1.00 9.30  ? 127 PHE A O   1 
ATOM   963  C CB  . PHE A 1 127 ? 4.332   -8.528  0.225   1.00 8.25  ? 127 PHE A CB  1 
ATOM   964  C CG  . PHE A 1 127 ? 3.368   -7.391  0.409   1.00 8.84  ? 127 PHE A CG  1 
ATOM   965  C CD1 . PHE A 1 127 ? 2.051   -7.505  -0.015  1.00 8.85  ? 127 PHE A CD1 1 
ATOM   966  C CD2 . PHE A 1 127 ? 3.784   -6.192  0.979   1.00 7.79  ? 127 PHE A CD2 1 
ATOM   967  C CE1 . PHE A 1 127 ? 1.162   -6.448  0.122   1.00 9.58  ? 127 PHE A CE1 1 
ATOM   968  C CE2 . PHE A 1 127 ? 2.900   -5.126  1.119   1.00 7.69  ? 127 PHE A CE2 1 
ATOM   969  C CZ  . PHE A 1 127 ? 1.591   -5.251  0.692   1.00 8.55  ? 127 PHE A CZ  1 
ATOM   970  N N   . GLY A 1 128 ? 4.370   -7.633  -3.239  1.00 8.65  ? 128 GLY A N   1 
ATOM   971  C CA  . GLY A 1 128 ? 3.504   -7.683  -4.409  1.00 10.45 ? 128 GLY A CA  1 
ATOM   972  C C   . GLY A 1 128 ? 3.905   -6.722  -5.509  1.00 10.07 ? 128 GLY A C   1 
ATOM   973  O O   . GLY A 1 128 ? 4.898   -6.011  -5.386  1.00 10.29 ? 128 GLY A O   1 
ATOM   974  N N   . GLU A 1 129 ? 3.126   -6.700  -6.590  1.00 8.79  ? 129 GLU A N   1 
ATOM   975  C CA  . GLU A 1 129 ? 3.396   -5.815  -7.718  1.00 9.24  ? 129 GLU A CA  1 
ATOM   976  C C   . GLU A 1 129 ? 2.105   -5.434  -8.435  1.00 9.79  ? 129 GLU A C   1 
ATOM   977  O O   . GLU A 1 129 ? 1.097   -6.137  -8.343  1.00 10.30 ? 129 GLU A O   1 
ATOM   978  C CB  . GLU A 1 129 ? 4.343   -6.495  -8.719  1.00 8.98  ? 129 GLU A CB  1 
ATOM   979  C CG  . GLU A 1 129 ? 3.764   -7.760  -9.352  1.00 11.84 ? 129 GLU A CG  1 
ATOM   980  C CD  . GLU A 1 129 ? 4.708   -8.413  -10.350 1.00 13.51 ? 129 GLU A CD  1 
ATOM   981  O OE1 . GLU A 1 129 ? 5.855   -8.709  -9.974  1.00 13.55 ? 129 GLU A OE1 1 
ATOM   982  O OE2 . GLU A 1 129 ? 4.300   -8.640  -11.511 1.00 16.72 ? 129 GLU A OE2 1 
ATOM   983  N N   . VAL A 1 130 ? 2.140   -4.313  -9.147  1.00 9.80  ? 130 VAL A N   1 
ATOM   984  C CA  . VAL A 1 130 ? 0.978   -3.851  -9.892  1.00 9.95  ? 130 VAL A CA  1 
ATOM   985  C C   . VAL A 1 130 ? 0.925   -4.591  -11.230 1.00 10.29 ? 130 VAL A C   1 
ATOM   986  O O   . VAL A 1 130 ? 1.890   -4.564  -11.998 1.00 11.30 ? 130 VAL A O   1 
ATOM   987  C CB  . VAL A 1 130 ? 1.052   -2.333  -10.157 1.00 12.42 ? 130 VAL A CB  1 
ATOM   988  C CG1 . VAL A 1 130 ? 0.989   -1.571  -8.840  1.00 11.74 ? 130 VAL A CG1 1 
ATOM   989  C CG2 . VAL A 1 130 ? 2.332   -1.994  -10.897 1.00 17.22 ? 130 VAL A CG2 1 
ATOM   990  N N   . VAL A 1 131 ? -0.192  -5.263  -11.500 1.00 9.92  ? 131 VAL A N   1 
ATOM   991  C CA  . VAL A 1 131 ? -0.328  -6.003  -12.754 1.00 10.15 ? 131 VAL A CA  1 
ATOM   992  C C   . VAL A 1 131 ? -1.366  -5.412  -13.701 1.00 11.46 ? 131 VAL A C   1 
ATOM   993  O O   . VAL A 1 131 ? -1.481  -5.832  -14.854 1.00 12.08 ? 131 VAL A O   1 
ATOM   994  C CB  . VAL A 1 131 ? -0.648  -7.497  -12.493 1.00 8.32  ? 131 VAL A CB  1 
ATOM   995  C CG1 . VAL A 1 131 ? 0.501   -8.140  -11.723 1.00 10.42 ? 131 VAL A CG1 1 
ATOM   996  C CG2 . VAL A 1 131 ? -1.954  -7.639  -11.725 1.00 10.70 ? 131 VAL A CG2 1 
ATOM   997  N N   . ASP A 1 132 ? -2.127  -4.441  -13.216 1.00 10.18 ? 132 ASP A N   1 
ATOM   998  C CA  . ASP A 1 132 ? -3.116  -3.766  -14.043 1.00 12.05 ? 132 ASP A CA  1 
ATOM   999  C C   . ASP A 1 132 ? -3.445  -2.434  -13.397 1.00 12.49 ? 132 ASP A C   1 
ATOM   1000 O O   . ASP A 1 132 ? -3.546  -2.336  -12.172 1.00 12.62 ? 132 ASP A O   1 
ATOM   1001 C CB  . ASP A 1 132 ? -4.384  -4.619  -14.195 1.00 14.69 ? 132 ASP A CB  1 
ATOM   1002 C CG  . ASP A 1 132 ? -5.234  -4.200  -15.384 1.00 18.45 ? 132 ASP A CG  1 
ATOM   1003 O OD1 . ASP A 1 132 ? -6.057  -3.270  -15.253 1.00 21.99 ? 132 ASP A OD1 1 
ATOM   1004 O OD2 . ASP A 1 132 ? -5.067  -4.802  -16.466 1.00 22.77 ? 132 ASP A OD2 1 
ATOM   1005 N N   . GLY A 1 133 ? -3.575  -1.402  -14.221 1.00 11.75 ? 133 GLY A N   1 
ATOM   1006 C CA  . GLY A 1 133 ? -3.898  -0.086  -13.709 1.00 11.56 ? 133 GLY A CA  1 
ATOM   1007 C C   . GLY A 1 133 ? -2.722  0.749   -13.234 1.00 12.14 ? 133 GLY A C   1 
ATOM   1008 O O   . GLY A 1 133 ? -2.902  1.627   -12.388 1.00 10.52 ? 133 GLY A O   1 
ATOM   1009 N N   . TYR A 1 134 ? -1.522  0.508   -13.757 1.00 11.39 ? 134 TYR A N   1 
ATOM   1010 C CA  . TYR A 1 134 ? -0.394  1.323   -13.323 1.00 10.58 ? 134 TYR A CA  1 
ATOM   1011 C C   . TYR A 1 134 ? -0.640  2.771   -13.730 1.00 11.09 ? 134 TYR A C   1 
ATOM   1012 O O   . TYR A 1 134 ? -0.144  3.697   -13.089 1.00 10.05 ? 134 TYR A O   1 
ATOM   1013 C CB  . TYR A 1 134 ? 0.933   0.850   -13.928 1.00 10.80 ? 134 TYR A CB  1 
ATOM   1014 C CG  . TYR A 1 134 ? 2.117   1.593   -13.334 1.00 11.75 ? 134 TYR A CG  1 
ATOM   1015 C CD1 . TYR A 1 134 ? 2.558   1.316   -12.038 1.00 12.80 ? 134 TYR A CD1 1 
ATOM   1016 C CD2 . TYR A 1 134 ? 2.751   2.618   -14.039 1.00 11.13 ? 134 TYR A CD2 1 
ATOM   1017 C CE1 . TYR A 1 134 ? 3.598   2.043   -11.454 1.00 13.03 ? 134 TYR A CE1 1 
ATOM   1018 C CE2 . TYR A 1 134 ? 3.792   3.354   -13.464 1.00 12.02 ? 134 TYR A CE2 1 
ATOM   1019 C CZ  . TYR A 1 134 ? 4.207   3.062   -12.172 1.00 13.46 ? 134 TYR A CZ  1 
ATOM   1020 O OH  . TYR A 1 134 ? 5.216   3.798   -11.587 1.00 14.07 ? 134 TYR A OH  1 
ATOM   1021 N N   . ASP A 1 135 ? -1.407  2.969   -14.799 1.00 11.70 ? 135 ASP A N   1 
ATOM   1022 C CA  . ASP A 1 135 ? -1.715  4.314   -15.259 1.00 13.31 ? 135 ASP A CA  1 
ATOM   1023 C C   . ASP A 1 135 ? -2.522  5.049   -14.191 1.00 12.71 ? 135 ASP A C   1 
ATOM   1024 O O   . ASP A 1 135 ? -2.488  6.276   -14.109 1.00 12.84 ? 135 ASP A O   1 
ATOM   1025 C CB  . ASP A 1 135 ? -2.494  4.262   -16.577 1.00 16.55 ? 135 ASP A CB  1 
ATOM   1026 C CG  . ASP A 1 135 ? -3.807  3.517   -16.450 1.00 19.44 ? 135 ASP A CG  1 
ATOM   1027 O OD1 . ASP A 1 135 ? -3.797  2.361   -15.978 1.00 20.49 ? 135 ASP A OD1 1 
ATOM   1028 O OD2 . ASP A 1 135 ? -4.851  4.085   -16.831 1.00 23.89 ? 135 ASP A OD2 1 
ATOM   1029 N N   . ILE A 1 136 ? -3.242  4.289   -13.373 1.00 13.31 ? 136 ILE A N   1 
ATOM   1030 C CA  . ILE A 1 136 ? -4.037  4.868   -12.295 1.00 13.19 ? 136 ILE A CA  1 
ATOM   1031 C C   . ILE A 1 136 ? -3.094  5.286   -11.169 1.00 12.49 ? 136 ILE A C   1 
ATOM   1032 O O   . ILE A 1 136 ? -3.302  6.311   -10.516 1.00 12.26 ? 136 ILE A O   1 
ATOM   1033 C CB  . ILE A 1 136 ? -5.062  3.852   -11.766 1.00 13.65 ? 136 ILE A CB  1 
ATOM   1034 C CG1 . ILE A 1 136 ? -5.917  3.350   -12.933 1.00 16.63 ? 136 ILE A CG1 1 
ATOM   1035 C CG2 . ILE A 1 136 ? -5.947  4.501   -10.702 1.00 14.94 ? 136 ILE A CG2 1 
ATOM   1036 C CD1 . ILE A 1 136 ? -6.810  2.201   -12.586 1.00 20.19 ? 136 ILE A CD1 1 
ATOM   1037 N N   . VAL A 1 137 ? -2.056  4.484   -10.948 1.00 11.90 ? 137 VAL A N   1 
ATOM   1038 C CA  . VAL A 1 137 ? -1.063  4.790   -9.927  1.00 11.75 ? 137 VAL A CA  1 
ATOM   1039 C C   . VAL A 1 137 ? -0.413  6.114   -10.327 1.00 12.43 ? 137 VAL A C   1 
ATOM   1040 O O   . VAL A 1 137 ? -0.171  6.979   -9.490  1.00 12.20 ? 137 VAL A O   1 
ATOM   1041 C CB  . VAL A 1 137 ? 0.018   3.677   -9.849  1.00 10.29 ? 137 VAL A CB  1 
ATOM   1042 C CG1 . VAL A 1 137 ? 1.180   4.119   -8.970  1.00 10.04 ? 137 VAL A CG1 1 
ATOM   1043 C CG2 . VAL A 1 137 ? -0.598  2.399   -9.304  1.00 10.00 ? 137 VAL A CG2 1 
ATOM   1044 N N   . LYS A 1 138 ? -0.153  6.269   -11.622 1.00 12.91 ? 138 LYS A N   1 
ATOM   1045 C CA  . LYS A 1 138 ? 0.461   7.485   -12.139 1.00 14.38 ? 138 LYS A CA  1 
ATOM   1046 C C   . LYS A 1 138 ? -0.459  8.693   -11.994 1.00 14.75 ? 138 LYS A C   1 
ATOM   1047 O O   . LYS A 1 138 ? -0.001  9.795   -11.690 1.00 14.54 ? 138 LYS A O   1 
ATOM   1048 C CB  . LYS A 1 138 ? 0.832   7.300   -13.612 1.00 16.45 ? 138 LYS A CB  1 
ATOM   1049 C CG  . LYS A 1 138 ? 1.879   6.227   -13.856 1.00 19.36 ? 138 LYS A CG  1 
ATOM   1050 C CD  . LYS A 1 138 ? 3.199   6.829   -14.314 1.00 25.35 ? 138 LYS A CD  1 
ATOM   1051 C CE  . LYS A 1 138 ? 3.044   7.546   -15.650 1.00 27.59 ? 138 LYS A CE  1 
ATOM   1052 N NZ  . LYS A 1 138 ? 4.325   8.145   -16.117 1.00 29.22 ? 138 LYS A NZ  1 
ATOM   1053 N N   . LYS A 1 139 ? -1.755  8.495   -12.221 1.00 13.90 ? 139 LYS A N   1 
ATOM   1054 C CA  . LYS A 1 139 ? -2.699  9.598   -12.097 1.00 14.34 ? 139 LYS A CA  1 
ATOM   1055 C C   . LYS A 1 139 ? -2.740  10.057  -10.642 1.00 12.72 ? 139 LYS A C   1 
ATOM   1056 O O   . LYS A 1 139 ? -2.809  11.252  -10.364 1.00 13.36 ? 139 LYS A O   1 
ATOM   1057 C CB  . LYS A 1 139 ? -4.099  9.171   -12.543 1.00 15.88 ? 139 LYS A CB  1 
ATOM   1058 C CG  . LYS A 1 139 ? -4.931  10.313  -13.113 1.00 22.85 ? 139 LYS A CG  1 
ATOM   1059 C CD  . LYS A 1 139 ? -4.372  10.757  -14.463 1.00 25.95 ? 139 LYS A CD  1 
ATOM   1060 C CE  . LYS A 1 139 ? -5.127  11.946  -15.038 1.00 27.22 ? 139 LYS A CE  1 
ATOM   1061 N NZ  . LYS A 1 139 ? -4.916  13.186  -14.239 1.00 30.19 ? 139 LYS A NZ  1 
ATOM   1062 N N   . VAL A 1 140 ? -2.701  9.102   -9.719  1.00 11.79 ? 140 VAL A N   1 
ATOM   1063 C CA  . VAL A 1 140 ? -2.717  9.421   -8.295  1.00 11.39 ? 140 VAL A CA  1 
ATOM   1064 C C   . VAL A 1 140 ? -1.446  10.185  -7.933  1.00 12.03 ? 140 VAL A C   1 
ATOM   1065 O O   . VAL A 1 140 ? -1.496  11.201  -7.242  1.00 11.87 ? 140 VAL A O   1 
ATOM   1066 C CB  . VAL A 1 140 ? -2.810  8.137   -7.433  1.00 11.41 ? 140 VAL A CB  1 
ATOM   1067 C CG1 . VAL A 1 140 ? -2.615  8.469   -5.956  1.00 11.80 ? 140 VAL A CG1 1 
ATOM   1068 C CG2 . VAL A 1 140 ? -4.170  7.480   -7.637  1.00 11.77 ? 140 VAL A CG2 1 
ATOM   1069 N N   . GLU A 1 141 ? -0.310  9.698   -8.419  1.00 13.46 ? 141 GLU A N   1 
ATOM   1070 C CA  . GLU A 1 141 ? 0.969   10.339  -8.141  1.00 12.16 ? 141 GLU A CA  1 
ATOM   1071 C C   . GLU A 1 141 ? 0.976   11.796  -8.596  1.00 14.05 ? 141 GLU A C   1 
ATOM   1072 O O   . GLU A 1 141 ? 1.506   12.664  -7.903  1.00 11.63 ? 141 GLU A O   1 
ATOM   1073 C CB  . GLU A 1 141 ? 2.100   9.575   -8.838  1.00 12.99 ? 141 GLU A CB  1 
ATOM   1074 C CG  . GLU A 1 141 ? 3.469   10.223  -8.689  1.00 11.12 ? 141 GLU A CG  1 
ATOM   1075 C CD  . GLU A 1 141 ? 4.527   9.533   -9.521  1.00 13.03 ? 141 GLU A CD  1 
ATOM   1076 O OE1 . GLU A 1 141 ? 4.213   9.137   -10.664 1.00 14.47 ? 141 GLU A OE1 1 
ATOM   1077 O OE2 . GLU A 1 141 ? 5.676   9.400   -9.042  1.00 13.13 ? 141 GLU A OE2 1 
ATOM   1078 N N   . SER A 1 142 ? 0.382   12.059  -9.756  1.00 15.13 ? 142 SER A N   1 
ATOM   1079 C CA  . SER A 1 142 ? 0.336   13.410  -10.307 1.00 16.87 ? 142 SER A CA  1 
ATOM   1080 C C   . SER A 1 142 ? -0.480  14.364  -9.444  1.00 17.74 ? 142 SER A C   1 
ATOM   1081 O O   . SER A 1 142 ? -0.434  15.580  -9.641  1.00 18.67 ? 142 SER A O   1 
ATOM   1082 C CB  . SER A 1 142 ? -0.244  13.390  -11.726 1.00 18.73 ? 142 SER A CB  1 
ATOM   1083 O OG  . SER A 1 142 ? -1.628  13.092  -11.717 1.00 22.95 ? 142 SER A OG  1 
ATOM   1084 N N   . LEU A 1 143 ? -1.229  13.814  -8.493  1.00 17.69 ? 143 LEU A N   1 
ATOM   1085 C CA  . LEU A 1 143 ? -2.049  14.633  -7.607  1.00 17.24 ? 143 LEU A CA  1 
ATOM   1086 C C   . LEU A 1 143 ? -1.376  14.857  -6.260  1.00 17.09 ? 143 LEU A C   1 
ATOM   1087 O O   . LEU A 1 143 ? -1.934  15.516  -5.383  1.00 16.85 ? 143 LEU A O   1 
ATOM   1088 C CB  . LEU A 1 143 ? -3.417  13.979  -7.395  1.00 18.79 ? 143 LEU A CB  1 
ATOM   1089 C CG  . LEU A 1 143 ? -4.300  13.845  -8.638  1.00 19.79 ? 143 LEU A CG  1 
ATOM   1090 C CD1 . LEU A 1 143 ? -5.638  13.239  -8.241  1.00 20.29 ? 143 LEU A CD1 1 
ATOM   1091 C CD2 . LEU A 1 143 ? -4.505  15.211  -9.282  1.00 20.14 ? 143 LEU A CD2 1 
ATOM   1092 N N   . GLY A 1 144 ? -0.173  14.311  -6.102  1.00 15.60 ? 144 GLY A N   1 
ATOM   1093 C CA  . GLY A 1 144 ? 0.547   14.463  -4.851  1.00 14.52 ? 144 GLY A CA  1 
ATOM   1094 C C   . GLY A 1 144 ? 1.443   15.687  -4.815  1.00 14.20 ? 144 GLY A C   1 
ATOM   1095 O O   . GLY A 1 144 ? 1.341   16.567  -5.673  1.00 15.10 ? 144 GLY A O   1 
ATOM   1096 N N   . SER A 1 145 ? 2.318   15.742  -3.815  1.00 13.89 ? 145 SER A N   1 
ATOM   1097 C CA  . SER A 1 145 ? 3.250   16.854  -3.647  1.00 13.35 ? 145 SER A CA  1 
ATOM   1098 C C   . SER A 1 145 ? 4.464   16.374  -2.848  1.00 12.60 ? 145 SER A C   1 
ATOM   1099 O O   . SER A 1 145 ? 4.443   15.290  -2.270  1.00 12.39 ? 145 SER A O   1 
ATOM   1100 C CB  . SER A 1 145 ? 2.564   18.013  -2.915  1.00 13.80 ? 145 SER A CB  1 
ATOM   1101 O OG  . SER A 1 145 ? 2.189   17.640  -1.602  1.00 15.12 ? 145 SER A OG  1 
ATOM   1102 N N   . PRO A 1 146 ? 5.542   17.174  -2.807  1.00 12.73 ? 146 PRO A N   1 
ATOM   1103 C CA  . PRO A 1 146 ? 6.730   16.756  -2.058  1.00 13.77 ? 146 PRO A CA  1 
ATOM   1104 C C   . PRO A 1 146 ? 6.478   16.394  -0.598  1.00 12.88 ? 146 PRO A C   1 
ATOM   1105 O O   . PRO A 1 146 ? 7.127   15.502  -0.056  1.00 13.90 ? 146 PRO A O   1 
ATOM   1106 C CB  . PRO A 1 146 ? 7.666   17.953  -2.207  1.00 13.18 ? 146 PRO A CB  1 
ATOM   1107 C CG  . PRO A 1 146 ? 7.317   18.465  -3.570  1.00 13.97 ? 146 PRO A CG  1 
ATOM   1108 C CD  . PRO A 1 146 ? 5.803   18.422  -3.546  1.00 13.68 ? 146 PRO A CD  1 
ATOM   1109 N N   . SER A 1 147 ? 5.539   17.090  0.034   1.00 12.95 ? 147 SER A N   1 
ATOM   1110 C CA  . SER A 1 147 ? 5.211   16.834  1.432   1.00 14.12 ? 147 SER A CA  1 
ATOM   1111 C C   . SER A 1 147 ? 4.332   15.595  1.574   1.00 12.51 ? 147 SER A C   1 
ATOM   1112 O O   . SER A 1 147 ? 4.189   15.042  2.666   1.00 14.10 ? 147 SER A O   1 
ATOM   1113 C CB  . SER A 1 147 ? 4.473   18.032  2.026   1.00 14.47 ? 147 SER A CB  1 
ATOM   1114 O OG  . SER A 1 147 ? 3.178   18.151  1.461   1.00 15.81 ? 147 SER A OG  1 
ATOM   1115 N N   . GLY A 1 148 ? 3.736   15.170  0.465   1.00 12.82 ? 148 GLY A N   1 
ATOM   1116 C CA  . GLY A 1 148 ? 2.867   14.008  0.492   1.00 10.43 ? 148 GLY A CA  1 
ATOM   1117 C C   . GLY A 1 148 ? 1.405   14.408  0.525   1.00 10.67 ? 148 GLY A C   1 
ATOM   1118 O O   . GLY A 1 148 ? 0.516   13.573  0.347   1.00 9.82  ? 148 GLY A O   1 
ATOM   1119 N N   . ALA A 1 149 ? 1.148   15.690  0.755   1.00 11.70 ? 149 ALA A N   1 
ATOM   1120 C CA  . ALA A 1 149 ? -0.221  16.190  0.807   1.00 13.39 ? 149 ALA A CA  1 
ATOM   1121 C C   . ALA A 1 149 ? -0.866  16.178  -0.575  1.00 14.52 ? 149 ALA A C   1 
ATOM   1122 O O   . ALA A 1 149 ? -0.184  16.299  -1.593  1.00 14.13 ? 149 ALA A O   1 
ATOM   1123 C CB  . ALA A 1 149 ? -0.235  17.606  1.375   1.00 13.34 ? 149 ALA A CB  1 
ATOM   1124 N N   . THR A 1 150 ? -2.186  16.029  -0.604  1.00 15.29 ? 150 THR A N   1 
ATOM   1125 C CA  . THR A 1 150 ? -2.938  16.016  -1.854  1.00 15.48 ? 150 THR A CA  1 
ATOM   1126 C C   . THR A 1 150 ? -4.065  17.040  -1.767  1.00 15.91 ? 150 THR A C   1 
ATOM   1127 O O   . THR A 1 150 ? -4.628  17.253  -0.697  1.00 16.37 ? 150 THR A O   1 
ATOM   1128 C CB  . THR A 1 150 ? -3.546  14.623  -2.117  1.00 14.96 ? 150 THR A CB  1 
ATOM   1129 O OG1 . THR A 1 150 ? -4.258  14.187  -0.954  1.00 15.36 ? 150 THR A OG1 1 
ATOM   1130 C CG2 . THR A 1 150 ? -2.454  13.614  -2.443  1.00 14.96 ? 150 THR A CG2 1 
ATOM   1131 N N   . LYS A 1 151 ? -4.384  17.686  -2.886  1.00 17.37 ? 151 LYS A N   1 
ATOM   1132 C CA  . LYS A 1 151 ? -5.455  18.679  -2.903  1.00 18.15 ? 151 LYS A CA  1 
ATOM   1133 C C   . LYS A 1 151 ? -6.800  17.970  -2.989  1.00 17.78 ? 151 LYS A C   1 
ATOM   1134 O O   . LYS A 1 151 ? -7.828  18.497  -2.556  1.00 17.75 ? 151 LYS A O   1 
ATOM   1135 C CB  . LYS A 1 151 ? -5.287  19.629  -4.089  1.00 20.67 ? 151 LYS A CB  1 
ATOM   1136 C CG  . LYS A 1 151 ? -4.029  20.480  -4.016  1.00 23.61 ? 151 LYS A CG  1 
ATOM   1137 C CD  . LYS A 1 151 ? -3.880  21.367  -5.240  1.00 26.36 ? 151 LYS A CD  1 
ATOM   1138 C CE  . LYS A 1 151 ? -2.580  22.152  -5.177  1.00 29.03 ? 151 LYS A CE  1 
ATOM   1139 N NZ  . LYS A 1 151 ? -2.311  22.897  -6.432  1.00 32.31 ? 151 LYS A NZ  1 
ATOM   1140 N N   . ALA A 1 152 ? -6.782  16.767  -3.549  1.00 16.26 ? 152 ALA A N   1 
ATOM   1141 C CA  . ALA A 1 152 ? -7.994  15.971  -3.677  1.00 14.69 ? 152 ALA A CA  1 
ATOM   1142 C C   . ALA A 1 152 ? -7.977  14.885  -2.608  1.00 14.34 ? 152 ALA A C   1 
ATOM   1143 O O   . ALA A 1 152 ? -6.911  14.468  -2.158  1.00 15.25 ? 152 ALA A O   1 
ATOM   1144 C CB  . ALA A 1 152 ? -8.056  15.332  -5.064  1.00 15.13 ? 152 ALA A CB  1 
ATOM   1145 N N   . ARG A 1 153 ? -9.157  14.445  -2.184  1.00 12.84 ? 153 ARG A N   1 
ATOM   1146 C CA  . ARG A 1 153 ? -9.242  13.378  -1.194  1.00 13.31 ? 153 ARG A CA  1 
ATOM   1147 C C   . ARG A 1 153 ? -9.241  12.080  -1.989  1.00 11.47 ? 153 ARG A C   1 
ATOM   1148 O O   . ARG A 1 153 ? -10.238 11.723  -2.620  1.00 12.67 ? 153 ARG A O   1 
ATOM   1149 C CB  . ARG A 1 153 ? -10.527 13.498  -0.369  1.00 15.23 ? 153 ARG A CB  1 
ATOM   1150 C CG  . ARG A 1 153 ? -10.617 14.766  0.463   1.00 20.41 ? 153 ARG A CG  1 
ATOM   1151 C CD  . ARG A 1 153 ? -9.416  14.913  1.384   1.00 25.00 ? 153 ARG A CD  1 
ATOM   1152 N NE  . ARG A 1 153 ? -9.218  13.736  2.226   1.00 30.14 ? 153 ARG A NE  1 
ATOM   1153 C CZ  . ARG A 1 153 ? -8.232  13.607  3.108   1.00 32.03 ? 153 ARG A CZ  1 
ATOM   1154 N NH1 . ARG A 1 153 ? -7.351  14.586  3.268   1.00 32.79 ? 153 ARG A NH1 1 
ATOM   1155 N NH2 . ARG A 1 153 ? -8.124  12.499  3.831   1.00 33.57 ? 153 ARG A NH2 1 
ATOM   1156 N N   . ILE A 1 154 ? -8.106  11.387  -1.973  1.00 10.54 ? 154 ILE A N   1 
ATOM   1157 C CA  . ILE A 1 154 ? -7.956  10.143  -2.717  1.00 10.32 ? 154 ILE A CA  1 
ATOM   1158 C C   . ILE A 1 154 ? -8.122  8.950   -1.793  1.00 8.67  ? 154 ILE A C   1 
ATOM   1159 O O   . ILE A 1 154 ? -7.438  8.831   -0.772  1.00 9.61  ? 154 ILE A O   1 
ATOM   1160 C CB  . ILE A 1 154 ? -6.573  10.083  -3.392  1.00 10.06 ? 154 ILE A CB  1 
ATOM   1161 C CG1 . ILE A 1 154 ? -6.300  11.409  -4.106  1.00 12.43 ? 154 ILE A CG1 1 
ATOM   1162 C CG2 . ILE A 1 154 ? -6.536  8.937   -4.393  1.00 11.57 ? 154 ILE A CG2 1 
ATOM   1163 C CD1 . ILE A 1 154 ? -4.906  11.529  -4.692  1.00 12.62 ? 154 ILE A CD1 1 
ATOM   1164 N N   . VAL A 1 155 ? -9.038  8.057   -2.152  1.00 8.00  ? 155 VAL A N   1 
ATOM   1165 C CA  . VAL A 1 155 ? -9.294  6.897   -1.321  1.00 8.25  ? 155 VAL A CA  1 
ATOM   1166 C C   . VAL A 1 155 ? -9.446  5.602   -2.100  1.00 9.73  ? 155 VAL A C   1 
ATOM   1167 O O   . VAL A 1 155 ? -9.626  5.599   -3.320  1.00 8.89  ? 155 VAL A O   1 
ATOM   1168 C CB  . VAL A 1 155 ? -10.598 7.073   -0.495  1.00 9.18  ? 155 VAL A CB  1 
ATOM   1169 C CG1 . VAL A 1 155 ? -10.525 8.326   0.365   1.00 9.36  ? 155 VAL A CG1 1 
ATOM   1170 C CG2 . VAL A 1 155 ? -11.797 7.142   -1.435  1.00 9.80  ? 155 VAL A CG2 1 
ATOM   1171 N N   . VAL A 1 156 ? -9.330  4.503   -1.367  1.00 9.49  ? 156 VAL A N   1 
ATOM   1172 C CA  . VAL A 1 156 ? -9.550  3.179   -1.915  1.00 9.32  ? 156 VAL A CA  1 
ATOM   1173 C C   . VAL A 1 156 ? -11.049 3.102   -1.664  1.00 10.86 ? 156 VAL A C   1 
ATOM   1174 O O   . VAL A 1 156 ? -11.483 2.866   -0.533  1.00 12.55 ? 156 VAL A O   1 
ATOM   1175 C CB  . VAL A 1 156 ? -8.824  2.096   -1.087  1.00 8.59  ? 156 VAL A CB  1 
ATOM   1176 C CG1 . VAL A 1 156 ? -9.271  0.708   -1.531  1.00 10.96 ? 156 VAL A CG1 1 
ATOM   1177 C CG2 . VAL A 1 156 ? -7.318  2.246   -1.250  1.00 8.67  ? 156 VAL A CG2 1 
ATOM   1178 N N   . ALA A 1 157 ? -11.840 3.359   -2.700  1.00 10.76 ? 157 ALA A N   1 
ATOM   1179 C CA  . ALA A 1 157 ? -13.291 3.351   -2.565  1.00 12.90 ? 157 ALA A CA  1 
ATOM   1180 C C   . ALA A 1 157 ? -13.834 1.958   -2.305  1.00 13.91 ? 157 ALA A C   1 
ATOM   1181 O O   . ALA A 1 157 ? -14.726 1.766   -1.476  1.00 14.92 ? 157 ALA A O   1 
ATOM   1182 C CB  . ALA A 1 157 ? -13.931 3.935   -3.821  1.00 12.63 ? 157 ALA A CB  1 
ATOM   1183 N N   . LYS A 1 158 ? -13.279 0.985   -3.012  1.00 12.62 ? 158 LYS A N   1 
ATOM   1184 C CA  . LYS A 1 158 ? -13.708 -0.395  -2.887  1.00 13.23 ? 158 LYS A CA  1 
ATOM   1185 C C   . LYS A 1 158 ? -12.493 -1.274  -3.105  1.00 12.39 ? 158 LYS A C   1 
ATOM   1186 O O   . LYS A 1 158 ? -11.593 -0.916  -3.863  1.00 12.23 ? 158 LYS A O   1 
ATOM   1187 C CB  . LYS A 1 158 ? -14.769 -0.696  -3.948  1.00 15.07 ? 158 LYS A CB  1 
ATOM   1188 C CG  . LYS A 1 158 ? -15.381 -2.080  -3.868  1.00 17.03 ? 158 LYS A CG  1 
ATOM   1189 C CD  . LYS A 1 158 ? -16.480 -2.247  -4.908  1.00 20.92 ? 158 LYS A CD  1 
ATOM   1190 C CE  . LYS A 1 158 ? -17.246 -3.544  -4.699  1.00 23.18 ? 158 LYS A CE  1 
ATOM   1191 N NZ  . LYS A 1 158 ? -16.354 -4.731  -4.758  1.00 26.39 ? 158 LYS A NZ  1 
ATOM   1192 N N   . SER A 1 159 ? -12.458 -2.415  -2.430  1.00 10.06 ? 159 SER A N   1 
ATOM   1193 C CA  . SER A 1 159 ? -11.349 -3.339  -2.574  1.00 9.62  ? 159 SER A CA  1 
ATOM   1194 C C   . SER A 1 159 ? -11.841 -4.774  -2.459  1.00 10.82 ? 159 SER A C   1 
ATOM   1195 O O   . SER A 1 159 ? -12.929 -5.029  -1.937  1.00 10.54 ? 159 SER A O   1 
ATOM   1196 C CB  . SER A 1 159 ? -10.263 -3.046  -1.526  1.00 11.03 ? 159 SER A CB  1 
ATOM   1197 O OG  . SER A 1 159 ? -10.749 -3.163  -0.197  1.00 9.85  ? 159 SER A OG  1 
ATOM   1198 N N   . GLY A 1 160 ? -11.048 -5.707  -2.973  1.00 9.27  ? 160 GLY A N   1 
ATOM   1199 C CA  . GLY A 1 160 ? -11.424 -7.103  -2.910  1.00 10.05 ? 160 GLY A CA  1 
ATOM   1200 C C   . GLY A 1 160 ? -10.387 -8.001  -3.544  1.00 11.63 ? 160 GLY A C   1 
ATOM   1201 O O   . GLY A 1 160 ? -9.270  -7.567  -3.842  1.00 9.68  ? 160 GLY A O   1 
ATOM   1202 N N   . GLU A 1 161 ? -10.754 -9.263  -3.741  1.00 11.29 ? 161 GLU A N   1 
ATOM   1203 C CA  . GLU A 1 161 ? -9.857  -10.238 -4.345  1.00 11.86 ? 161 GLU A CA  1 
ATOM   1204 C C   . GLU A 1 161 ? -10.472 -10.790 -5.624  1.00 13.60 ? 161 GLU A C   1 
ATOM   1205 O O   . GLU A 1 161 ? -11.693 -10.870 -5.751  1.00 13.48 ? 161 GLU A O   1 
ATOM   1206 C CB  . GLU A 1 161 ? -9.576  -11.387 -3.369  1.00 14.56 ? 161 GLU A CB  1 
ATOM   1207 C CG  . GLU A 1 161 ? -10.816 -12.100 -2.847  1.00 17.67 ? 161 GLU A CG  1 
ATOM   1208 C CD  . GLU A 1 161 ? -10.488 -13.237 -1.891  1.00 20.03 ? 161 GLU A CD  1 
ATOM   1209 O OE1 . GLU A 1 161 ? -11.433 -13.824 -1.314  1.00 21.32 ? 161 GLU A OE1 1 
ATOM   1210 O OE2 . GLU A 1 161 ? -9.289  -13.552 -1.720  1.00 17.69 ? 161 GLU A OE2 1 
ATOM   1211 N N   . LEU A 1 162 ? -9.617  -11.147 -6.576  1.00 12.08 ? 162 LEU A N   1 
ATOM   1212 C CA  . LEU A 1 162 ? -10.077 -11.709 -7.841  1.00 13.64 ? 162 LEU A CA  1 
ATOM   1213 C C   . LEU A 1 162 ? -10.006 -13.225 -7.774  1.00 14.07 ? 162 LEU A C   1 
ATOM   1214 O O   . LEU A 1 162 ? -10.657 -13.885 -8.614  1.00 17.03 ? 162 LEU A O   1 
ATOM   1215 C CB  . LEU A 1 162 ? -9.218  -11.204 -9.000  1.00 12.46 ? 162 LEU A CB  1 
ATOM   1216 C CG  . LEU A 1 162 ? -9.219  -9.693  -9.228  1.00 12.96 ? 162 LEU A CG  1 
ATOM   1217 C CD1 . LEU A 1 162 ? -8.493  -9.370  -10.524 1.00 14.79 ? 162 LEU A CD1 1 
ATOM   1218 C CD2 . LEU A 1 162 ? -10.641 -9.183  -9.291  1.00 14.15 ? 162 LEU A CD2 1 
ATOM   1219 O OXT . LEU A 1 162 ? -9.288  -13.737 -6.893  1.00 14.32 ? 162 LEU A OXT 1 
HETATM 1220 C C   . ACE B 2 1   ? 4.768   5.462   9.276   1.00 12.06 ? 1   ACE B C   1 
HETATM 1221 O O   . ACE B 2 1   ? 4.196   5.692   8.197   1.00 13.70 ? 1   ACE B O   1 
ATOM   1222 N N   . ALA B 2 2   ? 5.899   6.078   9.624   1.00 11.28 ? 2   ALA B N   1 
ATOM   1223 C CA  . ALA B 2 2   ? 6.421   7.231   8.895   1.00 12.02 ? 2   ALA B CA  1 
ATOM   1224 C C   . ALA B 2 2   ? 7.500   6.833   7.888   1.00 11.61 ? 2   ALA B C   1 
ATOM   1225 O O   . ALA B 2 2   ? 7.983   7.670   7.129   1.00 11.58 ? 2   ALA B O   1 
ATOM   1226 C CB  . ALA B 2 2   ? 6.977   8.266   9.877   1.00 12.40 ? 2   ALA B CB  1 
ATOM   1227 N N   . ALA B 2 3   ? 7.889   5.562   7.899   1.00 10.90 ? 3   ALA B N   1 
ATOM   1228 C CA  . ALA B 2 3   ? 8.891   5.063   6.955   1.00 11.54 ? 3   ALA B CA  1 
ATOM   1229 C C   . ALA B 2 3   ? 8.102   4.424   5.815   1.00 11.99 ? 3   ALA B C   1 
ATOM   1230 O O   . ALA B 2 3   ? 7.037   3.852   6.045   1.00 12.76 ? 3   ALA B O   1 
ATOM   1231 C CB  . ALA B 2 3   ? 9.778   4.031   7.629   1.00 11.49 ? 3   ALA B CB  1 
ATOM   1232 N N   . PRO B 2 4   ? 8.629   4.466   4.580   1.00 11.46 ? 4   PRO B N   1 
ATOM   1233 C CA  . PRO B 2 4   ? 9.902   5.043   4.133   1.00 11.36 ? 4   PRO B CA  1 
ATOM   1234 C C   . PRO B 2 4   ? 9.988   6.565   4.096   1.00 12.44 ? 4   PRO B C   1 
ATOM   1235 O O   . PRO B 2 4   ? 9.048   7.249   3.689   1.00 13.27 ? 4   PRO B O   1 
ATOM   1236 C CB  . PRO B 2 4   ? 10.075  4.431   2.752   1.00 10.20 ? 4   PRO B CB  1 
ATOM   1237 C CG  . PRO B 2 4   ? 8.668   4.425   2.244   1.00 10.49 ? 4   PRO B CG  1 
ATOM   1238 C CD  . PRO B 2 4   ? 7.902   3.882   3.437   1.00 11.78 ? 4   PRO B CD  1 
ATOM   1239 N N   . ALA B 2 5   ? 11.142  7.083   4.509   1.00 13.06 ? 5   ALA B N   1 
ATOM   1240 C CA  . ALA B 2 5   ? 11.385  8.520   4.533   1.00 14.13 ? 5   ALA B CA  1 
ATOM   1241 C C   . ALA B 2 5   ? 11.457  9.086   3.120   1.00 14.17 ? 5   ALA B C   1 
ATOM   1242 O O   . ALA B 2 5   ? 11.948  8.417   2.207   1.00 15.78 ? 5   ALA B O   1 
ATOM   1243 C CB  . ALA B 2 5   ? 12.687  8.813   5.278   1.00 13.80 ? 5   ALA B CB  1 
HETATM 1244 N N   . MCM B 2 6   ? 10.978  10.323  2.973   1.00 14.36 ? 6   MCM B N   1 
HETATM 1245 C CA  . MCM B 2 6   ? 10.944  11.035  1.762   1.00 13.60 ? 6   MCM B CA  1 
HETATM 1246 C C2  . MCM B 2 6   ? 11.521  10.577  0.555   1.00 13.92 ? 6   MCM B C2  1 
HETATM 1247 C C3  . MCM B 2 6   ? 11.442  11.342  -0.615  1.00 14.62 ? 6   MCM B C3  1 
HETATM 1248 C C4  . MCM B 2 6   ? 11.957  11.601  -2.983  1.00 14.84 ? 6   MCM B C4  1 
HETATM 1249 C C5  . MCM B 2 6   ? 11.301  12.849  -2.986  1.00 15.78 ? 6   MCM B C5  1 
HETATM 1250 C C6  . MCM B 2 6   ? 10.707  13.366  -1.813  1.00 15.40 ? 6   MCM B C6  1 
HETATM 1251 C C7  . MCM B 2 6   ? 10.773  12.604  -0.599  1.00 15.18 ? 6   MCM B C7  1 
HETATM 1252 C C8  . MCM B 2 6   ? 10.188  13.074  0.617   1.00 14.83 ? 6   MCM B C8  1 
HETATM 1253 C C9  . MCM B 2 6   ? 10.280  12.282  1.785   1.00 14.47 ? 6   MCM B C9  1 
HETATM 1254 C C10 . MCM B 2 6   ? 10.068  14.608  -1.866  1.00 17.15 ? 6   MCM B C10 1 
HETATM 1255 O O1  . MCM B 2 6   ? 12.014  10.869  -1.787  1.00 14.99 ? 6   MCM B O1  1 
HETATM 1256 O O2  . MCM B 2 6   ? 12.529  11.102  -4.117  1.00 18.35 ? 6   MCM B O2  1 
HETATM 1257 O O   . HOH C 3 .   ? 10.095  -10.177 0.495   1.00 13.82 ? 163 HOH A O   1 
HETATM 1258 O O   . HOH C 3 .   ? 8.476   -3.333  10.212  1.00 10.85 ? 164 HOH A O   1 
HETATM 1259 O O   . HOH C 3 .   ? -4.122  5.691   4.877   1.00 9.01  ? 165 HOH A O   1 
HETATM 1260 O O   . HOH C 3 .   ? 6.342   -8.770  7.135   1.00 11.74 ? 166 HOH A O   1 
HETATM 1261 O O   . HOH C 3 .   ? 0.603   -6.995  4.539   1.00 12.14 ? 167 HOH A O   1 
HETATM 1262 O O   . HOH C 3 .   ? 11.210  -7.647  0.977   1.00 8.40  ? 168 HOH A O   1 
HETATM 1263 O O   . HOH C 3 .   ? 8.314   -3.927  6.559   1.00 8.65  ? 169 HOH A O   1 
HETATM 1264 O O   . HOH C 3 .   ? -12.594 10.311  -2.895  1.00 9.92  ? 170 HOH A O   1 
HETATM 1265 O O   . HOH C 3 .   ? -5.561  3.273   1.667   1.00 10.12 ? 171 HOH A O   1 
HETATM 1266 O O   . HOH C 3 .   ? -13.755 -4.519  1.025   1.00 10.93 ? 172 HOH A O   1 
HETATM 1267 O O   . HOH C 3 .   ? 2.344   -1.247  8.114   1.00 14.07 ? 173 HOH A O   1 
HETATM 1268 O O   . HOH C 3 .   ? -6.381  -7.129  -16.500 1.00 25.22 ? 174 HOH A O   1 
HETATM 1269 O O   . HOH C 3 .   ? 2.509   8.048   7.285   1.00 14.65 ? 175 HOH A O   1 
HETATM 1270 O O   . HOH C 3 .   ? -2.998  -15.446 1.068   1.00 16.78 ? 176 HOH A O   1 
HETATM 1271 O O   . HOH C 3 .   ? 7.088   -16.774 6.453   1.00 12.92 ? 177 HOH A O   1 
HETATM 1272 O O   . HOH C 3 .   ? -14.412 -13.033 9.683   1.00 23.96 ? 178 HOH A O   1 
HETATM 1273 O O   . HOH C 3 .   ? -0.648  -1.909  -15.300 1.00 14.80 ? 179 HOH A O   1 
HETATM 1274 O O   . HOH C 3 .   ? 7.338   -6.276  -11.577 1.00 14.26 ? 180 HOH A O   1 
HETATM 1275 O O   . HOH C 3 .   ? -5.780  11.797  -0.280  1.00 11.41 ? 181 HOH A O   1 
HETATM 1276 O O   . HOH C 3 .   ? -15.334 3.711   -7.768  1.00 13.91 ? 182 HOH A O   1 
HETATM 1277 O O   . HOH C 3 .   ? 7.298   12.569  4.058   1.00 19.74 ? 183 HOH A O   1 
HETATM 1278 O O   . HOH C 3 .   ? 7.033   -3.847  -11.223 1.00 17.01 ? 184 HOH A O   1 
HETATM 1279 O O   . HOH C 3 .   ? -13.781 -0.633  5.533   1.00 22.08 ? 185 HOH A O   1 
HETATM 1280 O O   . HOH C 3 .   ? -2.690  -8.518  -15.304 1.00 17.28 ? 186 HOH A O   1 
HETATM 1281 O O   . HOH C 3 .   ? 12.903  2.756   6.323   1.00 14.40 ? 187 HOH A O   1 
HETATM 1282 O O   . HOH C 3 .   ? -4.556  16.176  -5.212  1.00 19.20 ? 188 HOH A O   1 
HETATM 1283 O O   . HOH C 3 .   ? 9.704   -17.557 2.766   1.00 16.61 ? 189 HOH A O   1 
HETATM 1284 O O   . HOH C 3 .   ? -10.413 -8.046  6.873   1.00 11.98 ? 190 HOH A O   1 
HETATM 1285 O O   . HOH C 3 .   ? -6.573  -15.095 7.655   1.00 18.80 ? 191 HOH A O   1 
HETATM 1286 O O   . HOH C 3 .   ? -12.126 -13.803 -10.752 1.00 19.95 ? 192 HOH A O   1 
HETATM 1287 O O   . HOH C 3 .   ? 0.914   13.191  4.204   1.00 24.98 ? 193 HOH A O   1 
HETATM 1288 O O   . HOH C 3 .   ? 7.705   8.524   -10.795 1.00 16.10 ? 194 HOH A O   1 
HETATM 1289 O O   . HOH C 3 .   ? 13.761  -6.741  10.603  1.00 20.13 ? 195 HOH A O   1 
HETATM 1290 O O   . HOH C 3 .   ? 7.967   15.194  -5.022  1.00 15.45 ? 196 HOH A O   1 
HETATM 1291 O O   . HOH C 3 .   ? 8.704   -8.550  -12.693 1.00 16.41 ? 197 HOH A O   1 
HETATM 1292 O O   . HOH C 3 .   ? -10.896 -14.903 7.254   1.00 23.89 ? 198 HOH A O   1 
HETATM 1293 O O   . HOH C 3 .   ? 10.970  -1.213  16.018  1.00 15.73 ? 199 HOH A O   1 
HETATM 1294 O O   . HOH C 3 .   ? 13.521  -5.450  1.150   1.00 12.11 ? 200 HOH A O   1 
HETATM 1295 O O   . HOH C 3 .   ? -8.217  -3.127  -13.556 1.00 24.37 ? 201 HOH A O   1 
HETATM 1296 O O   . HOH C 3 .   ? 17.540  -6.213  7.231   1.00 24.89 ? 202 HOH A O   1 
HETATM 1297 O O   . HOH C 3 .   ? 15.567  5.950   -7.900  1.00 17.14 ? 203 HOH A O   1 
HETATM 1298 O O   . HOH C 3 .   ? -0.272  0.192   10.070  1.00 18.51 ? 204 HOH A O   1 
HETATM 1299 O O   . HOH C 3 .   ? 5.523   8.378   -12.935 1.00 23.38 ? 205 HOH A O   1 
HETATM 1300 O O   . HOH C 3 .   ? 12.449  -3.089  9.004   1.00 16.10 ? 206 HOH A O   1 
HETATM 1301 O O   . HOH C 3 .   ? 4.286   0.630   11.859  1.00 21.18 ? 207 HOH A O   1 
HETATM 1302 O O   . HOH C 3 .   ? 4.624   -5.083  -12.113 1.00 14.25 ? 208 HOH A O   1 
HETATM 1303 O O   . HOH C 3 .   ? -9.921  0.930   -14.391 1.00 27.85 ? 209 HOH A O   1 
HETATM 1304 O O   . HOH C 3 .   ? -1.925  8.229   -15.952 1.00 22.29 ? 210 HOH A O   1 
HETATM 1305 O O   . HOH C 3 .   ? -7.143  -9.773  13.971  1.00 22.14 ? 211 HOH A O   1 
HETATM 1306 O O   . HOH C 3 .   ? 4.532   19.920  -0.483  1.00 27.68 ? 212 HOH A O   1 
HETATM 1307 O O   . HOH C 3 .   ? -13.553 -9.752  -2.679  1.00 15.35 ? 213 HOH A O   1 
HETATM 1308 O O   . HOH C 3 .   ? 5.821   -8.774  -13.609 1.00 13.82 ? 214 HOH A O   1 
HETATM 1309 O O   . HOH C 3 .   ? 6.528   12.554  -11.506 1.00 30.21 ? 215 HOH A O   1 
HETATM 1310 O O   . HOH C 3 .   ? -11.040 13.823  -9.197  1.00 18.29 ? 216 HOH A O   1 
HETATM 1311 O O   . HOH C 3 .   ? 11.488  14.830  -7.016  1.00 22.81 ? 217 HOH A O   1 
HETATM 1312 O O   . HOH C 3 .   ? 7.990   14.774  2.569   1.00 16.19 ? 218 HOH A O   1 
HETATM 1313 O O   . HOH C 3 .   ? 17.238  -7.307  1.178   1.00 33.42 ? 219 HOH A O   1 
HETATM 1314 O O   . HOH C 3 .   ? 7.538   -14.011 9.872   1.00 18.69 ? 220 HOH A O   1 
HETATM 1315 O O   . HOH C 3 .   ? 11.863  -9.965  11.700  1.00 28.30 ? 221 HOH A O   1 
HETATM 1316 O O   . HOH C 3 .   ? -7.868  7.598   -14.761 1.00 44.06 ? 222 HOH A O   1 
HETATM 1317 O O   . HOH C 3 .   ? -2.203  12.782  0.502   1.00 17.82 ? 223 HOH A O   1 
HETATM 1318 O O   . HOH C 3 .   ? 2.557   1.484   18.032  1.00 34.95 ? 224 HOH A O   1 
HETATM 1319 O O   . HOH C 3 .   ? 11.197  -7.434  -6.358  1.00 23.11 ? 225 HOH A O   1 
HETATM 1320 O O   . HOH C 3 .   ? -13.079 0.534   -11.398 1.00 39.41 ? 226 HOH A O   1 
HETATM 1321 O O   . HOH C 3 .   ? -15.900 -5.373  -8.150  1.00 31.29 ? 227 HOH A O   1 
HETATM 1322 O O   . HOH C 3 .   ? -3.573  -0.488  -17.109 1.00 22.90 ? 228 HOH A O   1 
HETATM 1323 O O   . HOH C 3 .   ? 19.485  -5.177  -1.844  1.00 28.42 ? 229 HOH A O   1 
HETATM 1324 O O   . HOH C 3 .   ? -11.905 -3.635  2.882   1.00 10.85 ? 230 HOH A O   1 
HETATM 1325 O O   . HOH C 3 .   ? 13.604  -8.998  -5.879  1.00 23.24 ? 231 HOH A O   1 
HETATM 1326 O O   . HOH C 3 .   ? -7.338  -14.147 -3.244  1.00 19.49 ? 232 HOH A O   1 
HETATM 1327 O O   . HOH C 3 .   ? 1.183   -3.875  18.662  1.00 30.14 ? 233 HOH A O   1 
HETATM 1328 O O   . HOH C 3 .   ? -15.174 -2.819  -0.562  1.00 14.01 ? 234 HOH A O   1 
HETATM 1329 O O   . HOH C 3 .   ? 17.062  -0.334  -9.847  1.00 15.06 ? 235 HOH A O   1 
HETATM 1330 O O   . HOH C 3 .   ? -6.862  -14.121 -5.853  1.00 17.27 ? 236 HOH A O   1 
HETATM 1331 O O   . HOH C 3 .   ? 9.404   -8.753  -7.784  1.00 25.89 ? 237 HOH A O   1 
HETATM 1332 O O   . HOH C 3 .   ? -1.793  21.202  -9.571  1.00 28.51 ? 238 HOH A O   1 
HETATM 1333 O O   . HOH C 3 .   ? -8.006  -16.920 10.402  1.00 24.16 ? 239 HOH A O   1 
HETATM 1334 O O   . HOH C 3 .   ? -0.472  -16.177 1.610   1.00 18.40 ? 240 HOH A O   1 
HETATM 1335 O O   . HOH C 3 .   ? -6.348  -7.123  14.240  1.00 26.65 ? 241 HOH A O   1 
HETATM 1336 O O   . HOH C 3 .   ? 12.109  1.450   8.674   1.00 17.53 ? 242 HOH A O   1 
HETATM 1337 O O   . HOH C 3 .   ? -11.932 1.797   8.839   1.00 32.86 ? 243 HOH A O   1 
HETATM 1338 O O   . HOH C 3 .   ? 2.581   10.864  -12.214 1.00 25.28 ? 244 HOH A O   1 
HETATM 1339 O O   . HOH C 3 .   ? 9.604   9.984   -11.671 1.00 31.95 ? 245 HOH A O   1 
HETATM 1340 O O   . HOH C 3 .   ? 6.663   5.792   -12.791 1.00 24.49 ? 246 HOH A O   1 
HETATM 1341 O O   . HOH C 3 .   ? 17.097  -7.936  9.472   1.00 42.67 ? 247 HOH A O   1 
HETATM 1342 O O   . HOH C 3 .   ? -7.382  -0.084  -14.787 1.00 31.62 ? 248 HOH A O   1 
HETATM 1343 O O   . HOH C 3 .   ? -6.891  -1.477  -17.293 1.00 32.60 ? 249 HOH A O   1 
HETATM 1344 O O   . HOH C 3 .   ? 0.022   -14.593 -6.655  1.00 23.29 ? 250 HOH A O   1 
HETATM 1345 O O   . HOH C 3 .   ? 6.615   -11.407 -10.477 1.00 37.75 ? 251 HOH A O   1 
HETATM 1346 O O   . HOH C 3 .   ? -13.905 -12.149 -6.155  1.00 34.17 ? 252 HOH A O   1 
HETATM 1347 O O   . HOH C 3 .   ? 0.666   -5.283  -16.306 1.00 17.58 ? 253 HOH A O   1 
HETATM 1348 O O   . HOH C 3 .   ? -11.095 1.760   5.804   1.00 32.40 ? 254 HOH A O   1 
HETATM 1349 O O   . HOH C 3 .   ? -4.620  19.371  0.765   1.00 32.88 ? 255 HOH A O   1 
HETATM 1350 O O   . HOH C 3 .   ? 16.822  3.625   3.629   1.00 17.58 ? 256 HOH A O   1 
HETATM 1351 O O   . HOH C 3 .   ? 2.604   17.076  -8.190  1.00 33.19 ? 257 HOH A O   1 
HETATM 1352 O O   . HOH C 3 .   ? 11.076  0.286   -6.096  1.00 32.62 ? 258 HOH A O   1 
HETATM 1353 O O   . HOH C 3 .   ? -14.876 -8.406  -5.075  1.00 31.88 ? 259 HOH A O   1 
HETATM 1354 O O   . HOH C 3 .   ? -12.211 -0.928  8.296   1.00 18.99 ? 260 HOH A O   1 
HETATM 1355 O O   . HOH C 3 .   ? 15.570  2.871   6.129   1.00 33.78 ? 261 HOH A O   1 
HETATM 1356 O O   . HOH C 3 .   ? -15.254 -5.177  6.413   1.00 29.20 ? 262 HOH A O   1 
HETATM 1357 O O   . HOH C 3 .   ? 10.766  14.588  -11.793 1.00 39.49 ? 263 HOH A O   1 
HETATM 1358 O O   . HOH C 3 .   ? 9.732   -16.303 5.453   1.00 14.75 ? 264 HOH A O   1 
HETATM 1359 O O   . HOH C 3 .   ? -12.978 3.692   -9.038  1.00 16.26 ? 265 HOH A O   1 
HETATM 1360 O O   . HOH C 3 .   ? 13.360  -0.687  9.738   1.00 18.45 ? 266 HOH A O   1 
HETATM 1361 O O   . HOH C 3 .   ? 1.616   -3.307  -14.484 1.00 17.83 ? 267 HOH A O   1 
HETATM 1362 O O   . HOH C 3 .   ? 6.985   17.009  -6.922  1.00 18.13 ? 268 HOH A O   1 
HETATM 1363 O O   . HOH C 3 .   ? -0.681  -10.477 -14.989 1.00 17.71 ? 269 HOH A O   1 
HETATM 1364 O O   . HOH C 3 .   ? -13.407 -3.436  5.093   1.00 19.84 ? 270 HOH A O   1 
HETATM 1365 O O   . HOH C 3 .   ? 5.857   -11.936 10.591  1.00 20.44 ? 271 HOH A O   1 
HETATM 1366 O O   . HOH C 3 .   ? 2.242   -6.959  -14.992 1.00 19.58 ? 272 HOH A O   1 
HETATM 1367 O O   . HOH C 3 .   ? -16.083 1.225   -6.743  1.00 19.23 ? 273 HOH A O   1 
HETATM 1368 O O   . HOH C 3 .   ? -2.935  -5.676  -17.803 1.00 21.41 ? 274 HOH A O   1 
HETATM 1369 O O   . HOH C 3 .   ? -14.584 -7.810  -0.827  1.00 25.82 ? 275 HOH A O   1 
HETATM 1370 O O   . HOH C 3 .   ? -4.582  -15.794 9.102   1.00 33.26 ? 276 HOH A O   1 
HETATM 1371 O O   . HOH C 3 .   ? -17.874 13.196  -6.281  1.00 25.19 ? 277 HOH A O   1 
HETATM 1372 O O   . HOH C 3 .   ? 18.164  -2.059  -8.200  1.00 26.41 ? 278 HOH A O   1 
HETATM 1373 O O   . HOH C 3 .   ? 6.122   -7.275  15.789  1.00 22.99 ? 279 HOH A O   1 
HETATM 1374 O O   . HOH C 3 .   ? -17.199 -4.348  -1.381  1.00 26.42 ? 280 HOH A O   1 
HETATM 1375 O O   . HOH C 3 .   ? -5.885  17.413  -7.152  1.00 19.33 ? 281 HOH A O   1 
HETATM 1376 O O   . HOH C 3 .   ? 15.164  -4.120  9.024   1.00 20.16 ? 282 HOH A O   1 
HETATM 1377 O O   . HOH C 3 .   ? 20.041  -0.871  -0.033  1.00 24.83 ? 283 HOH A O   1 
HETATM 1378 O O   . HOH C 3 .   ? 2.194   1.087   10.440  1.00 29.17 ? 284 HOH A O   1 
HETATM 1379 O O   . HOH C 3 .   ? -1.025  -13.889 -8.936  1.00 30.69 ? 285 HOH A O   1 
HETATM 1380 O O   . HOH C 3 .   ? -6.129  4.643   15.213  1.00 23.19 ? 286 HOH A O   1 
HETATM 1381 O O   . HOH C 3 .   ? 8.276   -19.738 3.106   1.00 26.09 ? 287 HOH A O   1 
HETATM 1382 O O   . HOH C 3 .   ? 10.468  16.168  -4.860  1.00 23.47 ? 288 HOH A O   1 
HETATM 1383 O O   . HOH C 3 .   ? -2.767  13.616  3.645   1.00 31.16 ? 289 HOH A O   1 
HETATM 1384 O O   . HOH C 3 .   ? -2.528  -17.502 -3.765  1.00 27.22 ? 290 HOH A O   1 
HETATM 1385 O O   . HOH C 3 .   ? -0.314  -13.373 15.592  1.00 24.63 ? 291 HOH A O   1 
HETATM 1386 O O   . HOH C 3 .   ? -6.178  15.452  0.809   1.00 26.87 ? 292 HOH A O   1 
HETATM 1387 O O   . HOH C 3 .   ? -10.106 -17.923 6.867   1.00 27.47 ? 293 HOH A O   1 
HETATM 1388 O O   . HOH C 3 .   ? -0.700  0.592   -17.455 1.00 30.52 ? 294 HOH A O   1 
HETATM 1389 O O   . HOH C 3 .   ? 18.018  -6.938  -6.737  1.00 44.44 ? 295 HOH A O   1 
HETATM 1390 O O   . HOH C 3 .   ? 0.675   15.770  4.409   1.00 45.09 ? 296 HOH A O   1 
HETATM 1391 O O   . HOH C 3 .   ? 3.967   12.697  -10.751 1.00 27.44 ? 297 HOH A O   1 
HETATM 1392 O O   . HOH C 3 .   ? 4.105   10.113  7.341   1.00 27.15 ? 298 HOH A O   1 
HETATM 1393 O O   . HOH C 3 .   ? -4.004  -17.250 -0.830  1.00 30.56 ? 299 HOH A O   1 
HETATM 1394 O O   . HOH C 3 .   ? -5.697  -16.148 -2.609  1.00 25.57 ? 300 HOH A O   1 
HETATM 1395 O O   . HOH C 3 .   ? 19.022  4.278   4.897   1.00 23.76 ? 301 HOH A O   1 
HETATM 1396 O O   . HOH C 3 .   ? 13.035  3.230   10.955  1.00 28.29 ? 302 HOH A O   1 
HETATM 1397 O O   . HOH C 3 .   ? -16.114 -5.502  2.038   1.00 34.89 ? 303 HOH A O   1 
HETATM 1398 O O   . HOH C 3 .   ? -10.367 -1.888  -15.040 1.00 32.39 ? 304 HOH A O   1 
HETATM 1399 O O   . HOH C 3 .   ? 4.691   18.309  -7.150  1.00 33.84 ? 305 HOH A O   1 
HETATM 1400 O O   . HOH C 3 .   ? -19.120 9.982   -5.213  1.00 23.62 ? 306 HOH A O   1 
HETATM 1401 O O   . HOH C 3 .   ? 16.846  -3.012  -5.240  1.00 30.07 ? 307 HOH A O   1 
HETATM 1402 O O   . HOH C 3 .   ? -16.109 15.356  -7.333  1.00 24.80 ? 308 HOH A O   1 
HETATM 1403 O O   . HOH C 3 .   ? -3.444  15.044  -12.884 1.00 46.87 ? 309 HOH A O   1 
HETATM 1404 O O   . HOH C 3 .   ? -15.715 -9.492  3.311   1.00 26.39 ? 310 HOH A O   1 
HETATM 1405 O O   . HOH C 3 .   ? -7.378  -17.914 6.744   1.00 32.25 ? 311 HOH A O   1 
HETATM 1406 O O   . HOH C 3 .   ? -17.744 14.345  -13.426 1.00 35.22 ? 312 HOH A O   1 
HETATM 1407 O O   . HOH C 3 .   ? 3.156   15.248  -10.208 1.00 35.78 ? 313 HOH A O   1 
HETATM 1408 O O   . HOH C 3 .   ? -3.482  15.631  1.894   1.00 32.99 ? 314 HOH A O   1 
HETATM 1409 O O   . HOH C 3 .   ? 12.381  -5.441  16.683  1.00 34.53 ? 315 HOH A O   1 
HETATM 1410 O O   . HOH C 3 .   ? -10.684 -16.306 2.795   1.00 35.83 ? 316 HOH A O   1 
HETATM 1411 O O   . HOH C 3 .   ? -7.426  10.734  12.288  1.00 33.68 ? 317 HOH A O   1 
HETATM 1412 O O   . HOH C 3 .   ? -5.136  12.251  3.383   1.00 40.06 ? 318 HOH A O   1 
HETATM 1413 O O   . HOH C 3 .   ? 4.485   12.642  4.043   1.00 29.95 ? 319 HOH A O   1 
HETATM 1414 O O   . HOH C 3 .   ? -13.069 16.789  -1.534  1.00 32.34 ? 320 HOH A O   1 
HETATM 1415 O O   . HOH C 3 .   ? -11.193 -16.265 0.154   1.00 30.23 ? 321 HOH A O   1 
HETATM 1416 O O   . HOH C 3 .   ? 2.506   -12.155 14.367  1.00 34.28 ? 322 HOH A O   1 
HETATM 1417 O O   . HOH C 3 .   ? -17.315 3.252   -9.763  1.00 34.32 ? 323 HOH A O   1 
HETATM 1418 O O   . HOH C 3 .   ? 2.584   -10.809 -12.543 1.00 34.84 ? 324 HOH A O   1 
HETATM 1419 O O   . HOH C 3 .   ? 21.436  -2.365  -1.855  1.00 41.65 ? 325 HOH A O   1 
HETATM 1420 O O   . HOH C 3 .   ? -5.626  21.378  -0.525  1.00 35.04 ? 326 HOH A O   1 
HETATM 1421 O O   . HOH C 3 .   ? -13.410 -15.170 8.337   1.00 36.02 ? 327 HOH A O   1 
HETATM 1422 O O   . HOH C 3 .   ? -9.795  -5.774  -13.399 1.00 38.88 ? 328 HOH A O   1 
HETATM 1423 O O   . HOH C 3 .   ? -0.968  12.406  7.192   1.00 37.84 ? 329 HOH A O   1 
HETATM 1424 O O   . HOH C 3 .   ? 14.563  -8.034  13.218  1.00 43.90 ? 330 HOH A O   1 
HETATM 1425 O O   . HOH C 3 .   ? -13.156 -13.732 1.293   1.00 31.23 ? 331 HOH A O   1 
HETATM 1426 O O   . HOH C 3 .   ? 4.367   -10.679 -15.562 1.00 31.51 ? 332 HOH A O   1 
HETATM 1427 O O   . HOH C 3 .   ? -15.573 -6.130  -2.418  1.00 33.97 ? 333 HOH A O   1 
HETATM 1428 O O   . HOH C 3 .   ? -1.048  -2.383  16.060  1.00 30.65 ? 334 HOH A O   1 
HETATM 1429 O O   . HOH C 3 .   ? 6.739   -20.654 0.742   1.00 36.40 ? 335 HOH A O   1 
HETATM 1430 O O   . HOH C 3 .   ? 2.906   -0.121  20.088  1.00 48.29 ? 336 HOH A O   1 
HETATM 1431 O O   . HOH C 3 .   ? -18.537 6.089   -7.210  1.00 34.55 ? 337 HOH A O   1 
HETATM 1432 O O   . HOH C 3 .   ? 7.921   -4.621  17.413  1.00 37.10 ? 338 HOH A O   1 
HETATM 1433 O O   . HOH C 3 .   ? 13.565  -0.918  17.044  1.00 45.22 ? 339 HOH A O   1 
HETATM 1434 O O   . HOH C 3 .   ? -4.317  6.801   15.458  1.00 36.08 ? 340 HOH A O   1 
HETATM 1435 O O   . HOH C 3 .   ? -10.508 15.085  4.343   1.00 32.49 ? 341 HOH A O   1 
HETATM 1436 O O   . HOH C 3 .   ? 16.338  2.321   8.697   1.00 37.28 ? 342 HOH A O   1 
HETATM 1437 O O   . HOH C 3 .   ? -1.584  18.217  -4.349  1.00 36.45 ? 343 HOH A O   1 
HETATM 1438 O O   . HOH C 3 .   ? 18.935  1.725   3.928   1.00 47.41 ? 344 HOH A O   1 
HETATM 1439 O O   . HOH C 3 .   ? 7.888   15.869  -9.347  1.00 37.90 ? 345 HOH A O   1 
HETATM 1440 O O   . HOH C 3 .   ? -5.848  6.158   -18.084 1.00 38.48 ? 346 HOH A O   1 
HETATM 1441 O O   . HOH D 3 .   ? 13.644  6.489   1.512   1.00 23.20 ? 54  HOH B O   1 
HETATM 1442 O O   . HOH D 3 .   ? 13.312  12.883  -6.262  1.00 22.38 ? 70  HOH B O   1 
HETATM 1443 O O   . HOH D 3 .   ? 15.257  6.043   3.742   1.00 19.40 ? 79  HOH B O   1 
HETATM 1444 O O   . HOH D 3 .   ? 13.098  5.463   5.897   1.00 17.63 ? 118 HOH B O   1 
# 
